data_6EPX
# 
_entry.id   6EPX 
# 
_audit_conform.dict_name       mmcif_pdbx.dic 
_audit_conform.dict_version    5.391 
_audit_conform.dict_location   http://mmcif.pdb.org/dictionaries/ascii/mmcif_pdbx.dic 
# 
loop_
_database_2.database_id 
_database_2.database_code 
_database_2.pdbx_database_accession 
_database_2.pdbx_DOI 
PDB   6EPX         pdb_00006epx 10.2210/pdb6epx/pdb 
WWPDB D_1200007002 ?            ?                   
# 
loop_
_pdbx_audit_revision_history.ordinal 
_pdbx_audit_revision_history.data_content_type 
_pdbx_audit_revision_history.major_revision 
_pdbx_audit_revision_history.minor_revision 
_pdbx_audit_revision_history.revision_date 
1 'Structure model' 1 0 2018-10-31 
2 'Structure model' 1 1 2019-11-13 
3 'Structure model' 1 2 2020-11-04 
4 'Structure model' 1 3 2024-05-08 
# 
_pdbx_audit_revision_details.ordinal             1 
_pdbx_audit_revision_details.revision_ordinal    1 
_pdbx_audit_revision_details.data_content_type   'Structure model' 
_pdbx_audit_revision_details.provider            repository 
_pdbx_audit_revision_details.type                'Initial release' 
_pdbx_audit_revision_details.description         ? 
_pdbx_audit_revision_details.details             ? 
# 
loop_
_pdbx_audit_revision_group.ordinal 
_pdbx_audit_revision_group.revision_ordinal 
_pdbx_audit_revision_group.data_content_type 
_pdbx_audit_revision_group.group 
1 2 'Structure model' 'Data collection'     
2 2 'Structure model' 'Database references' 
3 3 'Structure model' 'Database references' 
4 4 'Structure model' 'Data collection'     
5 4 'Structure model' 'Database references' 
# 
loop_
_pdbx_audit_revision_category.ordinal 
_pdbx_audit_revision_category.revision_ordinal 
_pdbx_audit_revision_category.data_content_type 
_pdbx_audit_revision_category.category 
1 2 'Structure model' citation        
2 3 'Structure model' citation        
3 3 'Structure model' citation_author 
4 4 'Structure model' chem_comp_atom  
5 4 'Structure model' chem_comp_bond  
6 4 'Structure model' database_2      
# 
loop_
_pdbx_audit_revision_item.ordinal 
_pdbx_audit_revision_item.revision_ordinal 
_pdbx_audit_revision_item.data_content_type 
_pdbx_audit_revision_item.item 
1  2 'Structure model' '_citation.title'                     
2  3 'Structure model' '_citation.country'                   
3  3 'Structure model' '_citation.journal_abbrev'            
4  3 'Structure model' '_citation.journal_id_CSD'            
5  3 'Structure model' '_citation.journal_id_ISSN'           
6  3 'Structure model' '_citation.journal_volume'            
7  3 'Structure model' '_citation.page_first'                
8  3 'Structure model' '_citation.page_last'                 
9  3 'Structure model' '_citation.pdbx_database_id_DOI'      
10 3 'Structure model' '_citation.pdbx_database_id_PubMed'   
11 3 'Structure model' '_citation.title'                     
12 3 'Structure model' '_citation.year'                      
13 4 'Structure model' '_database_2.pdbx_DOI'                
14 4 'Structure model' '_database_2.pdbx_database_accession' 
# 
loop_
_database_PDB_caveat.id 
_database_PDB_caveat.text 
1 'BQW A 1201 HAS WRONG CHIRALITY AT ATOM CAO' 
2 'BQW A 1201 HAS WRONG CHIRALITY AT ATOM CAP' 
3 'BQW A 1202 HAS WRONG CHIRALITY AT ATOM CAO' 
4 'BQW A 1202 HAS WRONG CHIRALITY AT ATOM CAP' 
# 
_pdbx_database_status.status_code                     REL 
_pdbx_database_status.status_code_sf                  REL 
_pdbx_database_status.status_code_mr                  ? 
_pdbx_database_status.entry_id                        6EPX 
_pdbx_database_status.recvd_initial_deposition_date   2017-10-12 
_pdbx_database_status.SG_entry                        N 
_pdbx_database_status.deposit_site                    PDBE 
_pdbx_database_status.process_site                    PDBE 
_pdbx_database_status.status_code_cs                  ? 
_pdbx_database_status.methods_development_category    ? 
_pdbx_database_status.pdb_format_compatible           Y 
_pdbx_database_status.status_code_nmr_data            ? 
# 
loop_
_audit_author.name 
_audit_author.pdbx_ordinal 
_audit_author.identifier_ORCID 
'Sledz, P.'    1 ? 
'Caflisch, A.' 2 ? 
# 
_citation.abstract                  ? 
_citation.abstract_id_CAS           ? 
_citation.book_id_ISBN              ? 
_citation.book_publisher            ? 
_citation.book_publisher_city       ? 
_citation.book_title                ? 
_citation.coordinate_linkage        ? 
_citation.country                   US 
_citation.database_id_Medline       ? 
_citation.details                   ? 
_citation.id                        primary 
_citation.journal_abbrev            'Acs Med.Chem.Lett.' 
_citation.journal_id_ASTM           ? 
_citation.journal_id_CSD            ? 
_citation.journal_id_ISSN           1948-5875 
_citation.journal_full              ? 
_citation.journal_issue             ? 
_citation.journal_volume            11 
_citation.language                  ? 
_citation.page_first                1573 
_citation.page_last                 1580 
_citation.title                     'Hitting a Moving Target: Simulation and Crystallography Study of ATAD2 Bromodomain Blockers.' 
_citation.year                      2020 
_citation.database_id_CSD           ? 
_citation.pdbx_database_id_DOI      10.1021/acsmedchemlett.0c00080 
_citation.pdbx_database_id_PubMed   32832026 
_citation.unpublished_flag          ? 
# 
loop_
_citation_author.citation_id 
_citation_author.name 
_citation_author.ordinal 
_citation_author.identifier_ORCID 
primary 'Dolbois, A.'        1  ? 
primary 'Batiste, L.'        2  ? 
primary 'Wiedmer, L.'        3  ? 
primary 'Dong, J.'           4  ? 
primary 'Brutsch, M.'        5  ? 
primary 'Huang, D.'          6  ? 
primary 'Deerain, N.M.'      7  ? 
primary 'Spiliotopoulos, D.' 8  ? 
primary 'Cheng-Sanchez, I.'  9  ? 
primary 'Laul, E.'           10 ? 
primary 'Nevado, C.'         11 ? 
primary 'Sledz, P.'          12 ? 
primary 'Caflisch, A.'       13 ? 
# 
loop_
_entity.id 
_entity.type 
_entity.src_method 
_entity.pdbx_description 
_entity.formula_weight 
_entity.pdbx_number_of_molecules 
_entity.pdbx_ec 
_entity.pdbx_mutation 
_entity.pdbx_fragment 
_entity.details 
1 polymer     man 'ATPase family AAA domain-containing protein 2'                               15453.514 1  3.6.1.3 ? ? ? 
2 non-polymer syn '(2~{R})-2-carbamimidamido-~{N}-(4-ethanoyl-1,3-thiazolidin-2-yl)propanamide' 259.329   2  ?       ? ? ? 
3 non-polymer syn 'SULFATE ION'                                                                 96.063    1  ?       ? ? ? 
4 water       nat water                                                                         18.015    97 ?       ? ? ? 
# 
_entity_name_com.entity_id   1 
_entity_name_com.name        'AAA nuclear coregulator cancer-associated protein,ANCCA' 
# 
_entity_poly.entity_id                      1 
_entity_poly.type                           'polypeptide(L)' 
_entity_poly.nstd_linkage                   no 
_entity_poly.nstd_monomer                   no 
_entity_poly.pdbx_seq_one_letter_code       
;SMQEEDTFRELRIFLRNVTHRLAIDKRFRVFTKPVDPDEVPDYVTVIKQPMDLSSVISKIDLHKYLTVKDYLRDIDLICS
NALEYNPDRDPGDRLIRHRACALRDTAYAIIKEELDEDFEQLCEEIQESR
;
_entity_poly.pdbx_seq_one_letter_code_can   
;SMQEEDTFRELRIFLRNVTHRLAIDKRFRVFTKPVDPDEVPDYVTVIKQPMDLSSVISKIDLHKYLTVKDYLRDIDLICS
NALEYNPDRDPGDRLIRHRACALRDTAYAIIKEELDEDFEQLCEEIQESR
;
_entity_poly.pdbx_strand_id                 A 
_entity_poly.pdbx_target_identifier         ? 
# 
loop_
_pdbx_entity_nonpoly.entity_id 
_pdbx_entity_nonpoly.name 
_pdbx_entity_nonpoly.comp_id 
2 '(2~{R})-2-carbamimidamido-~{N}-(4-ethanoyl-1,3-thiazolidin-2-yl)propanamide' BQW 
3 'SULFATE ION'                                                                 SO4 
4 water                                                                         HOH 
# 
loop_
_entity_poly_seq.entity_id 
_entity_poly_seq.num 
_entity_poly_seq.mon_id 
_entity_poly_seq.hetero 
1 1   SER n 
1 2   MET n 
1 3   GLN n 
1 4   GLU n 
1 5   GLU n 
1 6   ASP n 
1 7   THR n 
1 8   PHE n 
1 9   ARG n 
1 10  GLU n 
1 11  LEU n 
1 12  ARG n 
1 13  ILE n 
1 14  PHE n 
1 15  LEU n 
1 16  ARG n 
1 17  ASN n 
1 18  VAL n 
1 19  THR n 
1 20  HIS n 
1 21  ARG n 
1 22  LEU n 
1 23  ALA n 
1 24  ILE n 
1 25  ASP n 
1 26  LYS n 
1 27  ARG n 
1 28  PHE n 
1 29  ARG n 
1 30  VAL n 
1 31  PHE n 
1 32  THR n 
1 33  LYS n 
1 34  PRO n 
1 35  VAL n 
1 36  ASP n 
1 37  PRO n 
1 38  ASP n 
1 39  GLU n 
1 40  VAL n 
1 41  PRO n 
1 42  ASP n 
1 43  TYR n 
1 44  VAL n 
1 45  THR n 
1 46  VAL n 
1 47  ILE n 
1 48  LYS n 
1 49  GLN n 
1 50  PRO n 
1 51  MET n 
1 52  ASP n 
1 53  LEU n 
1 54  SER n 
1 55  SER n 
1 56  VAL n 
1 57  ILE n 
1 58  SER n 
1 59  LYS n 
1 60  ILE n 
1 61  ASP n 
1 62  LEU n 
1 63  HIS n 
1 64  LYS n 
1 65  TYR n 
1 66  LEU n 
1 67  THR n 
1 68  VAL n 
1 69  LYS n 
1 70  ASP n 
1 71  TYR n 
1 72  LEU n 
1 73  ARG n 
1 74  ASP n 
1 75  ILE n 
1 76  ASP n 
1 77  LEU n 
1 78  ILE n 
1 79  CYS n 
1 80  SER n 
1 81  ASN n 
1 82  ALA n 
1 83  LEU n 
1 84  GLU n 
1 85  TYR n 
1 86  ASN n 
1 87  PRO n 
1 88  ASP n 
1 89  ARG n 
1 90  ASP n 
1 91  PRO n 
1 92  GLY n 
1 93  ASP n 
1 94  ARG n 
1 95  LEU n 
1 96  ILE n 
1 97  ARG n 
1 98  HIS n 
1 99  ARG n 
1 100 ALA n 
1 101 CYS n 
1 102 ALA n 
1 103 LEU n 
1 104 ARG n 
1 105 ASP n 
1 106 THR n 
1 107 ALA n 
1 108 TYR n 
1 109 ALA n 
1 110 ILE n 
1 111 ILE n 
1 112 LYS n 
1 113 GLU n 
1 114 GLU n 
1 115 LEU n 
1 116 ASP n 
1 117 GLU n 
1 118 ASP n 
1 119 PHE n 
1 120 GLU n 
1 121 GLN n 
1 122 LEU n 
1 123 CYS n 
1 124 GLU n 
1 125 GLU n 
1 126 ILE n 
1 127 GLN n 
1 128 GLU n 
1 129 SER n 
1 130 ARG n 
# 
_entity_src_gen.entity_id                          1 
_entity_src_gen.pdbx_src_id                        1 
_entity_src_gen.pdbx_alt_source_flag               sample 
_entity_src_gen.pdbx_seq_type                      'Biological sequence' 
_entity_src_gen.pdbx_beg_seq_num                   1 
_entity_src_gen.pdbx_end_seq_num                   130 
_entity_src_gen.gene_src_common_name               Human 
_entity_src_gen.gene_src_genus                     ? 
_entity_src_gen.pdbx_gene_src_gene                 'ATAD2, L16, PRO2000' 
_entity_src_gen.gene_src_species                   ? 
_entity_src_gen.gene_src_strain                    ? 
_entity_src_gen.gene_src_tissue                    ? 
_entity_src_gen.gene_src_tissue_fraction           ? 
_entity_src_gen.gene_src_details                   ? 
_entity_src_gen.pdbx_gene_src_fragment             ? 
_entity_src_gen.pdbx_gene_src_scientific_name      'Homo sapiens' 
_entity_src_gen.pdbx_gene_src_ncbi_taxonomy_id     9606 
_entity_src_gen.pdbx_gene_src_variant              ? 
_entity_src_gen.pdbx_gene_src_cell_line            ? 
_entity_src_gen.pdbx_gene_src_atcc                 ? 
_entity_src_gen.pdbx_gene_src_organ                ? 
_entity_src_gen.pdbx_gene_src_organelle            ? 
_entity_src_gen.pdbx_gene_src_cell                 ? 
_entity_src_gen.pdbx_gene_src_cellular_location    ? 
_entity_src_gen.host_org_common_name               ? 
_entity_src_gen.pdbx_host_org_scientific_name      'Escherichia coli' 
_entity_src_gen.pdbx_host_org_ncbi_taxonomy_id     562 
_entity_src_gen.host_org_genus                     ? 
_entity_src_gen.pdbx_host_org_gene                 ? 
_entity_src_gen.pdbx_host_org_organ                ? 
_entity_src_gen.host_org_species                   ? 
_entity_src_gen.pdbx_host_org_tissue               ? 
_entity_src_gen.pdbx_host_org_tissue_fraction      ? 
_entity_src_gen.pdbx_host_org_strain               ? 
_entity_src_gen.pdbx_host_org_variant              ? 
_entity_src_gen.pdbx_host_org_cell_line            ? 
_entity_src_gen.pdbx_host_org_atcc                 ? 
_entity_src_gen.pdbx_host_org_culture_collection   ? 
_entity_src_gen.pdbx_host_org_cell                 ? 
_entity_src_gen.pdbx_host_org_organelle            ? 
_entity_src_gen.pdbx_host_org_cellular_location    ? 
_entity_src_gen.pdbx_host_org_vector_type          ? 
_entity_src_gen.pdbx_host_org_vector               ? 
_entity_src_gen.host_org_details                   ? 
_entity_src_gen.expression_system_id               ? 
_entity_src_gen.plasmid_name                       ? 
_entity_src_gen.plasmid_details                    ? 
_entity_src_gen.pdbx_description                   ? 
# 
loop_
_chem_comp.id 
_chem_comp.type 
_chem_comp.mon_nstd_flag 
_chem_comp.name 
_chem_comp.pdbx_synonyms 
_chem_comp.formula 
_chem_comp.formula_weight 
ALA 'L-peptide linking' y ALANINE                                                                       ? 'C3 H7 N O2'     89.093  
ARG 'L-peptide linking' y ARGININE                                                                      ? 'C6 H15 N4 O2 1' 175.209 
ASN 'L-peptide linking' y ASPARAGINE                                                                    ? 'C4 H8 N2 O3'    132.118 
ASP 'L-peptide linking' y 'ASPARTIC ACID'                                                               ? 'C4 H7 N O4'     133.103 
BQW non-polymer         . '(2~{R})-2-carbamimidamido-~{N}-(4-ethanoyl-1,3-thiazolidin-2-yl)propanamide' ? 'C9 H17 N5 O2 S' 259.329 
CYS 'L-peptide linking' y CYSTEINE                                                                      ? 'C3 H7 N O2 S'   121.158 
GLN 'L-peptide linking' y GLUTAMINE                                                                     ? 'C5 H10 N2 O3'   146.144 
GLU 'L-peptide linking' y 'GLUTAMIC ACID'                                                               ? 'C5 H9 N O4'     147.129 
GLY 'peptide linking'   y GLYCINE                                                                       ? 'C2 H5 N O2'     75.067  
HIS 'L-peptide linking' y HISTIDINE                                                                     ? 'C6 H10 N3 O2 1' 156.162 
HOH non-polymer         . WATER                                                                         ? 'H2 O'           18.015  
ILE 'L-peptide linking' y ISOLEUCINE                                                                    ? 'C6 H13 N O2'    131.173 
LEU 'L-peptide linking' y LEUCINE                                                                       ? 'C6 H13 N O2'    131.173 
LYS 'L-peptide linking' y LYSINE                                                                        ? 'C6 H15 N2 O2 1' 147.195 
MET 'L-peptide linking' y METHIONINE                                                                    ? 'C5 H11 N O2 S'  149.211 
PHE 'L-peptide linking' y PHENYLALANINE                                                                 ? 'C9 H11 N O2'    165.189 
PRO 'L-peptide linking' y PROLINE                                                                       ? 'C5 H9 N O2'     115.130 
SER 'L-peptide linking' y SERINE                                                                        ? 'C3 H7 N O3'     105.093 
SO4 non-polymer         . 'SULFATE ION'                                                                 ? 'O4 S -2'        96.063  
THR 'L-peptide linking' y THREONINE                                                                     ? 'C4 H9 N O3'     119.119 
TYR 'L-peptide linking' y TYROSINE                                                                      ? 'C9 H11 N O3'    181.189 
VAL 'L-peptide linking' y VALINE                                                                        ? 'C5 H11 N O2'    117.146 
# 
loop_
_pdbx_poly_seq_scheme.asym_id 
_pdbx_poly_seq_scheme.entity_id 
_pdbx_poly_seq_scheme.seq_id 
_pdbx_poly_seq_scheme.mon_id 
_pdbx_poly_seq_scheme.ndb_seq_num 
_pdbx_poly_seq_scheme.pdb_seq_num 
_pdbx_poly_seq_scheme.auth_seq_num 
_pdbx_poly_seq_scheme.pdb_mon_id 
_pdbx_poly_seq_scheme.auth_mon_id 
_pdbx_poly_seq_scheme.pdb_strand_id 
_pdbx_poly_seq_scheme.pdb_ins_code 
_pdbx_poly_seq_scheme.hetero 
A 1 1   SER 1   979  979  SER SER A . n 
A 1 2   MET 2   980  980  MET MET A . n 
A 1 3   GLN 3   981  981  GLN GLN A . n 
A 1 4   GLU 4   982  982  GLU GLU A . n 
A 1 5   GLU 5   983  983  GLU GLU A . n 
A 1 6   ASP 6   984  984  ASP ASP A . n 
A 1 7   THR 7   985  985  THR THR A . n 
A 1 8   PHE 8   986  986  PHE PHE A . n 
A 1 9   ARG 9   987  987  ARG ARG A . n 
A 1 10  GLU 10  988  988  GLU GLU A . n 
A 1 11  LEU 11  989  989  LEU LEU A . n 
A 1 12  ARG 12  990  990  ARG ARG A . n 
A 1 13  ILE 13  991  991  ILE ILE A . n 
A 1 14  PHE 14  992  992  PHE PHE A . n 
A 1 15  LEU 15  993  993  LEU LEU A . n 
A 1 16  ARG 16  994  994  ARG ARG A . n 
A 1 17  ASN 17  995  995  ASN ASN A . n 
A 1 18  VAL 18  996  996  VAL VAL A . n 
A 1 19  THR 19  997  997  THR THR A . n 
A 1 20  HIS 20  998  998  HIS HIS A . n 
A 1 21  ARG 21  999  999  ARG ARG A . n 
A 1 22  LEU 22  1000 1000 LEU LEU A . n 
A 1 23  ALA 23  1001 1001 ALA ALA A . n 
A 1 24  ILE 24  1002 1002 ILE ILE A . n 
A 1 25  ASP 25  1003 1003 ASP ASP A . n 
A 1 26  LYS 26  1004 1004 LYS LYS A . n 
A 1 27  ARG 27  1005 1005 ARG ARG A . n 
A 1 28  PHE 28  1006 1006 PHE PHE A . n 
A 1 29  ARG 29  1007 1007 ARG ARG A . n 
A 1 30  VAL 30  1008 1008 VAL VAL A . n 
A 1 31  PHE 31  1009 1009 PHE PHE A . n 
A 1 32  THR 32  1010 1010 THR THR A . n 
A 1 33  LYS 33  1011 1011 LYS LYS A . n 
A 1 34  PRO 34  1012 1012 PRO PRO A . n 
A 1 35  VAL 35  1013 1013 VAL VAL A . n 
A 1 36  ASP 36  1014 1014 ASP ASP A . n 
A 1 37  PRO 37  1015 1015 PRO PRO A . n 
A 1 38  ASP 38  1016 1016 ASP ASP A . n 
A 1 39  GLU 39  1017 1017 GLU GLU A . n 
A 1 40  VAL 40  1018 1018 VAL VAL A . n 
A 1 41  PRO 41  1019 1019 PRO PRO A . n 
A 1 42  ASP 42  1020 1020 ASP ASP A . n 
A 1 43  TYR 43  1021 1021 TYR TYR A . n 
A 1 44  VAL 44  1022 1022 VAL VAL A . n 
A 1 45  THR 45  1023 1023 THR THR A . n 
A 1 46  VAL 46  1024 1024 VAL VAL A . n 
A 1 47  ILE 47  1025 1025 ILE ILE A . n 
A 1 48  LYS 48  1026 1026 LYS LYS A . n 
A 1 49  GLN 49  1027 1027 GLN GLN A . n 
A 1 50  PRO 50  1028 1028 PRO PRO A . n 
A 1 51  MET 51  1029 1029 MET MET A . n 
A 1 52  ASP 52  1030 1030 ASP ASP A . n 
A 1 53  LEU 53  1031 1031 LEU LEU A . n 
A 1 54  SER 54  1032 1032 SER SER A . n 
A 1 55  SER 55  1033 1033 SER SER A . n 
A 1 56  VAL 56  1034 1034 VAL VAL A . n 
A 1 57  ILE 57  1035 1035 ILE ILE A . n 
A 1 58  SER 58  1036 1036 SER SER A . n 
A 1 59  LYS 59  1037 1037 LYS LYS A . n 
A 1 60  ILE 60  1038 1038 ILE ILE A . n 
A 1 61  ASP 61  1039 1039 ASP ASP A . n 
A 1 62  LEU 62  1040 1040 LEU LEU A . n 
A 1 63  HIS 63  1041 1041 HIS HIS A . n 
A 1 64  LYS 64  1042 1042 LYS LYS A . n 
A 1 65  TYR 65  1043 1043 TYR TYR A . n 
A 1 66  LEU 66  1044 1044 LEU LEU A . n 
A 1 67  THR 67  1045 1045 THR THR A . n 
A 1 68  VAL 68  1046 1046 VAL VAL A . n 
A 1 69  LYS 69  1047 1047 LYS LYS A . n 
A 1 70  ASP 70  1048 1048 ASP ASP A . n 
A 1 71  TYR 71  1049 1049 TYR TYR A . n 
A 1 72  LEU 72  1050 1050 LEU LEU A . n 
A 1 73  ARG 73  1051 1051 ARG ARG A . n 
A 1 74  ASP 74  1052 1052 ASP ASP A . n 
A 1 75  ILE 75  1053 1053 ILE ILE A . n 
A 1 76  ASP 76  1054 1054 ASP ASP A . n 
A 1 77  LEU 77  1055 1055 LEU LEU A . n 
A 1 78  ILE 78  1056 1056 ILE ILE A . n 
A 1 79  CYS 79  1057 1057 CYS CYS A . n 
A 1 80  SER 80  1058 1058 SER SER A . n 
A 1 81  ASN 81  1059 1059 ASN ASN A . n 
A 1 82  ALA 82  1060 1060 ALA ALA A . n 
A 1 83  LEU 83  1061 1061 LEU LEU A . n 
A 1 84  GLU 84  1062 1062 GLU GLU A . n 
A 1 85  TYR 85  1063 1063 TYR TYR A . n 
A 1 86  ASN 86  1064 1064 ASN ASN A . n 
A 1 87  PRO 87  1065 1065 PRO PRO A . n 
A 1 88  ASP 88  1066 1066 ASP ASP A . n 
A 1 89  ARG 89  1067 1067 ARG ARG A . n 
A 1 90  ASP 90  1068 1068 ASP ASP A . n 
A 1 91  PRO 91  1069 1069 PRO PRO A . n 
A 1 92  GLY 92  1070 1070 GLY GLY A . n 
A 1 93  ASP 93  1071 1071 ASP ASP A . n 
A 1 94  ARG 94  1072 1072 ARG ARG A . n 
A 1 95  LEU 95  1073 1073 LEU LEU A . n 
A 1 96  ILE 96  1074 1074 ILE ILE A . n 
A 1 97  ARG 97  1075 1075 ARG ARG A . n 
A 1 98  HIS 98  1076 1076 HIS HIS A . n 
A 1 99  ARG 99  1077 1077 ARG ARG A . n 
A 1 100 ALA 100 1078 1078 ALA ALA A . n 
A 1 101 CYS 101 1079 1079 CYS CYS A . n 
A 1 102 ALA 102 1080 1080 ALA ALA A . n 
A 1 103 LEU 103 1081 1081 LEU LEU A . n 
A 1 104 ARG 104 1082 1082 ARG ARG A . n 
A 1 105 ASP 105 1083 1083 ASP ASP A . n 
A 1 106 THR 106 1084 1084 THR THR A . n 
A 1 107 ALA 107 1085 1085 ALA ALA A . n 
A 1 108 TYR 108 1086 1086 TYR TYR A . n 
A 1 109 ALA 109 1087 1087 ALA ALA A . n 
A 1 110 ILE 110 1088 1088 ILE ILE A . n 
A 1 111 ILE 111 1089 1089 ILE ILE A . n 
A 1 112 LYS 112 1090 1090 LYS LYS A . n 
A 1 113 GLU 113 1091 1091 GLU GLU A . n 
A 1 114 GLU 114 1092 1092 GLU GLU A . n 
A 1 115 LEU 115 1093 1093 LEU LEU A . n 
A 1 116 ASP 116 1094 1094 ASP ASP A . n 
A 1 117 GLU 117 1095 1095 GLU GLU A . n 
A 1 118 ASP 118 1096 1096 ASP ASP A . n 
A 1 119 PHE 119 1097 1097 PHE PHE A . n 
A 1 120 GLU 120 1098 1098 GLU GLU A . n 
A 1 121 GLN 121 1099 1099 GLN GLN A . n 
A 1 122 LEU 122 1100 1100 LEU LEU A . n 
A 1 123 CYS 123 1101 1101 CYS CYS A . n 
A 1 124 GLU 124 1102 1102 GLU GLU A . n 
A 1 125 GLU 125 1103 1103 GLU GLU A . n 
A 1 126 ILE 126 1104 1104 ILE ILE A . n 
A 1 127 GLN 127 1105 1105 GLN GLN A . n 
A 1 128 GLU 128 1106 1106 GLU GLU A . n 
A 1 129 SER 129 1107 1107 SER SER A . n 
A 1 130 ARG 130 1108 1108 ARG ARG A . n 
# 
loop_
_pdbx_nonpoly_scheme.asym_id 
_pdbx_nonpoly_scheme.entity_id 
_pdbx_nonpoly_scheme.mon_id 
_pdbx_nonpoly_scheme.ndb_seq_num 
_pdbx_nonpoly_scheme.pdb_seq_num 
_pdbx_nonpoly_scheme.auth_seq_num 
_pdbx_nonpoly_scheme.pdb_mon_id 
_pdbx_nonpoly_scheme.auth_mon_id 
_pdbx_nonpoly_scheme.pdb_strand_id 
_pdbx_nonpoly_scheme.pdb_ins_code 
B 2 BQW 1  1201 1  BQW DRG A . 
C 2 BQW 1  1202 2  BQW DRG A . 
D 3 SO4 1  1203 1  SO4 SO4 A . 
E 4 HOH 1  1301 51 HOH HOH A . 
E 4 HOH 2  1302 57 HOH HOH A . 
E 4 HOH 3  1303 97 HOH HOH A . 
E 4 HOH 4  1304 29 HOH HOH A . 
E 4 HOH 5  1305 56 HOH HOH A . 
E 4 HOH 6  1306 93 HOH HOH A . 
E 4 HOH 7  1307 7  HOH HOH A . 
E 4 HOH 8  1308 23 HOH HOH A . 
E 4 HOH 9  1309 95 HOH HOH A . 
E 4 HOH 10 1310 64 HOH HOH A . 
E 4 HOH 11 1311 16 HOH HOH A . 
E 4 HOH 12 1312 67 HOH HOH A . 
E 4 HOH 13 1313 81 HOH HOH A . 
E 4 HOH 14 1314 60 HOH HOH A . 
E 4 HOH 15 1315 15 HOH HOH A . 
E 4 HOH 16 1316 37 HOH HOH A . 
E 4 HOH 17 1317 91 HOH HOH A . 
E 4 HOH 18 1318 96 HOH HOH A . 
E 4 HOH 19 1319 66 HOH HOH A . 
E 4 HOH 20 1320 21 HOH HOH A . 
E 4 HOH 21 1321 4  HOH HOH A . 
E 4 HOH 22 1322 53 HOH HOH A . 
E 4 HOH 23 1323 86 HOH HOH A . 
E 4 HOH 24 1324 44 HOH HOH A . 
E 4 HOH 25 1325 2  HOH HOH A . 
E 4 HOH 26 1326 3  HOH HOH A . 
E 4 HOH 27 1327 70 HOH HOH A . 
E 4 HOH 28 1328 26 HOH HOH A . 
E 4 HOH 29 1329 11 HOH HOH A . 
E 4 HOH 30 1330 13 HOH HOH A . 
E 4 HOH 31 1331 80 HOH HOH A . 
E 4 HOH 32 1332 38 HOH HOH A . 
E 4 HOH 33 1333 14 HOH HOH A . 
E 4 HOH 34 1334 5  HOH HOH A . 
E 4 HOH 35 1335 9  HOH HOH A . 
E 4 HOH 36 1336 68 HOH HOH A . 
E 4 HOH 37 1337 55 HOH HOH A . 
E 4 HOH 38 1338 1  HOH HOH A . 
E 4 HOH 39 1339 39 HOH HOH A . 
E 4 HOH 40 1340 47 HOH HOH A . 
E 4 HOH 41 1341 74 HOH HOH A . 
E 4 HOH 42 1342 27 HOH HOH A . 
E 4 HOH 43 1343 46 HOH HOH A . 
E 4 HOH 44 1344 8  HOH HOH A . 
E 4 HOH 45 1345 35 HOH HOH A . 
E 4 HOH 46 1346 30 HOH HOH A . 
E 4 HOH 47 1347 40 HOH HOH A . 
E 4 HOH 48 1348 24 HOH HOH A . 
E 4 HOH 49 1349 79 HOH HOH A . 
E 4 HOH 50 1350 36 HOH HOH A . 
E 4 HOH 51 1351 61 HOH HOH A . 
E 4 HOH 52 1352 45 HOH HOH A . 
E 4 HOH 53 1353 31 HOH HOH A . 
E 4 HOH 54 1354 49 HOH HOH A . 
E 4 HOH 55 1355 90 HOH HOH A . 
E 4 HOH 56 1356 41 HOH HOH A . 
E 4 HOH 57 1357 22 HOH HOH A . 
E 4 HOH 58 1358 73 HOH HOH A . 
E 4 HOH 59 1359 77 HOH HOH A . 
E 4 HOH 60 1360 6  HOH HOH A . 
E 4 HOH 61 1361 62 HOH HOH A . 
E 4 HOH 62 1362 87 HOH HOH A . 
E 4 HOH 63 1363 48 HOH HOH A . 
E 4 HOH 64 1364 12 HOH HOH A . 
E 4 HOH 65 1365 63 HOH HOH A . 
E 4 HOH 66 1366 32 HOH HOH A . 
E 4 HOH 67 1367 10 HOH HOH A . 
E 4 HOH 68 1368 76 HOH HOH A . 
E 4 HOH 69 1369 89 HOH HOH A . 
E 4 HOH 70 1370 58 HOH HOH A . 
E 4 HOH 71 1371 69 HOH HOH A . 
E 4 HOH 72 1372 50 HOH HOH A . 
E 4 HOH 73 1373 17 HOH HOH A . 
E 4 HOH 74 1374 88 HOH HOH A . 
E 4 HOH 75 1375 65 HOH HOH A . 
E 4 HOH 76 1376 94 HOH HOH A . 
E 4 HOH 77 1377 42 HOH HOH A . 
E 4 HOH 78 1378 52 HOH HOH A . 
E 4 HOH 79 1379 28 HOH HOH A . 
E 4 HOH 80 1380 78 HOH HOH A . 
E 4 HOH 81 1381 75 HOH HOH A . 
E 4 HOH 82 1382 43 HOH HOH A . 
E 4 HOH 83 1383 92 HOH HOH A . 
E 4 HOH 84 1384 20 HOH HOH A . 
E 4 HOH 85 1385 72 HOH HOH A . 
E 4 HOH 86 1386 19 HOH HOH A . 
E 4 HOH 87 1387 33 HOH HOH A . 
E 4 HOH 88 1388 34 HOH HOH A . 
E 4 HOH 89 1389 59 HOH HOH A . 
E 4 HOH 90 1390 82 HOH HOH A . 
E 4 HOH 91 1391 18 HOH HOH A . 
E 4 HOH 92 1392 25 HOH HOH A . 
E 4 HOH 93 1393 85 HOH HOH A . 
E 4 HOH 94 1394 83 HOH HOH A . 
E 4 HOH 95 1395 71 HOH HOH A . 
E 4 HOH 96 1396 84 HOH HOH A . 
E 4 HOH 97 1397 54 HOH HOH A . 
# 
loop_
_pdbx_unobs_or_zero_occ_atoms.id 
_pdbx_unobs_or_zero_occ_atoms.PDB_model_num 
_pdbx_unobs_or_zero_occ_atoms.polymer_flag 
_pdbx_unobs_or_zero_occ_atoms.occupancy_flag 
_pdbx_unobs_or_zero_occ_atoms.auth_asym_id 
_pdbx_unobs_or_zero_occ_atoms.auth_comp_id 
_pdbx_unobs_or_zero_occ_atoms.auth_seq_id 
_pdbx_unobs_or_zero_occ_atoms.PDB_ins_code 
_pdbx_unobs_or_zero_occ_atoms.auth_atom_id 
_pdbx_unobs_or_zero_occ_atoms.label_alt_id 
_pdbx_unobs_or_zero_occ_atoms.label_asym_id 
_pdbx_unobs_or_zero_occ_atoms.label_comp_id 
_pdbx_unobs_or_zero_occ_atoms.label_seq_id 
_pdbx_unobs_or_zero_occ_atoms.label_atom_id 
1  1 Y 1 A MET 980  ? CG  ? A MET 2  CG  
2  1 Y 1 A MET 980  ? SD  ? A MET 2  SD  
3  1 Y 1 A MET 980  ? CE  ? A MET 2  CE  
4  1 Y 1 A GLN 981  ? CD  ? A GLN 3  CD  
5  1 Y 1 A GLN 981  ? OE1 ? A GLN 3  OE1 
6  1 Y 1 A GLN 981  ? NE2 ? A GLN 3  NE2 
7  1 Y 1 A LYS 1004 ? CD  ? A LYS 26 CD  
8  1 Y 1 A LYS 1004 ? CE  ? A LYS 26 CE  
9  1 Y 1 A LYS 1004 ? NZ  ? A LYS 26 NZ  
10 1 Y 1 A LYS 1011 ? CE  ? A LYS 33 CE  
11 1 Y 1 A LYS 1011 ? NZ  ? A LYS 33 NZ  
12 1 Y 1 A GLU 1017 ? CG  ? A GLU 39 CG  
13 1 Y 1 A GLU 1017 ? CD  ? A GLU 39 CD  
14 1 Y 1 A GLU 1017 ? OE1 ? A GLU 39 OE1 
15 1 Y 1 A GLU 1017 ? OE2 ? A GLU 39 OE2 
16 1 Y 1 A LYS 1047 ? CE  ? A LYS 69 CE  
17 1 Y 1 A LYS 1047 ? NZ  ? A LYS 69 NZ  
# 
loop_
_software.citation_id 
_software.classification 
_software.compiler_name 
_software.compiler_version 
_software.contact_author 
_software.contact_author_email 
_software.date 
_software.description 
_software.dependencies 
_software.hardware 
_software.language 
_software.location 
_software.mods 
_software.name 
_software.os 
_software.os_version 
_software.type 
_software.version 
_software.pdbx_ordinal 
? refinement       ? ? ? ? ? ? ? ? ? ? ? PHENIX ? ? ? '(1.11.1_2575: ???)' 1 
? 'data reduction' ? ? ? ? ? ? ? ? ? ? ? XDS    ? ? ? .                    2 
? phasing          ? ? ? ? ? ? ? ? ? ? ? PHASER ? ? ? .                    3 
# 
_cell.angle_alpha                  90.00 
_cell.angle_alpha_esd              ? 
_cell.angle_beta                   90.00 
_cell.angle_beta_esd               ? 
_cell.angle_gamma                  120.00 
_cell.angle_gamma_esd              ? 
_cell.entry_id                     6EPX 
_cell.details                      ? 
_cell.formula_units_Z              ? 
_cell.length_a                     79.575 
_cell.length_a_esd                 ? 
_cell.length_b                     79.575 
_cell.length_b_esd                 ? 
_cell.length_c                     138.187 
_cell.length_c_esd                 ? 
_cell.volume                       ? 
_cell.volume_esd                   ? 
_cell.Z_PDB                        12 
_cell.reciprocal_angle_alpha       ? 
_cell.reciprocal_angle_beta        ? 
_cell.reciprocal_angle_gamma       ? 
_cell.reciprocal_angle_alpha_esd   ? 
_cell.reciprocal_angle_beta_esd    ? 
_cell.reciprocal_angle_gamma_esd   ? 
_cell.reciprocal_length_a          ? 
_cell.reciprocal_length_b          ? 
_cell.reciprocal_length_c          ? 
_cell.reciprocal_length_a_esd      ? 
_cell.reciprocal_length_b_esd      ? 
_cell.reciprocal_length_c_esd      ? 
_cell.pdbx_unique_axis             ? 
# 
_symmetry.entry_id                         6EPX 
_symmetry.cell_setting                     ? 
_symmetry.Int_Tables_number                179 
_symmetry.space_group_name_Hall            ? 
_symmetry.space_group_name_H-M             'P 65 2 2' 
_symmetry.pdbx_full_space_group_name_H-M   ? 
# 
_exptl.absorpt_coefficient_mu     ? 
_exptl.absorpt_correction_T_max   ? 
_exptl.absorpt_correction_T_min   ? 
_exptl.absorpt_correction_type    ? 
_exptl.absorpt_process_details    ? 
_exptl.entry_id                   6EPX 
_exptl.crystals_number            1 
_exptl.details                    ? 
_exptl.method                     'X-RAY DIFFRACTION' 
_exptl.method_details             ? 
# 
_exptl_crystal.colour                      ? 
_exptl_crystal.density_diffrn              ? 
_exptl_crystal.density_Matthews            4.09 
_exptl_crystal.density_method              ? 
_exptl_crystal.density_percent_sol         69.90 
_exptl_crystal.description                 ? 
_exptl_crystal.F_000                       ? 
_exptl_crystal.id                          1 
_exptl_crystal.preparation                 ? 
_exptl_crystal.size_max                    ? 
_exptl_crystal.size_mid                    ? 
_exptl_crystal.size_min                    ? 
_exptl_crystal.size_rad                    ? 
_exptl_crystal.colour_lustre               ? 
_exptl_crystal.colour_modifier             ? 
_exptl_crystal.colour_primary              ? 
_exptl_crystal.density_meas                ? 
_exptl_crystal.density_meas_esd            ? 
_exptl_crystal.density_meas_gt             ? 
_exptl_crystal.density_meas_lt             ? 
_exptl_crystal.density_meas_temp           ? 
_exptl_crystal.density_meas_temp_esd       ? 
_exptl_crystal.density_meas_temp_gt        ? 
_exptl_crystal.density_meas_temp_lt        ? 
_exptl_crystal.pdbx_crystal_image_url      ? 
_exptl_crystal.pdbx_crystal_image_format   ? 
_exptl_crystal.pdbx_mosaicity              ? 
_exptl_crystal.pdbx_mosaicity_esd          ? 
# 
_exptl_crystal_grow.apparatus       ? 
_exptl_crystal_grow.atmosphere      ? 
_exptl_crystal_grow.crystal_id      1 
_exptl_crystal_grow.details         ? 
_exptl_crystal_grow.method          'VAPOR DIFFUSION, HANGING DROP' 
_exptl_crystal_grow.method_ref      ? 
_exptl_crystal_grow.pH              ? 
_exptl_crystal_grow.pressure        ? 
_exptl_crystal_grow.pressure_esd    ? 
_exptl_crystal_grow.seeding         ? 
_exptl_crystal_grow.seeding_ref     ? 
_exptl_crystal_grow.temp            277 
_exptl_crystal_grow.temp_details    ? 
_exptl_crystal_grow.temp_esd        ? 
_exptl_crystal_grow.time            ? 
_exptl_crystal_grow.pdbx_details    '2M ammonium sulfate, 0.1M Bis-Tris pH 5.5' 
_exptl_crystal_grow.pdbx_pH_range   ? 
# 
_diffrn.ambient_environment    ? 
_diffrn.ambient_temp           100 
_diffrn.ambient_temp_details   ? 
_diffrn.ambient_temp_esd       ? 
_diffrn.crystal_id             1 
_diffrn.crystal_support        ? 
_diffrn.crystal_treatment      ? 
_diffrn.details                ? 
_diffrn.id                     1 
_diffrn.ambient_pressure       ? 
_diffrn.ambient_pressure_esd   ? 
_diffrn.ambient_pressure_gt    ? 
_diffrn.ambient_pressure_lt    ? 
_diffrn.ambient_temp_gt        ? 
_diffrn.ambient_temp_lt        ? 
# 
_diffrn_detector.details                      ? 
_diffrn_detector.detector                     PIXEL 
_diffrn_detector.diffrn_id                    1 
_diffrn_detector.type                         'DECTRIS EIGER X 16M' 
_diffrn_detector.area_resol_mean              ? 
_diffrn_detector.dtime                        ? 
_diffrn_detector.pdbx_frames_total            ? 
_diffrn_detector.pdbx_collection_time_total   ? 
_diffrn_detector.pdbx_collection_date         2017-05-12 
# 
_diffrn_radiation.collimation                      ? 
_diffrn_radiation.diffrn_id                        1 
_diffrn_radiation.filter_edge                      ? 
_diffrn_radiation.inhomogeneity                    ? 
_diffrn_radiation.monochromator                    ? 
_diffrn_radiation.polarisn_norm                    ? 
_diffrn_radiation.polarisn_ratio                   ? 
_diffrn_radiation.probe                            ? 
_diffrn_radiation.type                             ? 
_diffrn_radiation.xray_symbol                      ? 
_diffrn_radiation.wavelength_id                    1 
_diffrn_radiation.pdbx_monochromatic_or_laue_m_l   M 
_diffrn_radiation.pdbx_wavelength_list             ? 
_diffrn_radiation.pdbx_wavelength                  ? 
_diffrn_radiation.pdbx_diffrn_protocol             'SINGLE WAVELENGTH' 
_diffrn_radiation.pdbx_analyzer                    ? 
_diffrn_radiation.pdbx_scattering_type             x-ray 
# 
_diffrn_radiation_wavelength.id           1 
_diffrn_radiation_wavelength.wavelength   1.0 
_diffrn_radiation_wavelength.wt           1.0 
# 
_diffrn_source.current                     ? 
_diffrn_source.details                     ? 
_diffrn_source.diffrn_id                   1 
_diffrn_source.power                       ? 
_diffrn_source.size                        ? 
_diffrn_source.source                      SYNCHROTRON 
_diffrn_source.target                      ? 
_diffrn_source.type                        'SLS BEAMLINE X06SA' 
_diffrn_source.voltage                     ? 
_diffrn_source.take-off_angle              ? 
_diffrn_source.pdbx_wavelength_list        1.0 
_diffrn_source.pdbx_wavelength             ? 
_diffrn_source.pdbx_synchrotron_beamline   X06SA 
_diffrn_source.pdbx_synchrotron_site       SLS 
# 
_reflns.B_iso_Wilson_estimate            ? 
_reflns.entry_id                         6EPX 
_reflns.data_reduction_details           ? 
_reflns.data_reduction_method            ? 
_reflns.d_resolution_high                1.84 
_reflns.d_resolution_low                 48.79 
_reflns.details                          ? 
_reflns.limit_h_max                      ? 
_reflns.limit_h_min                      ? 
_reflns.limit_k_max                      ? 
_reflns.limit_k_min                      ? 
_reflns.limit_l_max                      ? 
_reflns.limit_l_min                      ? 
_reflns.number_all                       ? 
_reflns.number_obs                       42520 
_reflns.observed_criterion               ? 
_reflns.observed_criterion_F_max         ? 
_reflns.observed_criterion_F_min         ? 
_reflns.observed_criterion_I_max         ? 
_reflns.observed_criterion_I_min         ? 
_reflns.observed_criterion_sigma_F       ? 
_reflns.observed_criterion_sigma_I       ? 
_reflns.percent_possible_obs             99.7 
_reflns.R_free_details                   ? 
_reflns.Rmerge_F_all                     ? 
_reflns.Rmerge_F_obs                     ? 
_reflns.Friedel_coverage                 ? 
_reflns.number_gt                        ? 
_reflns.threshold_expression             ? 
_reflns.pdbx_redundancy                  4.33 
_reflns.pdbx_Rmerge_I_obs                ? 
_reflns.pdbx_Rmerge_I_all                ? 
_reflns.pdbx_Rsym_value                  ? 
_reflns.pdbx_netI_over_av_sigmaI         ? 
_reflns.pdbx_netI_over_sigmaI            23.05 
_reflns.pdbx_res_netI_over_av_sigmaI_2   ? 
_reflns.pdbx_res_netI_over_sigmaI_2      ? 
_reflns.pdbx_chi_squared                 ? 
_reflns.pdbx_scaling_rejects             ? 
_reflns.pdbx_d_res_high_opt              ? 
_reflns.pdbx_d_res_low_opt               ? 
_reflns.pdbx_d_res_opt_method            ? 
_reflns.phase_calculation_details        ? 
_reflns.pdbx_Rrim_I_all                  0.035 
_reflns.pdbx_Rpim_I_all                  ? 
_reflns.pdbx_d_opt                       ? 
_reflns.pdbx_number_measured_all         ? 
_reflns.pdbx_diffrn_id                   1 
_reflns.pdbx_ordinal                     1 
_reflns.pdbx_CC_half                     1 
_reflns.pdbx_R_split                     ? 
# 
_reflns_shell.d_res_high                  1.84 
_reflns_shell.d_res_low                   1.95 
_reflns_shell.meanI_over_sigI_all         ? 
_reflns_shell.meanI_over_sigI_obs         1.64 
_reflns_shell.number_measured_all         ? 
_reflns_shell.number_measured_obs         ? 
_reflns_shell.number_possible             ? 
_reflns_shell.number_unique_all           ? 
_reflns_shell.number_unique_obs           6773 
_reflns_shell.percent_possible_all        98.3 
_reflns_shell.percent_possible_obs        ? 
_reflns_shell.Rmerge_F_all                ? 
_reflns_shell.Rmerge_F_obs                ? 
_reflns_shell.Rmerge_I_all                ? 
_reflns_shell.Rmerge_I_obs                ? 
_reflns_shell.meanI_over_sigI_gt          ? 
_reflns_shell.meanI_over_uI_all           ? 
_reflns_shell.meanI_over_uI_gt            ? 
_reflns_shell.number_measured_gt          ? 
_reflns_shell.number_unique_gt            ? 
_reflns_shell.percent_possible_gt         ? 
_reflns_shell.Rmerge_F_gt                 ? 
_reflns_shell.Rmerge_I_gt                 ? 
_reflns_shell.pdbx_redundancy             2.64 
_reflns_shell.pdbx_Rsym_value             ? 
_reflns_shell.pdbx_chi_squared            ? 
_reflns_shell.pdbx_netI_over_sigmaI_all   ? 
_reflns_shell.pdbx_netI_over_sigmaI_obs   ? 
_reflns_shell.pdbx_Rrim_I_all             0.651 
_reflns_shell.pdbx_Rpim_I_all             ? 
_reflns_shell.pdbx_rejects                ? 
_reflns_shell.pdbx_ordinal                1 
_reflns_shell.pdbx_diffrn_id              1 
_reflns_shell.pdbx_CC_half                0.697 
_reflns_shell.pdbx_R_split                ? 
# 
_refine.aniso_B[1][1]                            ? 
_refine.aniso_B[1][2]                            ? 
_refine.aniso_B[1][3]                            ? 
_refine.aniso_B[2][2]                            ? 
_refine.aniso_B[2][3]                            ? 
_refine.aniso_B[3][3]                            ? 
_refine.B_iso_max                                ? 
_refine.B_iso_mean                               ? 
_refine.B_iso_min                                ? 
_refine.correlation_coeff_Fo_to_Fc               ? 
_refine.correlation_coeff_Fo_to_Fc_free          ? 
_refine.details                                  ? 
_refine.diff_density_max                         ? 
_refine.diff_density_max_esd                     ? 
_refine.diff_density_min                         ? 
_refine.diff_density_min_esd                     ? 
_refine.diff_density_rms                         ? 
_refine.diff_density_rms_esd                     ? 
_refine.entry_id                                 6EPX 
_refine.pdbx_refine_id                           'X-RAY DIFFRACTION' 
_refine.ls_abs_structure_details                 ? 
_refine.ls_abs_structure_Flack                   ? 
_refine.ls_abs_structure_Flack_esd               ? 
_refine.ls_abs_structure_Rogers                  ? 
_refine.ls_abs_structure_Rogers_esd              ? 
_refine.ls_d_res_high                            1.84 
_refine.ls_d_res_low                             48.79 
_refine.ls_extinction_coef                       ? 
_refine.ls_extinction_coef_esd                   ? 
_refine.ls_extinction_expression                 ? 
_refine.ls_extinction_method                     ? 
_refine.ls_goodness_of_fit_all                   ? 
_refine.ls_goodness_of_fit_all_esd               ? 
_refine.ls_goodness_of_fit_obs                   ? 
_refine.ls_goodness_of_fit_obs_esd               ? 
_refine.ls_hydrogen_treatment                    ? 
_refine.ls_matrix_type                           ? 
_refine.ls_number_constraints                    ? 
_refine.ls_number_parameters                     ? 
_refine.ls_number_reflns_all                     ? 
_refine.ls_number_reflns_obs                     42515 
_refine.ls_number_reflns_R_free                  2130 
_refine.ls_number_reflns_R_work                  ? 
_refine.ls_number_restraints                     ? 
_refine.ls_percent_reflns_obs                    99.80 
_refine.ls_percent_reflns_R_free                 5.01 
_refine.ls_R_factor_all                          ? 
_refine.ls_R_factor_obs                          0.2053 
_refine.ls_R_factor_R_free                       0.2191 
_refine.ls_R_factor_R_free_error                 ? 
_refine.ls_R_factor_R_free_error_details         ? 
_refine.ls_R_factor_R_work                       0.2046 
_refine.ls_R_Fsqd_factor_obs                     ? 
_refine.ls_R_I_factor_obs                        ? 
_refine.ls_redundancy_reflns_all                 ? 
_refine.ls_redundancy_reflns_obs                 ? 
_refine.ls_restrained_S_all                      ? 
_refine.ls_restrained_S_obs                      ? 
_refine.ls_shift_over_esd_max                    ? 
_refine.ls_shift_over_esd_mean                   ? 
_refine.ls_structure_factor_coef                 ? 
_refine.ls_weighting_details                     ? 
_refine.ls_weighting_scheme                      ? 
_refine.ls_wR_factor_all                         ? 
_refine.ls_wR_factor_obs                         ? 
_refine.ls_wR_factor_R_free                      ? 
_refine.ls_wR_factor_R_work                      ? 
_refine.occupancy_max                            ? 
_refine.occupancy_min                            ? 
_refine.solvent_model_details                    ? 
_refine.solvent_model_param_bsol                 ? 
_refine.solvent_model_param_ksol                 ? 
_refine.ls_R_factor_gt                           ? 
_refine.ls_goodness_of_fit_gt                    ? 
_refine.ls_goodness_of_fit_ref                   ? 
_refine.ls_shift_over_su_max                     ? 
_refine.ls_shift_over_su_max_lt                  ? 
_refine.ls_shift_over_su_mean                    ? 
_refine.ls_shift_over_su_mean_lt                 ? 
_refine.pdbx_ls_sigma_I                          ? 
_refine.pdbx_ls_sigma_F                          1.36 
_refine.pdbx_ls_sigma_Fsqd                       ? 
_refine.pdbx_data_cutoff_high_absF               ? 
_refine.pdbx_data_cutoff_high_rms_absF           ? 
_refine.pdbx_data_cutoff_low_absF                ? 
_refine.pdbx_isotropic_thermal_model             ? 
_refine.pdbx_ls_cross_valid_method               'FREE R-VALUE' 
_refine.pdbx_method_to_determine_struct          'MOLECULAR REPLACEMENT' 
_refine.pdbx_starting_model                      ? 
_refine.pdbx_stereochemistry_target_values       ? 
_refine.pdbx_R_Free_selection_details            ? 
_refine.pdbx_stereochem_target_val_spec_case     ? 
_refine.pdbx_overall_ESU_R                       ? 
_refine.pdbx_overall_ESU_R_Free                  ? 
_refine.pdbx_solvent_vdw_probe_radii             1.11 
_refine.pdbx_solvent_ion_probe_radii             ? 
_refine.pdbx_solvent_shrinkage_radii             0.90 
_refine.pdbx_real_space_R                        ? 
_refine.pdbx_density_correlation                 ? 
_refine.pdbx_pd_number_of_powder_patterns        ? 
_refine.pdbx_pd_number_of_points                 ? 
_refine.pdbx_pd_meas_number_of_points            ? 
_refine.pdbx_pd_proc_ls_prof_R_factor            ? 
_refine.pdbx_pd_proc_ls_prof_wR_factor           ? 
_refine.pdbx_pd_Marquardt_correlation_coeff      ? 
_refine.pdbx_pd_Fsqrd_R_factor                   ? 
_refine.pdbx_pd_ls_matrix_band_width             ? 
_refine.pdbx_overall_phase_error                 22.10 
_refine.pdbx_overall_SU_R_free_Cruickshank_DPI   ? 
_refine.pdbx_overall_SU_R_free_Blow_DPI          ? 
_refine.pdbx_overall_SU_R_Blow_DPI               ? 
_refine.pdbx_TLS_residual_ADP_flag               ? 
_refine.pdbx_diffrn_id                           1 
_refine.overall_SU_B                             ? 
_refine.overall_SU_ML                            0.23 
_refine.overall_SU_R_Cruickshank_DPI             ? 
_refine.overall_SU_R_free                        ? 
_refine.overall_FOM_free_R_set                   ? 
_refine.overall_FOM_work_R_set                   ? 
_refine.pdbx_average_fsc_overall                 ? 
_refine.pdbx_average_fsc_work                    ? 
_refine.pdbx_average_fsc_free                    ? 
# 
_refine_hist.pdbx_refine_id                   'X-RAY DIFFRACTION' 
_refine_hist.cycle_id                         LAST 
_refine_hist.pdbx_number_atoms_protein        1067 
_refine_hist.pdbx_number_atoms_nucleic_acid   0 
_refine_hist.pdbx_number_atoms_ligand         39 
_refine_hist.number_atoms_solvent             97 
_refine_hist.number_atoms_total               1203 
_refine_hist.d_res_high                       1.84 
_refine_hist.d_res_low                        48.79 
# 
loop_
_refine_ls_restr.pdbx_refine_id 
_refine_ls_restr.criterion 
_refine_ls_restr.dev_ideal 
_refine_ls_restr.dev_ideal_target 
_refine_ls_restr.number 
_refine_ls_restr.rejects 
_refine_ls_restr.type 
_refine_ls_restr.weight 
_refine_ls_restr.pdbx_restraint_function 
'X-RAY DIFFRACTION' ? 0.008  ? 1144 ? f_bond_d           ? ? 
'X-RAY DIFFRACTION' ? 1.059  ? 1553 ? f_angle_d          ? ? 
'X-RAY DIFFRACTION' ? 11.800 ? 993  ? f_dihedral_angle_d ? ? 
'X-RAY DIFFRACTION' ? 0.046  ? 173  ? f_chiral_restr     ? ? 
'X-RAY DIFFRACTION' ? 0.004  ? 207  ? f_plane_restr      ? ? 
# 
loop_
_refine_ls_shell.pdbx_refine_id 
_refine_ls_shell.d_res_high 
_refine_ls_shell.d_res_low 
_refine_ls_shell.number_reflns_all 
_refine_ls_shell.number_reflns_obs 
_refine_ls_shell.number_reflns_R_free 
_refine_ls_shell.number_reflns_R_work 
_refine_ls_shell.percent_reflns_obs 
_refine_ls_shell.percent_reflns_R_free 
_refine_ls_shell.R_factor_all 
_refine_ls_shell.R_factor_obs 
_refine_ls_shell.R_factor_R_free 
_refine_ls_shell.R_factor_R_free_error 
_refine_ls_shell.R_factor_R_work 
_refine_ls_shell.redundancy_reflns_all 
_refine_ls_shell.redundancy_reflns_obs 
_refine_ls_shell.wR_factor_all 
_refine_ls_shell.wR_factor_obs 
_refine_ls_shell.wR_factor_R_free 
_refine_ls_shell.wR_factor_R_work 
_refine_ls_shell.pdbx_total_number_of_bins_used 
_refine_ls_shell.pdbx_phase_error 
_refine_ls_shell.pdbx_fsc_work 
_refine_ls_shell.pdbx_fsc_free 
'X-RAY DIFFRACTION' 1.8383 1.8811  . . 143 2624 98.00  . . . 0.3394 . 0.3420 . . . . . . . . . . 
'X-RAY DIFFRACTION' 1.8811 1.9281  . . 138 2694 99.00  . . . 0.3332 . 0.2981 . . . . . . . . . . 
'X-RAY DIFFRACTION' 1.9281 1.9803  . . 141 2683 100.00 . . . 0.3116 . 0.2730 . . . . . . . . . . 
'X-RAY DIFFRACTION' 1.9803 2.0385  . . 144 2711 100.00 . . . 0.2950 . 0.2371 . . . . . . . . . . 
'X-RAY DIFFRACTION' 2.0385 2.1043  . . 146 2685 100.00 . . . 0.2748 . 0.2276 . . . . . . . . . . 
'X-RAY DIFFRACTION' 2.1043 2.1795  . . 137 2688 100.00 . . . 0.2226 . 0.2075 . . . . . . . . . . 
'X-RAY DIFFRACTION' 2.1795 2.2668  . . 144 2732 100.00 . . . 0.2024 . 0.2122 . . . . . . . . . . 
'X-RAY DIFFRACTION' 2.2668 2.3700  . . 136 2692 100.00 . . . 0.2399 . 0.2012 . . . . . . . . . . 
'X-RAY DIFFRACTION' 2.3700 2.4949  . . 146 2692 100.00 . . . 0.1972 . 0.2110 . . . . . . . . . . 
'X-RAY DIFFRACTION' 2.4949 2.6512  . . 144 2710 100.00 . . . 0.2487 . 0.2196 . . . . . . . . . . 
'X-RAY DIFFRACTION' 2.6512 2.8559  . . 142 2674 100.00 . . . 0.2104 . 0.2248 . . . . . . . . . . 
'X-RAY DIFFRACTION' 2.8559 3.1432  . . 143 2708 100.00 . . . 0.2479 . 0.2265 . . . . . . . . . . 
'X-RAY DIFFRACTION' 3.1432 3.5980  . . 144 2688 100.00 . . . 0.2379 . 0.2031 . . . . . . . . . . 
'X-RAY DIFFRACTION' 3.5980 4.5325  . . 137 2697 100.00 . . . 0.1755 . 0.1697 . . . . . . . . . . 
'X-RAY DIFFRACTION' 4.5325 48.8101 . . 145 2707 100.00 . . . 0.1924 . 0.1878 . . . . . . . . . . 
# 
_struct.entry_id                     6EPX 
_struct.title                        'The ATAD2 bromodomain in complex with compound 3' 
_struct.pdbx_model_details           ? 
_struct.pdbx_formula_weight          ? 
_struct.pdbx_formula_weight_method   ? 
_struct.pdbx_model_type_details      ? 
_struct.pdbx_CASP_flag               N 
# 
_struct_keywords.entry_id        6EPX 
_struct_keywords.text            'Bromodomain, ATAD2, inhibitor, complex, CYTOSOLIC PROTEIN' 
_struct_keywords.pdbx_keywords   'CYTOSOLIC PROTEIN' 
# 
loop_
_struct_asym.id 
_struct_asym.pdbx_blank_PDB_chainid_flag 
_struct_asym.pdbx_modified 
_struct_asym.entity_id 
_struct_asym.details 
A N N 1 ? 
B N N 2 ? 
C N N 2 ? 
D N N 3 ? 
E N N 4 ? 
# 
_struct_ref.id                         1 
_struct_ref.db_name                    UNP 
_struct_ref.db_code                    ATAD2_HUMAN 
_struct_ref.pdbx_db_accession          Q6PL18 
_struct_ref.pdbx_db_isoform            ? 
_struct_ref.entity_id                  1 
_struct_ref.pdbx_seq_one_letter_code   
;QEEDTFRELRIFLRNVTHRLAIDKRFRVFTKPVDPDEVPDYVTVIKQPMDLSSVISKIDLHKYLTVKDYLRDIDLICSNA
LEYNPDRDPGDRLIRHRACALRDTAYAIIKEELDEDFEQLCEEIQESR
;
_struct_ref.pdbx_align_begin           981 
# 
_struct_ref_seq.align_id                      1 
_struct_ref_seq.ref_id                        1 
_struct_ref_seq.pdbx_PDB_id_code              6EPX 
_struct_ref_seq.pdbx_strand_id                A 
_struct_ref_seq.seq_align_beg                 3 
_struct_ref_seq.pdbx_seq_align_beg_ins_code   ? 
_struct_ref_seq.seq_align_end                 130 
_struct_ref_seq.pdbx_seq_align_end_ins_code   ? 
_struct_ref_seq.pdbx_db_accession             Q6PL18 
_struct_ref_seq.db_align_beg                  981 
_struct_ref_seq.pdbx_db_align_beg_ins_code    ? 
_struct_ref_seq.db_align_end                  1108 
_struct_ref_seq.pdbx_db_align_end_ins_code    ? 
_struct_ref_seq.pdbx_auth_seq_align_beg       981 
_struct_ref_seq.pdbx_auth_seq_align_end       1108 
# 
loop_
_struct_ref_seq_dif.align_id 
_struct_ref_seq_dif.pdbx_pdb_id_code 
_struct_ref_seq_dif.mon_id 
_struct_ref_seq_dif.pdbx_pdb_strand_id 
_struct_ref_seq_dif.seq_num 
_struct_ref_seq_dif.pdbx_pdb_ins_code 
_struct_ref_seq_dif.pdbx_seq_db_name 
_struct_ref_seq_dif.pdbx_seq_db_accession_code 
_struct_ref_seq_dif.db_mon_id 
_struct_ref_seq_dif.pdbx_seq_db_seq_num 
_struct_ref_seq_dif.details 
_struct_ref_seq_dif.pdbx_auth_seq_num 
_struct_ref_seq_dif.pdbx_ordinal 
1 6EPX SER A 1 ? UNP Q6PL18 ? ? 'expression tag' 979 1 
1 6EPX MET A 2 ? UNP Q6PL18 ? ? 'expression tag' 980 2 
# 
_pdbx_struct_assembly.id                   1 
_pdbx_struct_assembly.details              author_and_software_defined_assembly 
_pdbx_struct_assembly.method_details       PISA 
_pdbx_struct_assembly.oligomeric_details   monomeric 
_pdbx_struct_assembly.oligomeric_count     1 
# 
loop_
_pdbx_struct_assembly_prop.biol_id 
_pdbx_struct_assembly_prop.type 
_pdbx_struct_assembly_prop.value 
_pdbx_struct_assembly_prop.details 
1 'ABSA (A^2)' 180  ? 
1 MORE         -13  ? 
1 'SSA (A^2)'  8060 ? 
# 
_pdbx_struct_assembly_gen.assembly_id       1 
_pdbx_struct_assembly_gen.oper_expression   1 
_pdbx_struct_assembly_gen.asym_id_list      A,B,C,D,E 
# 
_pdbx_struct_assembly_auth_evidence.id                     1 
_pdbx_struct_assembly_auth_evidence.assembly_id            1 
_pdbx_struct_assembly_auth_evidence.experimental_support   'gel filtration' 
_pdbx_struct_assembly_auth_evidence.details                ? 
# 
_pdbx_struct_oper_list.id                   1 
_pdbx_struct_oper_list.type                 'identity operation' 
_pdbx_struct_oper_list.name                 1_555 
_pdbx_struct_oper_list.symmetry_operation   x,y,z 
_pdbx_struct_oper_list.matrix[1][1]         1.0000000000 
_pdbx_struct_oper_list.matrix[1][2]         0.0000000000 
_pdbx_struct_oper_list.matrix[1][3]         0.0000000000 
_pdbx_struct_oper_list.vector[1]            0.0000000000 
_pdbx_struct_oper_list.matrix[2][1]         0.0000000000 
_pdbx_struct_oper_list.matrix[2][2]         1.0000000000 
_pdbx_struct_oper_list.matrix[2][3]         0.0000000000 
_pdbx_struct_oper_list.vector[2]            0.0000000000 
_pdbx_struct_oper_list.matrix[3][1]         0.0000000000 
_pdbx_struct_oper_list.matrix[3][2]         0.0000000000 
_pdbx_struct_oper_list.matrix[3][3]         1.0000000000 
_pdbx_struct_oper_list.vector[3]            0.0000000000 
# 
loop_
_struct_conf.conf_type_id 
_struct_conf.id 
_struct_conf.pdbx_PDB_helix_id 
_struct_conf.beg_label_comp_id 
_struct_conf.beg_label_asym_id 
_struct_conf.beg_label_seq_id 
_struct_conf.pdbx_beg_PDB_ins_code 
_struct_conf.end_label_comp_id 
_struct_conf.end_label_asym_id 
_struct_conf.end_label_seq_id 
_struct_conf.pdbx_end_PDB_ins_code 
_struct_conf.beg_auth_comp_id 
_struct_conf.beg_auth_asym_id 
_struct_conf.beg_auth_seq_id 
_struct_conf.end_auth_comp_id 
_struct_conf.end_auth_asym_id 
_struct_conf.end_auth_seq_id 
_struct_conf.pdbx_PDB_helix_class 
_struct_conf.details 
_struct_conf.pdbx_PDB_helix_length 
HELX_P HELX_P1 AA1 SER A 1   ? ILE A 24  ? SER A 979  ILE A 1002 1 ? 24 
HELX_P HELX_P2 AA2 ASP A 25  ? THR A 32  ? ASP A 1003 THR A 1010 5 ? 8  
HELX_P HELX_P3 AA3 ASP A 42  ? ILE A 47  ? ASP A 1020 ILE A 1025 1 ? 6  
HELX_P HELX_P4 AA4 ASP A 52  ? LEU A 62  ? ASP A 1030 LEU A 1040 1 ? 11 
HELX_P HELX_P5 AA5 THR A 67  ? ASN A 86  ? THR A 1045 ASN A 1064 1 ? 20 
HELX_P HELX_P6 AA6 ASP A 90  ? LEU A 115 ? ASP A 1068 LEU A 1093 1 ? 26 
HELX_P HELX_P7 AA7 ASP A 116 ? SER A 129 ? ASP A 1094 SER A 1107 1 ? 14 
# 
_struct_conf_type.id          HELX_P 
_struct_conf_type.criteria    ? 
_struct_conf_type.reference   ? 
# 
loop_
_struct_site.id 
_struct_site.pdbx_evidence_code 
_struct_site.pdbx_auth_asym_id 
_struct_site.pdbx_auth_comp_id 
_struct_site.pdbx_auth_seq_id 
_struct_site.pdbx_auth_ins_code 
_struct_site.pdbx_num_residues 
_struct_site.details 
AC1 Software A BQW 1201 ? 7 'binding site for residue BQW A 1201' 
AC2 Software A BQW 1202 ? 5 'binding site for residue BQW A 1202' 
AC3 Software A SO4 1203 ? 4 'binding site for residue SO4 A 1203' 
# 
loop_
_struct_site_gen.id 
_struct_site_gen.site_id 
_struct_site_gen.pdbx_num_res 
_struct_site_gen.label_comp_id 
_struct_site_gen.label_asym_id 
_struct_site_gen.label_seq_id 
_struct_site_gen.pdbx_auth_ins_code 
_struct_site_gen.auth_comp_id 
_struct_site_gen.auth_asym_id 
_struct_site_gen.auth_seq_id 
_struct_site_gen.label_atom_id 
_struct_site_gen.label_alt_id 
_struct_site_gen.symmetry 
_struct_site_gen.details 
1  AC1 7 VAL A 35  ? VAL A 1013 . ? 1_555 ? 
2  AC1 7 TYR A 85  ? TYR A 1063 . ? 1_555 ? 
3  AC1 7 ASN A 86  ? ASN A 1064 . ? 1_555 ? 
4  AC1 7 GLY A 92  ? GLY A 1070 . ? 1_555 ? 
5  AC1 7 ASP A 93  ? ASP A 1071 . ? 1_555 ? 
6  AC1 7 HOH E .   ? HOH A 1304 . ? 1_555 ? 
7  AC1 7 HOH E .   ? HOH A 1340 . ? 1_555 ? 
8  AC2 5 GLU A 4   ? GLU A 982  . ? 8_565 ? 
9  AC2 5 CYS A 101 ? CYS A 1079 . ? 1_555 ? 
10 AC2 5 ASP A 105 ? ASP A 1083 . ? 1_555 ? 
11 AC2 5 HOH E .   ? HOH A 1303 . ? 1_555 ? 
12 AC2 5 HOH E .   ? HOH A 1331 . ? 1_555 ? 
13 AC3 4 ARG A 9   ? ARG A 987  . ? 1_555 ? 
14 AC3 4 ARG A 12  ? ARG A 990  . ? 1_555 ? 
15 AC3 4 ARG A 16  ? ARG A 994  . ? 1_555 ? 
16 AC3 4 ARG A 89  ? ARG A 1067 . ? 6_664 ? 
# 
loop_
_pdbx_validate_close_contact.id 
_pdbx_validate_close_contact.PDB_model_num 
_pdbx_validate_close_contact.auth_atom_id_1 
_pdbx_validate_close_contact.auth_asym_id_1 
_pdbx_validate_close_contact.auth_comp_id_1 
_pdbx_validate_close_contact.auth_seq_id_1 
_pdbx_validate_close_contact.PDB_ins_code_1 
_pdbx_validate_close_contact.label_alt_id_1 
_pdbx_validate_close_contact.auth_atom_id_2 
_pdbx_validate_close_contact.auth_asym_id_2 
_pdbx_validate_close_contact.auth_comp_id_2 
_pdbx_validate_close_contact.auth_seq_id_2 
_pdbx_validate_close_contact.PDB_ins_code_2 
_pdbx_validate_close_contact.label_alt_id_2 
_pdbx_validate_close_contact.dist 
1 1 O   A LYS 1047 ? ? O  A HOH 1301 ? ? 1.75 
2 1 OD2 A ASP 1030 ? ? OG A SER 1032 ? A 2.16 
3 1 N   A ARG 1051 ? ? O  A HOH 1301 ? ? 2.19 
4 1 NH2 A ARG 1051 ? ? O  A HOH 1302 ? ? 2.19 
# 
loop_
_pdbx_validate_chiral.id 
_pdbx_validate_chiral.PDB_model_num 
_pdbx_validate_chiral.auth_atom_id 
_pdbx_validate_chiral.label_alt_id 
_pdbx_validate_chiral.auth_asym_id 
_pdbx_validate_chiral.auth_comp_id 
_pdbx_validate_chiral.auth_seq_id 
_pdbx_validate_chiral.PDB_ins_code 
_pdbx_validate_chiral.details 
_pdbx_validate_chiral.omega 
1 1 CAO ? A BQW 1201 ? PLANAR . 
2 1 CAP ? A BQW 1201 ? PLANAR . 
3 1 CAO ? A BQW 1202 ? PLANAR . 
4 1 CAP ? A BQW 1202 ? PLANAR . 
# 
_pdbx_struct_special_symmetry.id              1 
_pdbx_struct_special_symmetry.PDB_model_num   1 
_pdbx_struct_special_symmetry.auth_asym_id    A 
_pdbx_struct_special_symmetry.auth_comp_id    HOH 
_pdbx_struct_special_symmetry.auth_seq_id     1358 
_pdbx_struct_special_symmetry.PDB_ins_code    ? 
_pdbx_struct_special_symmetry.label_asym_id   E 
_pdbx_struct_special_symmetry.label_comp_id   HOH 
_pdbx_struct_special_symmetry.label_seq_id    . 
# 
loop_
_chem_comp_atom.comp_id 
_chem_comp_atom.atom_id 
_chem_comp_atom.type_symbol 
_chem_comp_atom.pdbx_aromatic_flag 
_chem_comp_atom.pdbx_stereo_config 
_chem_comp_atom.pdbx_ordinal 
ALA N    N N N 1   
ALA CA   C N S 2   
ALA C    C N N 3   
ALA O    O N N 4   
ALA CB   C N N 5   
ALA OXT  O N N 6   
ALA H    H N N 7   
ALA H2   H N N 8   
ALA HA   H N N 9   
ALA HB1  H N N 10  
ALA HB2  H N N 11  
ALA HB3  H N N 12  
ALA HXT  H N N 13  
ARG N    N N N 14  
ARG CA   C N S 15  
ARG C    C N N 16  
ARG O    O N N 17  
ARG CB   C N N 18  
ARG CG   C N N 19  
ARG CD   C N N 20  
ARG NE   N N N 21  
ARG CZ   C N N 22  
ARG NH1  N N N 23  
ARG NH2  N N N 24  
ARG OXT  O N N 25  
ARG H    H N N 26  
ARG H2   H N N 27  
ARG HA   H N N 28  
ARG HB2  H N N 29  
ARG HB3  H N N 30  
ARG HG2  H N N 31  
ARG HG3  H N N 32  
ARG HD2  H N N 33  
ARG HD3  H N N 34  
ARG HE   H N N 35  
ARG HH11 H N N 36  
ARG HH12 H N N 37  
ARG HH21 H N N 38  
ARG HH22 H N N 39  
ARG HXT  H N N 40  
ASN N    N N N 41  
ASN CA   C N S 42  
ASN C    C N N 43  
ASN O    O N N 44  
ASN CB   C N N 45  
ASN CG   C N N 46  
ASN OD1  O N N 47  
ASN ND2  N N N 48  
ASN OXT  O N N 49  
ASN H    H N N 50  
ASN H2   H N N 51  
ASN HA   H N N 52  
ASN HB2  H N N 53  
ASN HB3  H N N 54  
ASN HD21 H N N 55  
ASN HD22 H N N 56  
ASN HXT  H N N 57  
ASP N    N N N 58  
ASP CA   C N S 59  
ASP C    C N N 60  
ASP O    O N N 61  
ASP CB   C N N 62  
ASP CG   C N N 63  
ASP OD1  O N N 64  
ASP OD2  O N N 65  
ASP OXT  O N N 66  
ASP H    H N N 67  
ASP H2   H N N 68  
ASP HA   H N N 69  
ASP HB2  H N N 70  
ASP HB3  H N N 71  
ASP HD2  H N N 72  
ASP HXT  H N N 73  
BQW N    N N N 74  
BQW CA   C N R 75  
BQW C    C N N 76  
BQW O    O N N 77  
BQW CB   C N N 78  
BQW CAA  C N N 79  
BQW CAG  C N N 80  
BQW CAL  C N N 81  
BQW CAM  C N N 82  
BQW CAO  C N R 83  
BQW CAP  C N S 84  
BQW NAC  N N N 85  
BQW NAD  N N N 86  
BQW NAH  N N N 87  
BQW NAI  N N N 88  
BQW OAE  O N N 89  
BQW SAK  S N N 90  
BQW H1   H N N 91  
BQW H2   H N N 92  
BQW H3   H N N 93  
BQW H4   H N N 94  
BQW H5   H N N 95  
BQW H6   H N N 96  
BQW H7   H N N 97  
BQW H8   H N N 98  
BQW H9   H N N 99  
BQW H10  H N N 100 
BQW H11  H N N 101 
BQW H12  H N N 102 
BQW H13  H N N 103 
BQW H14  H N N 104 
BQW H15  H N N 105 
BQW H16  H N N 106 
BQW H17  H N N 107 
CYS N    N N N 108 
CYS CA   C N R 109 
CYS C    C N N 110 
CYS O    O N N 111 
CYS CB   C N N 112 
CYS SG   S N N 113 
CYS OXT  O N N 114 
CYS H    H N N 115 
CYS H2   H N N 116 
CYS HA   H N N 117 
CYS HB2  H N N 118 
CYS HB3  H N N 119 
CYS HG   H N N 120 
CYS HXT  H N N 121 
GLN N    N N N 122 
GLN CA   C N S 123 
GLN C    C N N 124 
GLN O    O N N 125 
GLN CB   C N N 126 
GLN CG   C N N 127 
GLN CD   C N N 128 
GLN OE1  O N N 129 
GLN NE2  N N N 130 
GLN OXT  O N N 131 
GLN H    H N N 132 
GLN H2   H N N 133 
GLN HA   H N N 134 
GLN HB2  H N N 135 
GLN HB3  H N N 136 
GLN HG2  H N N 137 
GLN HG3  H N N 138 
GLN HE21 H N N 139 
GLN HE22 H N N 140 
GLN HXT  H N N 141 
GLU N    N N N 142 
GLU CA   C N S 143 
GLU C    C N N 144 
GLU O    O N N 145 
GLU CB   C N N 146 
GLU CG   C N N 147 
GLU CD   C N N 148 
GLU OE1  O N N 149 
GLU OE2  O N N 150 
GLU OXT  O N N 151 
GLU H    H N N 152 
GLU H2   H N N 153 
GLU HA   H N N 154 
GLU HB2  H N N 155 
GLU HB3  H N N 156 
GLU HG2  H N N 157 
GLU HG3  H N N 158 
GLU HE2  H N N 159 
GLU HXT  H N N 160 
GLY N    N N N 161 
GLY CA   C N N 162 
GLY C    C N N 163 
GLY O    O N N 164 
GLY OXT  O N N 165 
GLY H    H N N 166 
GLY H2   H N N 167 
GLY HA2  H N N 168 
GLY HA3  H N N 169 
GLY HXT  H N N 170 
HIS N    N N N 171 
HIS CA   C N S 172 
HIS C    C N N 173 
HIS O    O N N 174 
HIS CB   C N N 175 
HIS CG   C Y N 176 
HIS ND1  N Y N 177 
HIS CD2  C Y N 178 
HIS CE1  C Y N 179 
HIS NE2  N Y N 180 
HIS OXT  O N N 181 
HIS H    H N N 182 
HIS H2   H N N 183 
HIS HA   H N N 184 
HIS HB2  H N N 185 
HIS HB3  H N N 186 
HIS HD1  H N N 187 
HIS HD2  H N N 188 
HIS HE1  H N N 189 
HIS HE2  H N N 190 
HIS HXT  H N N 191 
HOH O    O N N 192 
HOH H1   H N N 193 
HOH H2   H N N 194 
ILE N    N N N 195 
ILE CA   C N S 196 
ILE C    C N N 197 
ILE O    O N N 198 
ILE CB   C N S 199 
ILE CG1  C N N 200 
ILE CG2  C N N 201 
ILE CD1  C N N 202 
ILE OXT  O N N 203 
ILE H    H N N 204 
ILE H2   H N N 205 
ILE HA   H N N 206 
ILE HB   H N N 207 
ILE HG12 H N N 208 
ILE HG13 H N N 209 
ILE HG21 H N N 210 
ILE HG22 H N N 211 
ILE HG23 H N N 212 
ILE HD11 H N N 213 
ILE HD12 H N N 214 
ILE HD13 H N N 215 
ILE HXT  H N N 216 
LEU N    N N N 217 
LEU CA   C N S 218 
LEU C    C N N 219 
LEU O    O N N 220 
LEU CB   C N N 221 
LEU CG   C N N 222 
LEU CD1  C N N 223 
LEU CD2  C N N 224 
LEU OXT  O N N 225 
LEU H    H N N 226 
LEU H2   H N N 227 
LEU HA   H N N 228 
LEU HB2  H N N 229 
LEU HB3  H N N 230 
LEU HG   H N N 231 
LEU HD11 H N N 232 
LEU HD12 H N N 233 
LEU HD13 H N N 234 
LEU HD21 H N N 235 
LEU HD22 H N N 236 
LEU HD23 H N N 237 
LEU HXT  H N N 238 
LYS N    N N N 239 
LYS CA   C N S 240 
LYS C    C N N 241 
LYS O    O N N 242 
LYS CB   C N N 243 
LYS CG   C N N 244 
LYS CD   C N N 245 
LYS CE   C N N 246 
LYS NZ   N N N 247 
LYS OXT  O N N 248 
LYS H    H N N 249 
LYS H2   H N N 250 
LYS HA   H N N 251 
LYS HB2  H N N 252 
LYS HB3  H N N 253 
LYS HG2  H N N 254 
LYS HG3  H N N 255 
LYS HD2  H N N 256 
LYS HD3  H N N 257 
LYS HE2  H N N 258 
LYS HE3  H N N 259 
LYS HZ1  H N N 260 
LYS HZ2  H N N 261 
LYS HZ3  H N N 262 
LYS HXT  H N N 263 
MET N    N N N 264 
MET CA   C N S 265 
MET C    C N N 266 
MET O    O N N 267 
MET CB   C N N 268 
MET CG   C N N 269 
MET SD   S N N 270 
MET CE   C N N 271 
MET OXT  O N N 272 
MET H    H N N 273 
MET H2   H N N 274 
MET HA   H N N 275 
MET HB2  H N N 276 
MET HB3  H N N 277 
MET HG2  H N N 278 
MET HG3  H N N 279 
MET HE1  H N N 280 
MET HE2  H N N 281 
MET HE3  H N N 282 
MET HXT  H N N 283 
PHE N    N N N 284 
PHE CA   C N S 285 
PHE C    C N N 286 
PHE O    O N N 287 
PHE CB   C N N 288 
PHE CG   C Y N 289 
PHE CD1  C Y N 290 
PHE CD2  C Y N 291 
PHE CE1  C Y N 292 
PHE CE2  C Y N 293 
PHE CZ   C Y N 294 
PHE OXT  O N N 295 
PHE H    H N N 296 
PHE H2   H N N 297 
PHE HA   H N N 298 
PHE HB2  H N N 299 
PHE HB3  H N N 300 
PHE HD1  H N N 301 
PHE HD2  H N N 302 
PHE HE1  H N N 303 
PHE HE2  H N N 304 
PHE HZ   H N N 305 
PHE HXT  H N N 306 
PRO N    N N N 307 
PRO CA   C N S 308 
PRO C    C N N 309 
PRO O    O N N 310 
PRO CB   C N N 311 
PRO CG   C N N 312 
PRO CD   C N N 313 
PRO OXT  O N N 314 
PRO H    H N N 315 
PRO HA   H N N 316 
PRO HB2  H N N 317 
PRO HB3  H N N 318 
PRO HG2  H N N 319 
PRO HG3  H N N 320 
PRO HD2  H N N 321 
PRO HD3  H N N 322 
PRO HXT  H N N 323 
SER N    N N N 324 
SER CA   C N S 325 
SER C    C N N 326 
SER O    O N N 327 
SER CB   C N N 328 
SER OG   O N N 329 
SER OXT  O N N 330 
SER H    H N N 331 
SER H2   H N N 332 
SER HA   H N N 333 
SER HB2  H N N 334 
SER HB3  H N N 335 
SER HG   H N N 336 
SER HXT  H N N 337 
SO4 S    S N N 338 
SO4 O1   O N N 339 
SO4 O2   O N N 340 
SO4 O3   O N N 341 
SO4 O4   O N N 342 
THR N    N N N 343 
THR CA   C N S 344 
THR C    C N N 345 
THR O    O N N 346 
THR CB   C N R 347 
THR OG1  O N N 348 
THR CG2  C N N 349 
THR OXT  O N N 350 
THR H    H N N 351 
THR H2   H N N 352 
THR HA   H N N 353 
THR HB   H N N 354 
THR HG1  H N N 355 
THR HG21 H N N 356 
THR HG22 H N N 357 
THR HG23 H N N 358 
THR HXT  H N N 359 
TYR N    N N N 360 
TYR CA   C N S 361 
TYR C    C N N 362 
TYR O    O N N 363 
TYR CB   C N N 364 
TYR CG   C Y N 365 
TYR CD1  C Y N 366 
TYR CD2  C Y N 367 
TYR CE1  C Y N 368 
TYR CE2  C Y N 369 
TYR CZ   C Y N 370 
TYR OH   O N N 371 
TYR OXT  O N N 372 
TYR H    H N N 373 
TYR H2   H N N 374 
TYR HA   H N N 375 
TYR HB2  H N N 376 
TYR HB3  H N N 377 
TYR HD1  H N N 378 
TYR HD2  H N N 379 
TYR HE1  H N N 380 
TYR HE2  H N N 381 
TYR HH   H N N 382 
TYR HXT  H N N 383 
VAL N    N N N 384 
VAL CA   C N S 385 
VAL C    C N N 386 
VAL O    O N N 387 
VAL CB   C N N 388 
VAL CG1  C N N 389 
VAL CG2  C N N 390 
VAL OXT  O N N 391 
VAL H    H N N 392 
VAL H2   H N N 393 
VAL HA   H N N 394 
VAL HB   H N N 395 
VAL HG11 H N N 396 
VAL HG12 H N N 397 
VAL HG13 H N N 398 
VAL HG21 H N N 399 
VAL HG22 H N N 400 
VAL HG23 H N N 401 
VAL HXT  H N N 402 
# 
loop_
_chem_comp_bond.comp_id 
_chem_comp_bond.atom_id_1 
_chem_comp_bond.atom_id_2 
_chem_comp_bond.value_order 
_chem_comp_bond.pdbx_aromatic_flag 
_chem_comp_bond.pdbx_stereo_config 
_chem_comp_bond.pdbx_ordinal 
ALA N   CA   sing N N 1   
ALA N   H    sing N N 2   
ALA N   H2   sing N N 3   
ALA CA  C    sing N N 4   
ALA CA  CB   sing N N 5   
ALA CA  HA   sing N N 6   
ALA C   O    doub N N 7   
ALA C   OXT  sing N N 8   
ALA CB  HB1  sing N N 9   
ALA CB  HB2  sing N N 10  
ALA CB  HB3  sing N N 11  
ALA OXT HXT  sing N N 12  
ARG N   CA   sing N N 13  
ARG N   H    sing N N 14  
ARG N   H2   sing N N 15  
ARG CA  C    sing N N 16  
ARG CA  CB   sing N N 17  
ARG CA  HA   sing N N 18  
ARG C   O    doub N N 19  
ARG C   OXT  sing N N 20  
ARG CB  CG   sing N N 21  
ARG CB  HB2  sing N N 22  
ARG CB  HB3  sing N N 23  
ARG CG  CD   sing N N 24  
ARG CG  HG2  sing N N 25  
ARG CG  HG3  sing N N 26  
ARG CD  NE   sing N N 27  
ARG CD  HD2  sing N N 28  
ARG CD  HD3  sing N N 29  
ARG NE  CZ   sing N N 30  
ARG NE  HE   sing N N 31  
ARG CZ  NH1  sing N N 32  
ARG CZ  NH2  doub N N 33  
ARG NH1 HH11 sing N N 34  
ARG NH1 HH12 sing N N 35  
ARG NH2 HH21 sing N N 36  
ARG NH2 HH22 sing N N 37  
ARG OXT HXT  sing N N 38  
ASN N   CA   sing N N 39  
ASN N   H    sing N N 40  
ASN N   H2   sing N N 41  
ASN CA  C    sing N N 42  
ASN CA  CB   sing N N 43  
ASN CA  HA   sing N N 44  
ASN C   O    doub N N 45  
ASN C   OXT  sing N N 46  
ASN CB  CG   sing N N 47  
ASN CB  HB2  sing N N 48  
ASN CB  HB3  sing N N 49  
ASN CG  OD1  doub N N 50  
ASN CG  ND2  sing N N 51  
ASN ND2 HD21 sing N N 52  
ASN ND2 HD22 sing N N 53  
ASN OXT HXT  sing N N 54  
ASP N   CA   sing N N 55  
ASP N   H    sing N N 56  
ASP N   H2   sing N N 57  
ASP CA  C    sing N N 58  
ASP CA  CB   sing N N 59  
ASP CA  HA   sing N N 60  
ASP C   O    doub N N 61  
ASP C   OXT  sing N N 62  
ASP CB  CG   sing N N 63  
ASP CB  HB2  sing N N 64  
ASP CB  HB3  sing N N 65  
ASP CG  OD1  doub N N 66  
ASP CG  OD2  sing N N 67  
ASP OD2 HD2  sing N N 68  
ASP OXT HXT  sing N N 69  
BQW CAA CAM  sing N N 70  
BQW CAG SAK  sing N N 71  
BQW CAG CAO  sing N N 72  
BQW SAK CAP  sing N N 73  
BQW CAM CAO  sing N N 74  
BQW CAM OAE  doub N N 75  
BQW CAO NAH  sing N N 76  
BQW NAH CAP  sing N N 77  
BQW CAP NAI  sing N N 78  
BQW O   C    doub N N 79  
BQW NAI C    sing N N 80  
BQW CB  CA   sing N N 81  
BQW C   CA   sing N N 82  
BQW CA  N    sing N N 83  
BQW N   CAL  sing N N 84  
BQW CAL NAC  doub N N 85  
BQW CAL NAD  sing N N 86  
BQW N   H1   sing N N 87  
BQW CA  H2   sing N N 88  
BQW CB  H3   sing N N 89  
BQW CB  H4   sing N N 90  
BQW CB  H5   sing N N 91  
BQW CAA H6   sing N N 92  
BQW CAA H7   sing N N 93  
BQW CAA H8   sing N N 94  
BQW CAG H9   sing N N 95  
BQW NAC H10  sing N N 96  
BQW NAD H11  sing N N 97  
BQW NAD H12  sing N N 98  
BQW NAI H13  sing N N 99  
BQW CAG H14  sing N N 100 
BQW CAO H15  sing N N 101 
BQW CAP H16  sing N N 102 
BQW NAH H17  sing N N 103 
CYS N   CA   sing N N 104 
CYS N   H    sing N N 105 
CYS N   H2   sing N N 106 
CYS CA  C    sing N N 107 
CYS CA  CB   sing N N 108 
CYS CA  HA   sing N N 109 
CYS C   O    doub N N 110 
CYS C   OXT  sing N N 111 
CYS CB  SG   sing N N 112 
CYS CB  HB2  sing N N 113 
CYS CB  HB3  sing N N 114 
CYS SG  HG   sing N N 115 
CYS OXT HXT  sing N N 116 
GLN N   CA   sing N N 117 
GLN N   H    sing N N 118 
GLN N   H2   sing N N 119 
GLN CA  C    sing N N 120 
GLN CA  CB   sing N N 121 
GLN CA  HA   sing N N 122 
GLN C   O    doub N N 123 
GLN C   OXT  sing N N 124 
GLN CB  CG   sing N N 125 
GLN CB  HB2  sing N N 126 
GLN CB  HB3  sing N N 127 
GLN CG  CD   sing N N 128 
GLN CG  HG2  sing N N 129 
GLN CG  HG3  sing N N 130 
GLN CD  OE1  doub N N 131 
GLN CD  NE2  sing N N 132 
GLN NE2 HE21 sing N N 133 
GLN NE2 HE22 sing N N 134 
GLN OXT HXT  sing N N 135 
GLU N   CA   sing N N 136 
GLU N   H    sing N N 137 
GLU N   H2   sing N N 138 
GLU CA  C    sing N N 139 
GLU CA  CB   sing N N 140 
GLU CA  HA   sing N N 141 
GLU C   O    doub N N 142 
GLU C   OXT  sing N N 143 
GLU CB  CG   sing N N 144 
GLU CB  HB2  sing N N 145 
GLU CB  HB3  sing N N 146 
GLU CG  CD   sing N N 147 
GLU CG  HG2  sing N N 148 
GLU CG  HG3  sing N N 149 
GLU CD  OE1  doub N N 150 
GLU CD  OE2  sing N N 151 
GLU OE2 HE2  sing N N 152 
GLU OXT HXT  sing N N 153 
GLY N   CA   sing N N 154 
GLY N   H    sing N N 155 
GLY N   H2   sing N N 156 
GLY CA  C    sing N N 157 
GLY CA  HA2  sing N N 158 
GLY CA  HA3  sing N N 159 
GLY C   O    doub N N 160 
GLY C   OXT  sing N N 161 
GLY OXT HXT  sing N N 162 
HIS N   CA   sing N N 163 
HIS N   H    sing N N 164 
HIS N   H2   sing N N 165 
HIS CA  C    sing N N 166 
HIS CA  CB   sing N N 167 
HIS CA  HA   sing N N 168 
HIS C   O    doub N N 169 
HIS C   OXT  sing N N 170 
HIS CB  CG   sing N N 171 
HIS CB  HB2  sing N N 172 
HIS CB  HB3  sing N N 173 
HIS CG  ND1  sing Y N 174 
HIS CG  CD2  doub Y N 175 
HIS ND1 CE1  doub Y N 176 
HIS ND1 HD1  sing N N 177 
HIS CD2 NE2  sing Y N 178 
HIS CD2 HD2  sing N N 179 
HIS CE1 NE2  sing Y N 180 
HIS CE1 HE1  sing N N 181 
HIS NE2 HE2  sing N N 182 
HIS OXT HXT  sing N N 183 
HOH O   H1   sing N N 184 
HOH O   H2   sing N N 185 
ILE N   CA   sing N N 186 
ILE N   H    sing N N 187 
ILE N   H2   sing N N 188 
ILE CA  C    sing N N 189 
ILE CA  CB   sing N N 190 
ILE CA  HA   sing N N 191 
ILE C   O    doub N N 192 
ILE C   OXT  sing N N 193 
ILE CB  CG1  sing N N 194 
ILE CB  CG2  sing N N 195 
ILE CB  HB   sing N N 196 
ILE CG1 CD1  sing N N 197 
ILE CG1 HG12 sing N N 198 
ILE CG1 HG13 sing N N 199 
ILE CG2 HG21 sing N N 200 
ILE CG2 HG22 sing N N 201 
ILE CG2 HG23 sing N N 202 
ILE CD1 HD11 sing N N 203 
ILE CD1 HD12 sing N N 204 
ILE CD1 HD13 sing N N 205 
ILE OXT HXT  sing N N 206 
LEU N   CA   sing N N 207 
LEU N   H    sing N N 208 
LEU N   H2   sing N N 209 
LEU CA  C    sing N N 210 
LEU CA  CB   sing N N 211 
LEU CA  HA   sing N N 212 
LEU C   O    doub N N 213 
LEU C   OXT  sing N N 214 
LEU CB  CG   sing N N 215 
LEU CB  HB2  sing N N 216 
LEU CB  HB3  sing N N 217 
LEU CG  CD1  sing N N 218 
LEU CG  CD2  sing N N 219 
LEU CG  HG   sing N N 220 
LEU CD1 HD11 sing N N 221 
LEU CD1 HD12 sing N N 222 
LEU CD1 HD13 sing N N 223 
LEU CD2 HD21 sing N N 224 
LEU CD2 HD22 sing N N 225 
LEU CD2 HD23 sing N N 226 
LEU OXT HXT  sing N N 227 
LYS N   CA   sing N N 228 
LYS N   H    sing N N 229 
LYS N   H2   sing N N 230 
LYS CA  C    sing N N 231 
LYS CA  CB   sing N N 232 
LYS CA  HA   sing N N 233 
LYS C   O    doub N N 234 
LYS C   OXT  sing N N 235 
LYS CB  CG   sing N N 236 
LYS CB  HB2  sing N N 237 
LYS CB  HB3  sing N N 238 
LYS CG  CD   sing N N 239 
LYS CG  HG2  sing N N 240 
LYS CG  HG3  sing N N 241 
LYS CD  CE   sing N N 242 
LYS CD  HD2  sing N N 243 
LYS CD  HD3  sing N N 244 
LYS CE  NZ   sing N N 245 
LYS CE  HE2  sing N N 246 
LYS CE  HE3  sing N N 247 
LYS NZ  HZ1  sing N N 248 
LYS NZ  HZ2  sing N N 249 
LYS NZ  HZ3  sing N N 250 
LYS OXT HXT  sing N N 251 
MET N   CA   sing N N 252 
MET N   H    sing N N 253 
MET N   H2   sing N N 254 
MET CA  C    sing N N 255 
MET CA  CB   sing N N 256 
MET CA  HA   sing N N 257 
MET C   O    doub N N 258 
MET C   OXT  sing N N 259 
MET CB  CG   sing N N 260 
MET CB  HB2  sing N N 261 
MET CB  HB3  sing N N 262 
MET CG  SD   sing N N 263 
MET CG  HG2  sing N N 264 
MET CG  HG3  sing N N 265 
MET SD  CE   sing N N 266 
MET CE  HE1  sing N N 267 
MET CE  HE2  sing N N 268 
MET CE  HE3  sing N N 269 
MET OXT HXT  sing N N 270 
PHE N   CA   sing N N 271 
PHE N   H    sing N N 272 
PHE N   H2   sing N N 273 
PHE CA  C    sing N N 274 
PHE CA  CB   sing N N 275 
PHE CA  HA   sing N N 276 
PHE C   O    doub N N 277 
PHE C   OXT  sing N N 278 
PHE CB  CG   sing N N 279 
PHE CB  HB2  sing N N 280 
PHE CB  HB3  sing N N 281 
PHE CG  CD1  doub Y N 282 
PHE CG  CD2  sing Y N 283 
PHE CD1 CE1  sing Y N 284 
PHE CD1 HD1  sing N N 285 
PHE CD2 CE2  doub Y N 286 
PHE CD2 HD2  sing N N 287 
PHE CE1 CZ   doub Y N 288 
PHE CE1 HE1  sing N N 289 
PHE CE2 CZ   sing Y N 290 
PHE CE2 HE2  sing N N 291 
PHE CZ  HZ   sing N N 292 
PHE OXT HXT  sing N N 293 
PRO N   CA   sing N N 294 
PRO N   CD   sing N N 295 
PRO N   H    sing N N 296 
PRO CA  C    sing N N 297 
PRO CA  CB   sing N N 298 
PRO CA  HA   sing N N 299 
PRO C   O    doub N N 300 
PRO C   OXT  sing N N 301 
PRO CB  CG   sing N N 302 
PRO CB  HB2  sing N N 303 
PRO CB  HB3  sing N N 304 
PRO CG  CD   sing N N 305 
PRO CG  HG2  sing N N 306 
PRO CG  HG3  sing N N 307 
PRO CD  HD2  sing N N 308 
PRO CD  HD3  sing N N 309 
PRO OXT HXT  sing N N 310 
SER N   CA   sing N N 311 
SER N   H    sing N N 312 
SER N   H2   sing N N 313 
SER CA  C    sing N N 314 
SER CA  CB   sing N N 315 
SER CA  HA   sing N N 316 
SER C   O    doub N N 317 
SER C   OXT  sing N N 318 
SER CB  OG   sing N N 319 
SER CB  HB2  sing N N 320 
SER CB  HB3  sing N N 321 
SER OG  HG   sing N N 322 
SER OXT HXT  sing N N 323 
SO4 S   O1   doub N N 324 
SO4 S   O2   doub N N 325 
SO4 S   O3   sing N N 326 
SO4 S   O4   sing N N 327 
THR N   CA   sing N N 328 
THR N   H    sing N N 329 
THR N   H2   sing N N 330 
THR CA  C    sing N N 331 
THR CA  CB   sing N N 332 
THR CA  HA   sing N N 333 
THR C   O    doub N N 334 
THR C   OXT  sing N N 335 
THR CB  OG1  sing N N 336 
THR CB  CG2  sing N N 337 
THR CB  HB   sing N N 338 
THR OG1 HG1  sing N N 339 
THR CG2 HG21 sing N N 340 
THR CG2 HG22 sing N N 341 
THR CG2 HG23 sing N N 342 
THR OXT HXT  sing N N 343 
TYR N   CA   sing N N 344 
TYR N   H    sing N N 345 
TYR N   H2   sing N N 346 
TYR CA  C    sing N N 347 
TYR CA  CB   sing N N 348 
TYR CA  HA   sing N N 349 
TYR C   O    doub N N 350 
TYR C   OXT  sing N N 351 
TYR CB  CG   sing N N 352 
TYR CB  HB2  sing N N 353 
TYR CB  HB3  sing N N 354 
TYR CG  CD1  doub Y N 355 
TYR CG  CD2  sing Y N 356 
TYR CD1 CE1  sing Y N 357 
TYR CD1 HD1  sing N N 358 
TYR CD2 CE2  doub Y N 359 
TYR CD2 HD2  sing N N 360 
TYR CE1 CZ   doub Y N 361 
TYR CE1 HE1  sing N N 362 
TYR CE2 CZ   sing Y N 363 
TYR CE2 HE2  sing N N 364 
TYR CZ  OH   sing N N 365 
TYR OH  HH   sing N N 366 
TYR OXT HXT  sing N N 367 
VAL N   CA   sing N N 368 
VAL N   H    sing N N 369 
VAL N   H2   sing N N 370 
VAL CA  C    sing N N 371 
VAL CA  CB   sing N N 372 
VAL CA  HA   sing N N 373 
VAL C   O    doub N N 374 
VAL C   OXT  sing N N 375 
VAL CB  CG1  sing N N 376 
VAL CB  CG2  sing N N 377 
VAL CB  HB   sing N N 378 
VAL CG1 HG11 sing N N 379 
VAL CG1 HG12 sing N N 380 
VAL CG1 HG13 sing N N 381 
VAL CG2 HG21 sing N N 382 
VAL CG2 HG22 sing N N 383 
VAL CG2 HG23 sing N N 384 
VAL OXT HXT  sing N N 385 
# 
_pdbx_entity_instance_feature.ordinal        1 
_pdbx_entity_instance_feature.comp_id        BQW 
_pdbx_entity_instance_feature.asym_id        ? 
_pdbx_entity_instance_feature.seq_num        ? 
_pdbx_entity_instance_feature.auth_comp_id   BQW 
_pdbx_entity_instance_feature.auth_asym_id   ? 
_pdbx_entity_instance_feature.auth_seq_num   ? 
_pdbx_entity_instance_feature.feature_type   'SUBJECT OF INVESTIGATION' 
_pdbx_entity_instance_feature.details        ? 
# 
_atom_sites.entry_id                    6EPX 
_atom_sites.fract_transf_matrix[1][1]   0.00216982 
_atom_sites.fract_transf_matrix[1][2]   0.01253800 
_atom_sites.fract_transf_matrix[1][3]   0.00697532 
_atom_sites.fract_transf_matrix[2][1]   -0.01126162 
_atom_sites.fract_transf_matrix[2][2]   0.00858982 
_atom_sites.fract_transf_matrix[2][3]   0.00315597 
_atom_sites.fract_transf_matrix[3][1]   -0.00080748 
_atom_sites.fract_transf_matrix[3][2]   -0.00338917 
_atom_sites.fract_transf_matrix[3][3]   0.00634316 
_atom_sites.fract_transf_vector[1]      0.135287 
_atom_sites.fract_transf_vector[2]      0.596083 
_atom_sites.fract_transf_vector[3]      0.026473 
# 
loop_
_atom_type.symbol 
C 
N 
O 
S 
# 
loop_
_atom_site.group_PDB 
_atom_site.id 
_atom_site.type_symbol 
_atom_site.label_atom_id 
_atom_site.label_alt_id 
_atom_site.label_comp_id 
_atom_site.label_asym_id 
_atom_site.label_entity_id 
_atom_site.label_seq_id 
_atom_site.pdbx_PDB_ins_code 
_atom_site.Cartn_x 
_atom_site.Cartn_y 
_atom_site.Cartn_z 
_atom_site.occupancy 
_atom_site.B_iso_or_equiv 
_atom_site.pdbx_formal_charge 
_atom_site.auth_seq_id 
_atom_site.auth_comp_id 
_atom_site.auth_asym_id 
_atom_site.auth_atom_id 
_atom_site.pdbx_PDB_model_num 
ATOM   1    N N   . SER A 1 1   ? 13.148  22.910  6.187   1.00 54.21 ? 979  SER A N   1 
ATOM   2    C CA  . SER A 1 1   ? 13.339  23.999  5.234   1.00 58.13 ? 979  SER A CA  1 
ATOM   3    C C   . SER A 1 1   ? 12.384  23.881  4.048   1.00 58.11 ? 979  SER A C   1 
ATOM   4    O O   . SER A 1 1   ? 11.688  22.876  3.899   1.00 57.24 ? 979  SER A O   1 
ATOM   5    C CB  . SER A 1 1   ? 14.781  24.019  4.730   1.00 63.84 ? 979  SER A CB  1 
ATOM   6    O OG  . SER A 1 1   ? 14.978  23.007  3.757   1.00 57.89 ? 979  SER A OG  1 
ATOM   7    N N   . MET A 1 2   ? 12.371  24.912  3.196   1.00 55.98 ? 980  MET A N   1 
ATOM   8    C CA  . MET A 1 2   ? 11.533  24.879  2.002   1.00 57.92 ? 980  MET A CA  1 
ATOM   9    C C   . MET A 1 2   ? 11.967  23.768  1.051   1.00 55.60 ? 980  MET A C   1 
ATOM   10   O O   . MET A 1 2   ? 11.120  23.063  0.487   1.00 53.29 ? 980  MET A O   1 
ATOM   11   C CB  . MET A 1 2   ? 11.568  26.237  1.297   1.00 63.55 ? 980  MET A CB  1 
ATOM   12   N N   . GLN A 1 3   ? 13.280  23.599  0.855   1.00 53.24 ? 981  GLN A N   1 
ATOM   13   C CA  . GLN A 1 3   ? 13.771  22.512  0.011   1.00 56.43 ? 981  GLN A CA  1 
ATOM   14   C C   . GLN A 1 3   ? 13.353  21.148  0.553   1.00 52.16 ? 981  GLN A C   1 
ATOM   15   O O   . GLN A 1 3   ? 13.057  20.234  -0.225  1.00 48.23 ? 981  GLN A O   1 
ATOM   16   C CB  . GLN A 1 3   ? 15.294  22.585  -0.124  1.00 52.53 ? 981  GLN A CB  1 
ATOM   17   C CG  . GLN A 1 3   ? 15.779  23.546  -1.212  1.00 61.09 ? 981  GLN A CG  1 
ATOM   18   N N   . GLU A 1 4   ? 13.319  20.991  1.876   1.00 46.80 ? 982  GLU A N   1 
ATOM   19   C CA  . GLU A 1 4   ? 12.879  19.726  2.455   1.00 45.62 ? 982  GLU A CA  1 
ATOM   20   C C   . GLU A 1 4   ? 11.390  19.495  2.203   1.00 45.72 ? 982  GLU A C   1 
ATOM   21   O O   . GLU A 1 4   ? 10.977  18.374  1.868   1.00 36.90 ? 982  GLU A O   1 
ATOM   22   C CB  . GLU A 1 4   ? 13.217  19.703  3.951   1.00 48.09 ? 982  GLU A CB  1 
ATOM   23   C CG  . GLU A 1 4   ? 14.732  19.560  4.190   1.00 45.21 ? 982  GLU A CG  1 
ATOM   24   C CD  . GLU A 1 4   ? 15.134  19.577  5.656   1.00 56.71 ? 982  GLU A CD  1 
ATOM   25   O OE1 . GLU A 1 4   ? 14.290  19.942  6.508   1.00 53.77 ? 982  GLU A OE1 1 
ATOM   26   O OE2 . GLU A 1 4   ? 16.307  19.239  5.947   1.00 48.44 ? 982  GLU A OE2 1 
ATOM   27   N N   . GLU A 1 5   ? 10.569  20.543  2.333   1.00 41.78 ? 983  GLU A N   1 
ATOM   28   C CA  . GLU A 1 5   ? 9.143   20.401  2.039   1.00 45.64 ? 983  GLU A CA  1 
ATOM   29   C C   . GLU A 1 5   ? 8.906   20.085  0.564   1.00 41.11 ? 983  GLU A C   1 
ATOM   30   O O   . GLU A 1 5   ? 7.976   19.340  0.227   1.00 34.96 ? 983  GLU A O   1 
ATOM   31   C CB  . GLU A 1 5   ? 8.386   21.669  2.438   1.00 45.88 ? 983  GLU A CB  1 
ATOM   32   C CG  . GLU A 1 5   ? 8.327   21.908  3.930   1.00 52.88 ? 983  GLU A CG  1 
ATOM   33   C CD  . GLU A 1 5   ? 7.975   20.655  4.706   1.00 63.83 ? 983  GLU A CD  1 
ATOM   34   O OE1 . GLU A 1 5   ? 8.763   20.270  5.597   1.00 65.06 ? 983  GLU A OE1 1 
ATOM   35   O OE2 . GLU A 1 5   ? 6.915   20.047  4.418   1.00 65.83 ? 983  GLU A OE2 1 
ATOM   36   N N   . ASP A 1 6   ? 9.719   20.663  -0.330  1.00 37.95 ? 984  ASP A N   1 
ATOM   37   C CA  . ASP A 1 6   ? 9.634   20.307  -1.746  1.00 39.40 ? 984  ASP A CA  1 
ATOM   38   C C   . ASP A 1 6   ? 9.899   18.820  -1.958  1.00 40.01 ? 984  ASP A C   1 
ATOM   39   O O   . ASP A 1 6   ? 9.279   18.187  -2.823  1.00 31.48 ? 984  ASP A O   1 
ATOM   40   C CB  . ASP A 1 6   ? 10.638  21.116  -2.572  1.00 41.89 ? 984  ASP A CB  1 
ATOM   41   C CG  . ASP A 1 6   ? 10.273  22.585  -2.673  1.00 49.15 ? 984  ASP A CG  1 
ATOM   42   O OD1 . ASP A 1 6   ? 9.095   22.935  -2.446  1.00 49.28 ? 984  ASP A OD1 1 
ATOM   43   O OD2 . ASP A 1 6   ? 11.174  23.388  -2.991  1.00 54.94 ? 984  ASP A OD2 1 
ATOM   44   N N   . THR A 1 7   ? 10.855  18.261  -1.206  1.00 34.50 ? 985  THR A N   1 
ATOM   45   C CA  . THR A 1 7   ? 11.189  16.847  -1.344  1.00 34.05 ? 985  THR A CA  1 
ATOM   46   C C   . THR A 1 7   ? 10.012  15.973  -0.925  1.00 33.03 ? 985  THR A C   1 
ATOM   47   O O   . THR A 1 7   ? 9.649   15.021  -1.622  1.00 28.76 ? 985  THR A O   1 
ATOM   48   C CB  . THR A 1 7   ? 12.437  16.517  -0.515  1.00 36.06 ? 985  THR A CB  1 
ATOM   49   O OG1 . THR A 1 7   ? 13.557  17.286  -0.986  1.00 39.95 ? 985  THR A OG1 1 
ATOM   50   C CG2 . THR A 1 7   ? 12.779  15.041  -0.630  1.00 31.96 ? 985  THR A CG2 1 
ATOM   51   N N   . PHE A 1 8   ? 9.401   16.279  0.218   1.00 30.66 ? 986  PHE A N   1 
ATOM   52   C CA  . PHE A 1 8   ? 8.248   15.489  0.638   1.00 32.28 ? 986  PHE A CA  1 
ATOM   53   C C   . PHE A 1 8   ? 7.068   15.678  -0.304  1.00 31.02 ? 986  PHE A C   1 
ATOM   54   O O   . PHE A 1 8   ? 6.301   14.738  -0.521  1.00 29.80 ? 986  PHE A O   1 
ATOM   55   C CB  . PHE A 1 8   ? 7.856   15.847  2.068   1.00 32.61 ? 986  PHE A CB  1 
ATOM   56   C CG  . PHE A 1 8   ? 8.875   15.414  3.087   1.00 39.16 ? 986  PHE A CG  1 
ATOM   57   C CD1 . PHE A 1 8   ? 9.468   14.160  2.997   1.00 43.35 ? 986  PHE A CD1 1 
ATOM   58   C CD2 . PHE A 1 8   ? 9.261   16.261  4.103   1.00 47.22 ? 986  PHE A CD2 1 
ATOM   59   C CE1 . PHE A 1 8   ? 10.413  13.746  3.923   1.00 46.11 ? 986  PHE A CE1 1 
ATOM   60   C CE2 . PHE A 1 8   ? 10.209  15.852  5.044   1.00 44.10 ? 986  PHE A CE2 1 
ATOM   61   C CZ  . PHE A 1 8   ? 10.785  14.600  4.944   1.00 43.84 ? 986  PHE A CZ  1 
ATOM   62   N N   . ARG A 1 9   ? 6.896   16.872  -0.880  1.00 29.49 ? 987  ARG A N   1 
ATOM   63   C CA  . ARG A 1 9   ? 5.814   17.032  -1.847  1.00 32.36 ? 987  ARG A CA  1 
ATOM   64   C C   . ARG A 1 9   ? 6.047   16.179  -3.090  1.00 30.01 ? 987  ARG A C   1 
ATOM   65   O O   . ARG A 1 9   ? 5.104   15.560  -3.608  1.00 27.92 ? 987  ARG A O   1 
ATOM   66   C CB  . ARG A 1 9   ? 5.640   18.497  -2.237  1.00 34.08 ? 987  ARG A CB  1 
ATOM   67   C CG  . ARG A 1 9   ? 4.475   18.667  -3.196  1.00 37.19 ? 987  ARG A CG  1 
ATOM   68   C CD  . ARG A 1 9   ? 4.020   20.103  -3.321  1.00 39.20 ? 987  ARG A CD  1 
ATOM   69   N NE  . ARG A 1 9   ? 2.822   20.165  -4.154  1.00 50.36 ? 987  ARG A NE  1 
ATOM   70   C CZ  . ARG A 1 9   ? 2.819   20.531  -5.432  1.00 45.10 ? 987  ARG A CZ  1 
ATOM   71   N NH1 . ARG A 1 9   ? 3.956   20.870  -6.041  1.00 43.80 ? 987  ARG A NH1 1 
ATOM   72   N NH2 . ARG A 1 9   ? 1.679   20.553  -6.104  1.00 39.52 ? 987  ARG A NH2 1 
ATOM   73   N N   . GLU A 1 10  ? 7.289   16.139  -3.594  1.00 27.62 ? 988  GLU A N   1 
ATOM   74   C CA  . GLU A 1 10  ? 7.582   15.267  -4.728  1.00 27.66 ? 988  GLU A CA  1 
ATOM   75   C C   . GLU A 1 10  ? 7.291   13.809  -4.391  1.00 29.99 ? 988  GLU A C   1 
ATOM   76   O O   . GLU A 1 10  ? 6.724   13.073  -5.214  1.00 28.48 ? 988  GLU A O   1 
ATOM   77   C CB  . GLU A 1 10  ? 9.034   15.421  -5.174  1.00 27.77 ? 988  GLU A CB  1 
ATOM   78   C CG  . GLU A 1 10  ? 9.363   14.474  -6.315  1.00 30.69 ? 988  GLU A CG  1 
ATOM   79   C CD  . GLU A 1 10  ? 10.654  14.806  -7.024  1.00 40.82 ? 988  GLU A CD  1 
ATOM   80   O OE1 . GLU A 1 10  ? 11.076  13.995  -7.877  1.00 36.67 ? 988  GLU A OE1 1 
ATOM   81   O OE2 . GLU A 1 10  ? 11.236  15.872  -6.740  1.00 41.38 ? 988  GLU A OE2 1 
ATOM   82   N N   . LEU A 1 11  ? 7.646   13.383  -3.174  1.00 27.89 ? 989  LEU A N   1 
ATOM   83   C CA  . LEU A 1 11  ? 7.342   12.017  -2.747  1.00 27.51 ? 989  LEU A CA  1 
ATOM   84   C C   . LEU A 1 11  ? 5.837   11.753  -2.763  1.00 27.76 ? 989  LEU A C   1 
ATOM   85   O O   . LEU A 1 11  ? 5.392   10.708  -3.250  1.00 27.71 ? 989  LEU A O   1 
ATOM   86   C CB  . LEU A 1 11  ? 7.927   11.751  -1.347  1.00 29.32 ? 989  LEU A CB  1 
ATOM   87   C CG  . LEU A 1 11  ? 7.511   10.393  -0.743  1.00 29.07 ? 989  LEU A CG  1 
ATOM   88   C CD1 . LEU A 1 11  ? 8.073   9.239   -1.581  1.00 31.12 ? 989  LEU A CD1 1 
ATOM   89   C CD2 . LEU A 1 11  ? 7.948   10.288  0.719   1.00 31.97 ? 989  LEU A CD2 1 
ATOM   90   N N   . ARG A 1 12  ? 5.029   12.693  -2.245  1.00 27.68 ? 990  ARG A N   1 
ATOM   91   C CA  . ARG A 1 12  ? 3.576   12.503  -2.260  1.00 29.11 ? 990  ARG A CA  1 
ATOM   92   C C   . ARG A 1 12  ? 3.034   12.378  -3.681  1.00 28.33 ? 990  ARG A C   1 
ATOM   93   O O   . ARG A 1 12  ? 2.165   11.538  -3.945  1.00 25.79 ? 990  ARG A O   1 
ATOM   94   C CB  . ARG A 1 12  ? 2.866   13.651  -1.525  1.00 28.10 ? 990  ARG A CB  1 
ATOM   95   C CG  . ARG A 1 12  ? 3.171   13.690  -0.026  1.00 28.56 ? 990  ARG A CG  1 
ATOM   96   C CD  . ARG A 1 12  ? 2.216   14.654  0.686   1.00 30.54 ? 990  ARG A CD  1 
ATOM   97   N NE  . ARG A 1 12  ? 2.367   16.051  0.252   1.00 32.05 ? 990  ARG A NE  1 
ATOM   98   C CZ  . ARG A 1 12  ? 3.232   16.912  0.795   1.00 35.64 ? 990  ARG A CZ  1 
ATOM   99   N NH1 . ARG A 1 12  ? 4.056   16.517  1.754   1.00 32.03 ? 990  ARG A NH1 1 
ATOM   100  N NH2 . ARG A 1 12  ? 3.295   18.166  0.363   1.00 35.84 ? 990  ARG A NH2 1 
ATOM   101  N N   . ILE A 1 13  ? 3.525   13.209  -4.606  1.00 27.58 ? 991  ILE A N   1 
ATOM   102  C CA  . ILE A 1 13  ? 3.107   13.124  -6.008  1.00 27.66 ? 991  ILE A CA  1 
ATOM   103  C C   . ILE A 1 13  ? 3.428   11.747  -6.585  1.00 29.82 ? 991  ILE A C   1 
ATOM   104  O O   . ILE A 1 13  ? 2.595   11.126  -7.262  1.00 27.38 ? 991  ILE A O   1 
ATOM   105  C CB  . ILE A 1 13  ? 3.770   14.248  -6.831  1.00 27.62 ? 991  ILE A CB  1 
ATOM   106  C CG1 . ILE A 1 13  ? 3.205   15.599  -6.385  1.00 29.34 ? 991  ILE A CG1 1 
ATOM   107  C CG2 . ILE A 1 13  ? 3.529   14.061  -8.330  1.00 27.89 ? 991  ILE A CG2 1 
ATOM   108  C CD1 . ILE A 1 13  ? 4.037   16.765  -6.854  1.00 31.01 ? 991  ILE A CD1 1 
ATOM   109  N N   . PHE A 1 14  ? 4.646   11.264  -6.337  1.00 25.98 ? 992  PHE A N   1 
ATOM   110  C CA  . PHE A 1 14  ? 5.039   9.936   -6.803  1.00 29.97 ? 992  PHE A CA  1 
ATOM   111  C C   . PHE A 1 14  ? 4.140   8.857   -6.203  1.00 29.37 ? 992  PHE A C   1 
ATOM   112  O O   . PHE A 1 14  ? 3.650   7.976   -6.922  1.00 26.77 ? 992  PHE A O   1 
ATOM   113  C CB  . PHE A 1 14  ? 6.498   9.674   -6.442  1.00 29.50 ? 992  PHE A CB  1 
ATOM   114  C CG  . PHE A 1 14  ? 6.950   8.277   -6.738  1.00 30.46 ? 992  PHE A CG  1 
ATOM   115  C CD1 . PHE A 1 14  ? 7.195   7.877   -8.044  1.00 33.52 ? 992  PHE A CD1 1 
ATOM   116  C CD2 . PHE A 1 14  ? 7.158   7.374   -5.710  1.00 33.78 ? 992  PHE A CD2 1 
ATOM   117  C CE1 . PHE A 1 14  ? 7.622   6.581   -8.322  1.00 34.43 ? 992  PHE A CE1 1 
ATOM   118  C CE2 . PHE A 1 14  ? 7.596   6.081   -5.979  1.00 36.36 ? 992  PHE A CE2 1 
ATOM   119  C CZ  . PHE A 1 14  ? 7.824   5.691   -7.287  1.00 31.02 ? 992  PHE A CZ  1 
ATOM   120  N N   . LEU A 1 15  ? 3.902   8.918   -4.882  1.00 26.64 ? 993  LEU A N   1 
ATOM   121  C CA  . LEU A 1 15  ? 3.101   7.879   -4.223  1.00 25.45 ? 993  LEU A CA  1 
ATOM   122  C C   . LEU A 1 15  ? 1.650   7.896   -4.700  1.00 26.42 ? 993  LEU A C   1 
ATOM   123  O O   . LEU A 1 15  ? 1.008   6.836   -4.795  1.00 27.32 ? 993  LEU A O   1 
ATOM   124  C CB  . LEU A 1 15  ? 3.156   8.046   -2.696  1.00 25.79 ? 993  LEU A CB  1 
ATOM   125  C CG  . LEU A 1 15  ? 4.522   7.819   -2.045  1.00 26.78 ? 993  LEU A CG  1 
ATOM   126  C CD1 . LEU A 1 15  ? 4.453   8.005   -0.516  1.00 29.76 ? 993  LEU A CD1 1 
ATOM   127  C CD2 . LEU A 1 15  ? 5.060   6.418   -2.428  1.00 28.21 ? 993  LEU A CD2 1 
ATOM   128  N N   . ARG A 1 16  ? 1.092   9.083   -4.946  1.00 24.28 ? 994  ARG A N   1 
ATOM   129  C CA  . ARG A 1 16  ? -0.260  9.150   -5.498  1.00 27.55 ? 994  ARG A CA  1 
ATOM   130  C C   . ARG A 1 16  ? -0.317  8.465   -6.851  1.00 27.98 ? 994  ARG A C   1 
ATOM   131  O O   . ARG A 1 16  ? -1.297  7.786   -7.182  1.00 27.27 ? 994  ARG A O   1 
ATOM   132  C CB  . ARG A 1 16  ? -0.720  10.607  -5.658  1.00 31.98 ? 994  ARG A CB  1 
ATOM   133  C CG  . ARG A 1 16  ? -1.297  11.219  -4.395  1.00 32.52 ? 994  ARG A CG  1 
ATOM   134  C CD  . ARG A 1 16  ? -1.891  12.623  -4.653  1.00 33.07 ? 994  ARG A CD  1 
ATOM   135  N NE  . ARG A 1 16  ? -1.814  13.396  -3.417  1.00 33.85 ? 994  ARG A NE  1 
ATOM   136  C CZ  . ARG A 1 16  ? -0.901  14.321  -3.161  1.00 38.24 ? 994  ARG A CZ  1 
ATOM   137  N NH1 . ARG A 1 16  ? 0.009   14.638  -4.077  1.00 33.60 ? 994  ARG A NH1 1 
ATOM   138  N NH2 . ARG A 1 16  ? -0.902  14.930  -1.976  1.00 37.08 ? 994  ARG A NH2 1 
ATOM   139  N N   . ASN A 1 17  ? 0.717   8.662   -7.660  1.00 24.57 ? 995  ASN A N   1 
ATOM   140  C CA  . ASN A 1 17  ? 0.723   8.082   -8.998  1.00 27.87 ? 995  ASN A CA  1 
ATOM   141  C C   . ASN A 1 17  ? 0.805   6.561   -8.940  1.00 26.20 ? 995  ASN A C   1 
ATOM   142  O O   . ASN A 1 17  ? 0.044   5.869   -9.618  1.00 27.60 ? 995  ASN A O   1 
ATOM   143  C CB  . ASN A 1 17  ? 1.875   8.668   -9.815  1.00 28.74 ? 995  ASN A CB  1 
ATOM   144  C CG  . ASN A 1 17  ? 2.003   7.997   -11.166 1.00 32.58 ? 995  ASN A CG  1 
ATOM   145  O OD1 . ASN A 1 17  ? 2.846   7.135   -11.352 1.00 31.97 ? 995  ASN A OD1 1 
ATOM   146  N ND2 . ASN A 1 17  ? 1.121   8.354   -12.098 1.00 38.05 ? 995  ASN A ND2 1 
ATOM   147  N N   . VAL A 1 18  ? 1.711   6.025   -8.122  1.00 25.32 ? 996  VAL A N   1 
ATOM   148  C CA  . VAL A 1 18  ? 1.790   4.574   -7.935  1.00 26.19 ? 996  VAL A CA  1 
ATOM   149  C C   . VAL A 1 18  ? 0.453   4.027   -7.445  1.00 27.27 ? 996  VAL A C   1 
ATOM   150  O O   . VAL A 1 18  ? -0.061  3.020   -7.960  1.00 25.43 ? 996  VAL A O   1 
ATOM   151  C CB  . VAL A 1 18  ? 2.923   4.221   -6.952  1.00 26.56 ? 996  VAL A CB  1 
ATOM   152  C CG1 . VAL A 1 18  ? 2.955   2.700   -6.674  1.00 28.50 ? 996  VAL A CG1 1 
ATOM   153  C CG2 . VAL A 1 18  ? 4.277   4.726   -7.492  1.00 25.61 ? 996  VAL A CG2 1 
ATOM   154  N N   . THR A 1 19  ? -0.121  4.667   -6.427  1.00 24.06 ? 997  THR A N   1 
ATOM   155  C CA  . THR A 1 19  ? -1.353  4.155   -5.831  1.00 24.39 ? 997  THR A CA  1 
ATOM   156  C C   . THR A 1 19  ? -2.497  4.172   -6.833  1.00 26.92 ? 997  THR A C   1 
ATOM   157  O O   . THR A 1 19  ? -3.305  3.237   -6.877  1.00 27.04 ? 997  THR A O   1 
ATOM   158  C CB  . THR A 1 19  ? -1.725  4.964   -4.590  1.00 26.96 ? 997  THR A CB  1 
ATOM   159  O OG1 . THR A 1 19  ? -0.596  5.039   -3.716  1.00 27.67 ? 997  THR A OG1 1 
ATOM   160  C CG2 . THR A 1 19  ? -2.891  4.295   -3.851  1.00 28.54 ? 997  THR A CG2 1 
ATOM   161  N N   . HIS A 1 20  ? -2.594  5.243   -7.624  1.00 24.84 ? 998  HIS A N   1 
ATOM   162  C CA  . HIS A 1 20  ? -3.612  5.313   -8.663  1.00 26.21 ? 998  HIS A CA  1 
ATOM   163  C C   . HIS A 1 20  ? -3.461  4.167   -9.663  1.00 27.60 ? 998  HIS A C   1 
ATOM   164  O O   . HIS A 1 20  ? -4.449  3.535   -10.047 1.00 28.13 ? 998  HIS A O   1 
ATOM   165  C CB  . HIS A 1 20  ? -3.532  6.672   -9.376  1.00 31.38 ? 998  HIS A CB  1 
ATOM   166  C CG  . HIS A 1 20  ? -4.562  6.847   -10.449 1.00 33.95 ? 998  HIS A CG  1 
ATOM   167  N ND1 . HIS A 1 20  ? -4.244  6.856   -11.792 1.00 40.11 ? 998  HIS A ND1 1 
ATOM   168  C CD2 . HIS A 1 20  ? -5.906  7.013   -10.377 1.00 31.43 ? 998  HIS A CD2 1 
ATOM   169  C CE1 . HIS A 1 20  ? -5.348  7.019   -12.503 1.00 36.97 ? 998  HIS A CE1 1 
ATOM   170  N NE2 . HIS A 1 20  ? -6.370  7.123   -11.668 1.00 42.62 ? 998  HIS A NE2 1 
ATOM   171  N N   . ARG A 1 21  ? -2.228  3.872   -10.088 1.00 27.17 ? 999  ARG A N   1 
ATOM   172  C CA  . ARG A 1 21  ? -2.034  2.774   -11.036 1.00 27.92 ? 999  ARG A CA  1 
ATOM   173  C C   . ARG A 1 21  ? -2.419  1.427   -10.436 1.00 30.05 ? 999  ARG A C   1 
ATOM   174  O O   . ARG A 1 21  ? -2.934  0.559   -11.153 1.00 29.17 ? 999  ARG A O   1 
ATOM   175  C CB  . ARG A 1 21  ? -0.590  2.760   -11.531 1.00 27.76 ? 999  ARG A CB  1 
ATOM   176  C CG  . ARG A 1 21  ? -0.338  3.888   -12.541 1.00 30.73 ? 999  ARG A CG  1 
ATOM   177  C CD  . ARG A 1 21  ? 1.107   4.400   -12.457 1.00 30.20 ? 999  ARG A CD  1 
ATOM   178  N NE  . ARG A 1 21  ? 2.045   3.439   -13.006 1.00 32.72 ? 999  ARG A NE  1 
ATOM   179  C CZ  . ARG A 1 21  ? 3.365   3.562   -12.920 1.00 33.09 ? 999  ARG A CZ  1 
ATOM   180  N NH1 . ARG A 1 21  ? 3.905   4.613   -12.305 1.00 30.19 ? 999  ARG A NH1 1 
ATOM   181  N NH2 . ARG A 1 21  ? 4.145   2.637   -13.458 1.00 30.83 ? 999  ARG A NH2 1 
ATOM   182  N N   . LEU A 1 22  ? -2.217  1.237   -9.130  1.00 25.40 ? 1000 LEU A N   1 
ATOM   183  C CA  . LEU A 1 22  ? -2.693  0.007   -8.495  1.00 27.06 ? 1000 LEU A CA  1 
ATOM   184  C C   . LEU A 1 22  ? -4.212  -0.007  -8.417  1.00 30.87 ? 1000 LEU A C   1 
ATOM   185  O O   . LEU A 1 22  ? -4.842  -1.032  -8.704  1.00 31.32 ? 1000 LEU A O   1 
ATOM   186  C CB  . LEU A 1 22  ? -2.100  -0.147  -7.093  1.00 27.52 ? 1000 LEU A CB  1 
ATOM   187  C CG  . LEU A 1 22  ? -0.577  -0.171  -6.986  1.00 28.40 ? 1000 LEU A CG  1 
ATOM   188  C CD1 . LEU A 1 22  ? -0.197  -0.139  -5.490  1.00 28.40 ? 1000 LEU A CD1 1 
ATOM   189  C CD2 . LEU A 1 22  ? -0.019  -1.424  -7.655  1.00 30.74 ? 1000 LEU A CD2 1 
ATOM   190  N N   . ALA A 1 23  ? -4.813  1.130   -8.051  1.00 27.96 ? 1001 ALA A N   1 
ATOM   191  C CA  . ALA A 1 23  ? -6.253  1.189   -7.842  1.00 32.39 ? 1001 ALA A CA  1 
ATOM   192  C C   . ALA A 1 23  ? -7.043  0.969   -9.125  1.00 32.10 ? 1001 ALA A C   1 
ATOM   193  O O   . ALA A 1 23  ? -8.182  0.508   -9.060  1.00 33.68 ? 1001 ALA A O   1 
ATOM   194  C CB  . ALA A 1 23  ? -6.659  2.530   -7.228  1.00 33.16 ? 1001 ALA A CB  1 
ATOM   195  N N   . ILE A 1 24  ? -6.497  1.330   -10.291 1.00 29.69 ? 1002 ILE A N   1 
ATOM   196  C CA  . ILE A 1 24  ? -7.260  1.146   -11.530 1.00 36.96 ? 1002 ILE A CA  1 
ATOM   197  C C   . ILE A 1 24  ? -7.069  -0.240  -12.134 1.00 39.77 ? 1002 ILE A C   1 
ATOM   198  O O   . ILE A 1 24  ? -7.718  -0.566  -13.138 1.00 35.84 ? 1002 ILE A O   1 
ATOM   199  C CB  . ILE A 1 24  ? -6.923  2.231   -12.575 1.00 35.21 ? 1002 ILE A CB  1 
ATOM   200  C CG1 . ILE A 1 24  ? -5.472  2.116   -13.036 1.00 32.11 ? 1002 ILE A CG1 1 
ATOM   201  C CG2 . ILE A 1 24  ? -7.214  3.613   -12.014 1.00 36.47 ? 1002 ILE A CG2 1 
ATOM   202  C CD1 . ILE A 1 24  ? -5.058  3.215   -14.034 1.00 39.59 ? 1002 ILE A CD1 1 
ATOM   203  N N   . ASP A 1 25  ? -6.224  -1.077  -11.541 1.00 32.32 ? 1003 ASP A N   1 
ATOM   204  C CA  . ASP A 1 25  ? -6.011  -2.434  -12.029 1.00 36.01 ? 1003 ASP A CA  1 
ATOM   205  C C   . ASP A 1 25  ? -7.167  -3.326  -11.569 1.00 35.43 ? 1003 ASP A C   1 
ATOM   206  O O   . ASP A 1 25  ? -7.438  -3.432  -10.370 1.00 31.30 ? 1003 ASP A O   1 
ATOM   207  C CB  . ASP A 1 25  ? -4.659  -2.937  -11.527 1.00 34.71 ? 1003 ASP A CB  1 
ATOM   208  C CG  . ASP A 1 25  ? -4.207  -4.209  -12.204 1.00 38.38 ? 1003 ASP A CG  1 
ATOM   209  O OD1 . ASP A 1 25  ? -5.023  -5.143  -12.363 1.00 38.38 ? 1003 ASP A OD1 1 
ATOM   210  O OD2 . ASP A 1 25  ? -3.013  -4.270  -12.568 1.00 40.61 ? 1003 ASP A OD2 1 
ATOM   211  N N   . LYS A 1 26  ? -7.868  -3.947  -12.528 1.00 33.21 ? 1004 LYS A N   1 
ATOM   212  C CA  . LYS A 1 26  ? -9.054  -4.736  -12.189 1.00 36.17 ? 1004 LYS A CA  1 
ATOM   213  C C   . LYS A 1 26  ? -8.738  -5.856  -11.204 1.00 34.13 ? 1004 LYS A C   1 
ATOM   214  O O   . LYS A 1 26  ? -9.605  -6.255  -10.413 1.00 36.78 ? 1004 LYS A O   1 
ATOM   215  C CB  . LYS A 1 26  ? -9.674  -5.334  -13.458 1.00 40.22 ? 1004 LYS A CB  1 
ATOM   216  C CG  . LYS A 1 26  ? -10.564 -4.366  -14.218 1.00 56.85 ? 1004 LYS A CG  1 
ATOM   217  N N   . ARG A 1 27  ? -7.512  -6.380  -11.237 1.00 33.92 ? 1005 ARG A N   1 
ATOM   218  C CA  . ARG A 1 27  ? -7.154  -7.458  -10.317 1.00 34.61 ? 1005 ARG A CA  1 
ATOM   219  C C   . ARG A 1 27  ? -7.241  -7.012  -8.869  1.00 37.91 ? 1005 ARG A C   1 
ATOM   220  O O   . ARG A 1 27  ? -7.455  -7.841  -7.977  1.00 34.50 ? 1005 ARG A O   1 
ATOM   221  C CB  . ARG A 1 27  ? -5.738  -7.947  -10.588 1.00 36.64 ? 1005 ARG A CB  1 
ATOM   222  C CG  . ARG A 1 27  ? -5.555  -8.724  -11.867 1.00 44.14 ? 1005 ARG A CG  1 
ATOM   223  C CD  . ARG A 1 27  ? -4.083  -9.011  -12.044 1.00 42.68 ? 1005 ARG A CD  1 
ATOM   224  N NE  . ARG A 1 27  ? -3.318  -7.778  -12.208 1.00 45.61 ? 1005 ARG A NE  1 
ATOM   225  C CZ  . ARG A 1 27  ? -1.992  -7.711  -12.191 1.00 44.39 ? 1005 ARG A CZ  1 
ATOM   226  N NH1 . ARG A 1 27  ? -1.270  -8.811  -12.004 1.00 43.65 ? 1005 ARG A NH1 1 
ATOM   227  N NH2 . ARG A 1 27  ? -1.386  -6.543  -12.362 1.00 41.47 ? 1005 ARG A NH2 1 
ATOM   228  N N   . PHE A 1 28  ? -7.068  -5.717  -8.613  1.00 30.02 ? 1006 PHE A N   1 
ATOM   229  C CA  . PHE A 1 28  ? -6.889  -5.221  -7.252  1.00 31.30 ? 1006 PHE A CA  1 
ATOM   230  C C   . PHE A 1 28  ? -8.134  -4.552  -6.714  1.00 34.12 ? 1006 PHE A C   1 
ATOM   231  O O   . PHE A 1 28  ? -8.082  -3.919  -5.652  1.00 33.01 ? 1006 PHE A O   1 
ATOM   232  C CB  . PHE A 1 28  ? -5.692  -4.271  -7.215  1.00 27.26 ? 1006 PHE A CB  1 
ATOM   233  C CG  . PHE A 1 28  ? -4.436  -4.898  -7.758  1.00 33.79 ? 1006 PHE A CG  1 
ATOM   234  C CD1 . PHE A 1 28  ? -4.212  -6.265  -7.601  1.00 29.46 ? 1006 PHE A CD1 1 
ATOM   235  C CD2 . PHE A 1 28  ? -3.490  -4.145  -8.430  1.00 27.97 ? 1006 PHE A CD2 1 
ATOM   236  C CE1 . PHE A 1 28  ? -3.079  -6.859  -8.111  1.00 29.25 ? 1006 PHE A CE1 1 
ATOM   237  C CE2 . PHE A 1 28  ? -2.354  -4.737  -8.939  1.00 29.48 ? 1006 PHE A CE2 1 
ATOM   238  C CZ  . PHE A 1 28  ? -2.144  -6.095  -8.778  1.00 31.89 ? 1006 PHE A CZ  1 
ATOM   239  N N   . ARG A 1 29  ? -9.264  -4.708  -7.409  1.00 31.97 ? 1007 ARG A N   1 
ATOM   240  C CA  . ARG A 1 29  ? -10.498 -4.046  -6.999  1.00 33.72 ? 1007 ARG A CA  1 
ATOM   241  C C   . ARG A 1 29  ? -10.888 -4.388  -5.563  1.00 30.33 ? 1007 ARG A C   1 
ATOM   242  O O   . ARG A 1 29  ? -11.428 -3.535  -4.852  1.00 35.78 ? 1007 ARG A O   1 
ATOM   243  C CB  . ARG A 1 29  ? -11.626 -4.415  -7.966  1.00 38.26 ? 1007 ARG A CB  1 
ATOM   244  C CG  . ARG A 1 29  ? -12.983 -3.849  -7.580  1.00 47.65 ? 1007 ARG A CG  1 
ATOM   245  C CD  . ARG A 1 29  ? -14.084 -4.459  -8.445  1.00 64.41 ? 1007 ARG A CD  1 
ATOM   246  N NE  . ARG A 1 29  ? -15.413 -4.208  -7.894  1.00 78.95 ? 1007 ARG A NE  1 
ATOM   247  C CZ  . ARG A 1 29  ? -16.088 -3.073  -8.053  1.00 83.45 ? 1007 ARG A CZ  1 
ATOM   248  N NH1 . ARG A 1 29  ? -15.560 -2.076  -8.755  1.00 80.60 ? 1007 ARG A NH1 1 
ATOM   249  N NH2 . ARG A 1 29  ? -17.292 -2.934  -7.510  1.00 81.54 ? 1007 ARG A NH2 1 
ATOM   250  N N   . VAL A 1 30  ? -10.621 -5.614  -5.110  1.00 32.17 ? 1008 VAL A N   1 
ATOM   251  C CA  . VAL A 1 30  ? -11.002 -5.984  -3.748  1.00 34.97 ? 1008 VAL A CA  1 
ATOM   252  C C   . VAL A 1 30  ? -10.206 -5.213  -2.706  1.00 38.31 ? 1008 VAL A C   1 
ATOM   253  O O   . VAL A 1 30  ? -10.609 -5.169  -1.536  1.00 34.69 ? 1008 VAL A O   1 
ATOM   254  C CB  . VAL A 1 30  ? -10.831 -7.493  -3.494  1.00 37.12 ? 1008 VAL A CB  1 
ATOM   255  C CG1 . VAL A 1 30  ? -11.871 -8.280  -4.287  1.00 46.16 ? 1008 VAL A CG1 1 
ATOM   256  C CG2 . VAL A 1 30  ? -9.414  -7.935  -3.845  1.00 34.60 ? 1008 VAL A CG2 1 
ATOM   257  N N   . PHE A 1 31  ? -9.090  -4.594  -3.095  1.00 33.58 ? 1009 PHE A N   1 
ATOM   258  C CA  . PHE A 1 31  ? -8.262  -3.841  -2.158  1.00 34.61 ? 1009 PHE A CA  1 
ATOM   259  C C   . PHE A 1 31  ? -8.451  -2.334  -2.267  1.00 32.63 ? 1009 PHE A C   1 
ATOM   260  O O   . PHE A 1 31  ? -7.716  -1.585  -1.618  1.00 33.90 ? 1009 PHE A O   1 
ATOM   261  C CB  . PHE A 1 31  ? -6.788  -4.190  -2.363  1.00 31.91 ? 1009 PHE A CB  1 
ATOM   262  C CG  . PHE A 1 31  ? -6.515  -5.669  -2.403  1.00 33.93 ? 1009 PHE A CG  1 
ATOM   263  C CD1 . PHE A 1 31  ? -6.798  -6.473  -1.302  1.00 34.59 ? 1009 PHE A CD1 1 
ATOM   264  C CD2 . PHE A 1 31  ? -6.000  -6.254  -3.552  1.00 32.63 ? 1009 PHE A CD2 1 
ATOM   265  C CE1 . PHE A 1 31  ? -6.560  -7.836  -1.343  1.00 33.84 ? 1009 PHE A CE1 1 
ATOM   266  C CE2 . PHE A 1 31  ? -5.769  -7.624  -3.609  1.00 36.09 ? 1009 PHE A CE2 1 
ATOM   267  C CZ  . PHE A 1 31  ? -6.040  -8.417  -2.499  1.00 31.88 ? 1009 PHE A CZ  1 
ATOM   268  N N   . THR A 1 32  ? -9.409  -1.861  -3.066  1.00 31.92 ? 1010 THR A N   1 
ATOM   269  C CA  . THR A 1 32  ? -9.503  -0.423  -3.291  1.00 35.64 ? 1010 THR A CA  1 
ATOM   270  C C   . THR A 1 32  ? -10.286 0.303   -2.210  1.00 38.92 ? 1010 THR A C   1 
ATOM   271  O O   . THR A 1 32  ? -10.129 1.522   -2.070  1.00 42.48 ? 1010 THR A O   1 
ATOM   272  C CB  . THR A 1 32  ? -10.153 -0.121  -4.643  1.00 37.77 ? 1010 THR A CB  1 
ATOM   273  O OG1 . THR A 1 32  ? -11.465 -0.706  -4.679  1.00 35.23 ? 1010 THR A OG1 1 
ATOM   274  C CG2 . THR A 1 32  ? -9.302  -0.665  -5.781  1.00 34.69 ? 1010 THR A CG2 1 
ATOM   275  N N   . LYS A 1 33  ? -11.119 -0.398  -1.457  1.00 38.40 ? 1011 LYS A N   1 
ATOM   276  C CA  . LYS A 1 33  ? -11.999 0.218   -0.477  1.00 40.71 ? 1011 LYS A CA  1 
ATOM   277  C C   . LYS A 1 33  ? -12.005 -0.636  0.777   1.00 41.78 ? 1011 LYS A C   1 
ATOM   278  O O   . LYS A 1 33  ? -11.746 -1.845  0.713   1.00 40.75 ? 1011 LYS A O   1 
ATOM   279  C CB  . LYS A 1 33  ? -13.430 0.363   -1.014  1.00 43.79 ? 1011 LYS A CB  1 
ATOM   280  C CG  . LYS A 1 33  ? -13.626 1.564   -1.911  1.00 49.66 ? 1011 LYS A CG  1 
ATOM   281  C CD  . LYS A 1 33  ? -14.994 1.522   -2.564  1.00 56.18 ? 1011 LYS A CD  1 
ATOM   282  N N   . PRO A 1 34  ? -12.299 -0.040  1.935   1.00 47.26 ? 1012 PRO A N   1 
ATOM   283  C CA  . PRO A 1 34  ? -12.396 -0.841  3.157   1.00 47.68 ? 1012 PRO A CA  1 
ATOM   284  C C   . PRO A 1 34  ? -13.410 -1.960  2.986   1.00 46.53 ? 1012 PRO A C   1 
ATOM   285  O O   . PRO A 1 34  ? -14.374 -1.853  2.227   1.00 49.77 ? 1012 PRO A O   1 
ATOM   286  C CB  . PRO A 1 34  ? -12.850 0.170   4.216   1.00 51.42 ? 1012 PRO A CB  1 
ATOM   287  C CG  . PRO A 1 34  ? -12.420 1.499   3.688   1.00 48.73 ? 1012 PRO A CG  1 
ATOM   288  C CD  . PRO A 1 34  ? -12.568 1.387   2.189   1.00 46.44 ? 1012 PRO A CD  1 
ATOM   289  N N   . VAL A 1 35  ? -13.155 -3.057  3.694   1.00 53.56 ? 1013 VAL A N   1 
ATOM   290  C CA  . VAL A 1 35  ? -14.064 -4.193  3.695   1.00 59.00 ? 1013 VAL A CA  1 
ATOM   291  C C   . VAL A 1 35  ? -15.388 -3.785  4.332   1.00 69.52 ? 1013 VAL A C   1 
ATOM   292  O O   . VAL A 1 35  ? -15.420 -3.231  5.439   1.00 67.07 ? 1013 VAL A O   1 
ATOM   293  C CB  . VAL A 1 35  ? -13.405 -5.364  4.439   1.00 58.36 ? 1013 VAL A CB  1 
ATOM   294  C CG1 . VAL A 1 35  ? -14.448 -6.267  5.050   1.00 64.62 ? 1013 VAL A CG1 1 
ATOM   295  C CG2 . VAL A 1 35  ? -12.467 -6.131  3.507   1.00 52.46 ? 1013 VAL A CG2 1 
ATOM   296  N N   . ASP A 1 36  ? -16.492 -4.059  3.633   1.00 71.62 ? 1014 ASP A N   1 
ATOM   297  C CA  . ASP A 1 36  ? -17.816 -3.668  4.116   1.00 77.70 ? 1014 ASP A CA  1 
ATOM   298  C C   . ASP A 1 36  ? -18.282 -4.616  5.216   1.00 78.36 ? 1014 ASP A C   1 
ATOM   299  O O   . ASP A 1 36  ? -18.349 -5.830  4.986   1.00 78.47 ? 1014 ASP A O   1 
ATOM   300  C CB  . ASP A 1 36  ? -18.828 -3.660  2.978   1.00 76.87 ? 1014 ASP A CB  1 
ATOM   301  C CG  . ASP A 1 36  ? -20.261 -3.536  3.472   1.00 85.26 ? 1014 ASP A CG  1 
ATOM   302  O OD1 . ASP A 1 36  ? -20.550 -2.579  4.224   1.00 84.84 ? 1014 ASP A OD1 1 
ATOM   303  O OD2 . ASP A 1 36  ? -21.099 -4.390  3.106   1.00 83.21 ? 1014 ASP A OD2 1 
ATOM   304  N N   . PRO A 1 37  ? -18.624 -4.111  6.407   1.00 81.85 ? 1015 PRO A N   1 
ATOM   305  C CA  . PRO A 1 37  ? -18.985 -5.018  7.511   1.00 82.37 ? 1015 PRO A CA  1 
ATOM   306  C C   . PRO A 1 37  ? -20.192 -5.893  7.214   1.00 85.15 ? 1015 PRO A C   1 
ATOM   307  O O   . PRO A 1 37  ? -20.242 -7.037  7.686   1.00 85.11 ? 1015 PRO A O   1 
ATOM   308  C CB  . PRO A 1 37  ? -19.257 -4.055  8.677   1.00 82.21 ? 1015 PRO A CB  1 
ATOM   309  C CG  . PRO A 1 37  ? -18.528 -2.791  8.310   1.00 79.60 ? 1015 PRO A CG  1 
ATOM   310  C CD  . PRO A 1 37  ? -18.643 -2.698  6.821   1.00 78.79 ? 1015 PRO A CD  1 
ATOM   311  N N   . ASP A 1 38  ? -21.161 -5.393  6.443   1.00 82.40 ? 1016 ASP A N   1 
ATOM   312  C CA  . ASP A 1 38  ? -22.332 -6.193  6.098   1.00 87.19 ? 1016 ASP A CA  1 
ATOM   313  C C   . ASP A 1 38  ? -21.937 -7.429  5.299   1.00 87.88 ? 1016 ASP A C   1 
ATOM   314  O O   . ASP A 1 38  ? -22.178 -8.564  5.725   1.00 84.94 ? 1016 ASP A O   1 
ATOM   315  C CB  . ASP A 1 38  ? -23.337 -5.348  5.308   1.00 87.54 ? 1016 ASP A CB  1 
ATOM   316  C CG  . ASP A 1 38  ? -23.768 -4.101  6.053   1.00 91.90 ? 1016 ASP A CG  1 
ATOM   317  O OD1 . ASP A 1 38  ? -23.392 -3.951  7.236   1.00 93.14 ? 1016 ASP A OD1 1 
ATOM   318  O OD2 . ASP A 1 38  ? -24.489 -3.272  5.453   1.00 91.47 ? 1016 ASP A OD2 1 
ATOM   319  N N   . GLU A 1 39  ? -21.315 -7.220  4.132   1.00 86.34 ? 1017 GLU A N   1 
ATOM   320  C CA  . GLU A 1 39  ? -20.997 -8.322  3.228   1.00 85.19 ? 1017 GLU A CA  1 
ATOM   321  C C   . GLU A 1 39  ? -20.070 -9.353  3.862   1.00 84.52 ? 1017 GLU A C   1 
ATOM   322  O O   . GLU A 1 39  ? -19.991 -10.484 3.369   1.00 83.53 ? 1017 GLU A O   1 
ATOM   323  C CB  . GLU A 1 39  ? -20.372 -7.779  1.938   1.00 79.07 ? 1017 GLU A CB  1 
ATOM   324  N N   . VAL A 1 40  ? -19.380 -9.001  4.943   1.00 82.85 ? 1018 VAL A N   1 
ATOM   325  C CA  . VAL A 1 40  ? -18.467 -9.931  5.601   1.00 80.43 ? 1018 VAL A CA  1 
ATOM   326  C C   . VAL A 1 40  ? -18.244 -9.490  7.046   1.00 82.02 ? 1018 VAL A C   1 
ATOM   327  O O   . VAL A 1 40  ? -17.511 -8.524  7.307   1.00 78.24 ? 1018 VAL A O   1 
ATOM   328  C CB  . VAL A 1 40  ? -17.159 -10.055 4.803   1.00 78.87 ? 1018 VAL A CB  1 
ATOM   329  C CG1 . VAL A 1 40  ? -16.632 -8.690  4.434   1.00 76.51 ? 1018 VAL A CG1 1 
ATOM   330  C CG2 . VAL A 1 40  ? -16.138 -10.792 5.598   1.00 74.38 ? 1018 VAL A CG2 1 
ATOM   331  N N   . PRO A 1 41  ? -18.863 -10.173 8.022   1.00 83.06 ? 1019 PRO A N   1 
ATOM   332  C CA  . PRO A 1 41  ? -18.904 -9.639  9.392   1.00 76.15 ? 1019 PRO A CA  1 
ATOM   333  C C   . PRO A 1 41  ? -17.691 -9.991  10.237  1.00 68.69 ? 1019 PRO A C   1 
ATOM   334  O O   . PRO A 1 41  ? -17.345 -9.246  11.160  1.00 70.81 ? 1019 PRO A O   1 
ATOM   335  C CB  . PRO A 1 41  ? -20.177 -10.274 9.961   1.00 76.80 ? 1019 PRO A CB  1 
ATOM   336  C CG  . PRO A 1 41  ? -20.248 -11.605 9.270   1.00 81.64 ? 1019 PRO A CG  1 
ATOM   337  C CD  . PRO A 1 41  ? -19.655 -11.409 7.885   1.00 80.65 ? 1019 PRO A CD  1 
ATOM   338  N N   . ASP A 1 42  ? -17.042 -11.119 9.946   1.00 67.64 ? 1020 ASP A N   1 
ATOM   339  C CA  . ASP A 1 42  ? -15.922 -11.590 10.755  1.00 68.98 ? 1020 ASP A CA  1 
ATOM   340  C C   . ASP A 1 42  ? -14.613 -10.853 10.474  1.00 69.48 ? 1020 ASP A C   1 
ATOM   341  O O   . ASP A 1 42  ? -13.613 -11.138 11.148  1.00 64.09 ? 1020 ASP A O   1 
ATOM   342  C CB  . ASP A 1 42  ? -15.709 -13.095 10.546  1.00 63.80 ? 1020 ASP A CB  1 
ATOM   343  C CG  . ASP A 1 42  ? -15.487 -13.459 9.089   1.00 70.91 ? 1020 ASP A CG  1 
ATOM   344  O OD1 . ASP A 1 42  ? -16.012 -12.747 8.205   1.00 70.85 ? 1020 ASP A OD1 1 
ATOM   345  O OD2 . ASP A 1 42  ? -14.779 -14.456 8.827   1.00 68.24 ? 1020 ASP A OD2 1 
ATOM   346  N N   . TYR A 1 43  ? -14.589 -9.919  9.516   1.00 69.26 ? 1021 TYR A N   1 
ATOM   347  C CA  . TYR A 1 43  ? -13.333 -9.268  9.146   1.00 61.88 ? 1021 TYR A CA  1 
ATOM   348  C C   . TYR A 1 43  ? -12.821 -8.372  10.266  1.00 56.47 ? 1021 TYR A C   1 
ATOM   349  O O   . TYR A 1 43  ? -11.651 -8.460  10.656  1.00 58.26 ? 1021 TYR A O   1 
ATOM   350  C CB  . TYR A 1 43  ? -13.507 -8.455  7.865   1.00 57.40 ? 1021 TYR A CB  1 
ATOM   351  C CG  . TYR A 1 43  ? -12.194 -7.987  7.267   1.00 48.68 ? 1021 TYR A CG  1 
ATOM   352  C CD1 . TYR A 1 43  ? -11.464 -8.817  6.425   1.00 48.96 ? 1021 TYR A CD1 1 
ATOM   353  C CD2 . TYR A 1 43  ? -11.680 -6.727  7.558   1.00 52.28 ? 1021 TYR A CD2 1 
ATOM   354  C CE1 . TYR A 1 43  ? -10.266 -8.404  5.875   1.00 47.66 ? 1021 TYR A CE1 1 
ATOM   355  C CE2 . TYR A 1 43  ? -10.475 -6.300  7.013   1.00 46.91 ? 1021 TYR A CE2 1 
ATOM   356  C CZ  . TYR A 1 43  ? -9.775  -7.148  6.173   1.00 45.86 ? 1021 TYR A CZ  1 
ATOM   357  O OH  . TYR A 1 43  ? -8.582  -6.751  5.617   1.00 45.86 ? 1021 TYR A OH  1 
ATOM   358  N N   . VAL A 1 44  ? -13.685 -7.487  10.777  1.00 62.71 ? 1022 VAL A N   1 
ATOM   359  C CA  . VAL A 1 44  ? -13.343 -6.610  11.897  1.00 65.89 ? 1022 VAL A CA  1 
ATOM   360  C C   . VAL A 1 44  ? -12.754 -7.401  13.059  1.00 68.55 ? 1022 VAL A C   1 
ATOM   361  O O   . VAL A 1 44  ? -11.887 -6.904  13.789  1.00 71.05 ? 1022 VAL A O   1 
ATOM   362  C CB  . VAL A 1 44  ? -14.597 -5.814  12.325  1.00 68.05 ? 1022 VAL A CB  1 
ATOM   363  C CG1 . VAL A 1 44  ? -14.538 -5.436  13.799  1.00 72.33 ? 1022 VAL A CG1 1 
ATOM   364  C CG2 . VAL A 1 44  ? -14.769 -4.583  11.452  1.00 68.80 ? 1022 VAL A CG2 1 
ATOM   365  N N   . THR A 1 45  ? -13.187 -8.651  13.230  1.00 70.05 ? 1023 THR A N   1 
ATOM   366  C CA  . THR A 1 45  ? -12.655 -9.490  14.299  1.00 70.02 ? 1023 THR A CA  1 
ATOM   367  C C   . THR A 1 45  ? -11.236 -9.948  13.990  1.00 67.47 ? 1023 THR A C   1 
ATOM   368  O O   . THR A 1 45  ? -10.332 -9.813  14.826  1.00 70.23 ? 1023 THR A O   1 
ATOM   369  C CB  . THR A 1 45  ? -13.563 -10.703 14.507  1.00 73.54 ? 1023 THR A CB  1 
ATOM   370  O OG1 . THR A 1 45  ? -14.907 -10.263 14.738  1.00 76.22 ? 1023 THR A OG1 1 
ATOM   371  C CG2 . THR A 1 45  ? -13.080 -11.548 15.688  1.00 70.98 ? 1023 THR A CG2 1 
ATOM   372  N N   . VAL A 1 46  ? -11.026 -10.498 12.793  1.00 63.68 ? 1024 VAL A N   1 
ATOM   373  C CA  . VAL A 1 46  ? -9.782  -11.198 12.484  1.00 59.45 ? 1024 VAL A CA  1 
ATOM   374  C C   . VAL A 1 46  ? -8.645  -10.218 12.202  1.00 57.27 ? 1024 VAL A C   1 
ATOM   375  O O   . VAL A 1 46  ? -7.486  -10.481 12.549  1.00 56.14 ? 1024 VAL A O   1 
ATOM   376  C CB  . VAL A 1 46  ? -10.010 -12.159 11.301  1.00 62.05 ? 1024 VAL A CB  1 
ATOM   377  C CG1 . VAL A 1 46  ? -8.688  -12.745 10.804  1.00 56.39 ? 1024 VAL A CG1 1 
ATOM   378  C CG2 . VAL A 1 46  ? -10.980 -13.267 11.691  1.00 64.97 ? 1024 VAL A CG2 1 
ATOM   379  N N   . ILE A 1 47  ? -8.944  -9.086  11.569  1.00 52.48 ? 1025 ILE A N   1 
ATOM   380  C CA  . ILE A 1 47  ? -7.921  -8.181  11.053  1.00 44.57 ? 1025 ILE A CA  1 
ATOM   381  C C   . ILE A 1 47  ? -7.869  -6.954  11.954  1.00 42.02 ? 1025 ILE A C   1 
ATOM   382  O O   . ILE A 1 47  ? -8.766  -6.102  11.917  1.00 42.74 ? 1025 ILE A O   1 
ATOM   383  C CB  . ILE A 1 47  ? -8.194  -7.792  9.593   1.00 39.47 ? 1025 ILE A CB  1 
ATOM   384  C CG1 . ILE A 1 47  ? -8.123  -9.027  8.691   1.00 40.82 ? 1025 ILE A CG1 1 
ATOM   385  C CG2 . ILE A 1 47  ? -7.195  -6.747  9.138   1.00 39.45 ? 1025 ILE A CG2 1 
ATOM   386  C CD1 . ILE A 1 47  ? -6.818  -9.808  8.805   1.00 42.75 ? 1025 ILE A CD1 1 
ATOM   387  N N   . LYS A 1 48  ? -6.796  -6.842  12.744  1.00 45.54 ? 1026 LYS A N   1 
ATOM   388  C CA  . LYS A 1 48  ? -6.712  -5.781  13.744  1.00 42.74 ? 1026 LYS A CA  1 
ATOM   389  C C   . LYS A 1 48  ? -6.379  -4.424  13.151  1.00 49.05 ? 1026 LYS A C   1 
ATOM   390  O O   . LYS A 1 48  ? -6.675  -3.398  13.776  1.00 44.27 ? 1026 LYS A O   1 
ATOM   391  C CB  . LYS A 1 48  ? -5.656  -6.135  14.795  1.00 49.56 ? 1026 LYS A CB  1 
ATOM   392  C CG  . LYS A 1 48  ? -5.993  -7.362  15.603  1.00 52.02 ? 1026 LYS A CG  1 
ATOM   393  C CD  . LYS A 1 48  ? -7.399  -7.266  16.152  1.00 56.62 ? 1026 LYS A CD  1 
ATOM   394  C CE  . LYS A 1 48  ? -7.790  -8.545  16.875  1.00 57.11 ? 1026 LYS A CE  1 
ATOM   395  N NZ  . LYS A 1 48  ? -9.228  -8.537  17.262  1.00 61.48 ? 1026 LYS A NZ  1 
ATOM   396  N N   . GLN A 1 49  ? -5.762  -4.379  11.971  1.00 42.28 ? 1027 GLN A N   1 
ATOM   397  C CA  . GLN A 1 49  ? -5.294  -3.123  11.392  1.00 42.33 ? 1027 GLN A CA  1 
ATOM   398  C C   . GLN A 1 49  ? -5.634  -3.104  9.913   1.00 42.13 ? 1027 GLN A C   1 
ATOM   399  O O   . GLN A 1 49  ? -4.780  -3.374  9.061   1.00 38.71 ? 1027 GLN A O   1 
ATOM   400  C CB  . GLN A 1 49  ? -3.795  -2.946  11.618  1.00 41.73 ? 1027 GLN A CB  1 
ATOM   401  C CG  . GLN A 1 49  ? -3.333  -1.532  11.357  1.00 46.21 ? 1027 GLN A CG  1 
ATOM   402  C CD  . GLN A 1 49  ? -1.875  -1.336  11.690  1.00 48.13 ? 1027 GLN A CD  1 
ATOM   403  O OE1 . GLN A 1 49  ? -1.159  -2.291  12.030  1.00 47.63 ? 1027 GLN A OE1 1 
ATOM   404  N NE2 . GLN A 1 49  ? -1.415  -0.096  11.573  1.00 53.97 ? 1027 GLN A NE2 1 
ATOM   405  N N   . PRO A 1 50  ? -6.881  -2.785  9.574   1.00 40.15 ? 1028 PRO A N   1 
ATOM   406  C CA  . PRO A 1 50  ? -7.311  -2.826  8.170   1.00 37.69 ? 1028 PRO A CA  1 
ATOM   407  C C   . PRO A 1 50  ? -6.563  -1.797  7.341   1.00 40.24 ? 1028 PRO A C   1 
ATOM   408  O O   . PRO A 1 50  ? -6.252  -0.703  7.810   1.00 33.05 ? 1028 PRO A O   1 
ATOM   409  C CB  . PRO A 1 50  ? -8.803  -2.480  8.242   1.00 40.92 ? 1028 PRO A CB  1 
ATOM   410  C CG  . PRO A 1 50  ? -9.187  -2.608  9.697   1.00 45.46 ? 1028 PRO A CG  1 
ATOM   411  C CD  . PRO A 1 50  ? -7.952  -2.340  10.482  1.00 41.60 ? 1028 PRO A CD  1 
ATOM   412  N N   . MET A 1 51  ? -6.287  -2.145  6.085   1.00 33.25 ? 1029 MET A N   1 
ATOM   413  C CA  . MET A 1 51  ? -5.658  -1.192  5.180   1.00 34.84 ? 1029 MET A CA  1 
ATOM   414  C C   . MET A 1 51  ? -6.190  -1.458  3.780   1.00 34.08 ? 1029 MET A C   1 
ATOM   415  O O   . MET A 1 51  ? -6.474  -2.604  3.431   1.00 32.03 ? 1029 MET A O   1 
ATOM   416  C CB  . MET A 1 51  ? -4.126  -1.312  5.227   1.00 35.67 ? 1029 MET A CB  1 
ATOM   417  C CG  . MET A 1 51  ? -3.342  -0.188  4.479   1.00 33.17 ? 1029 MET A CG  1 
ATOM   418  S SD  . MET A 1 51  ? -3.794  1.499   4.922   1.00 38.01 ? 1029 MET A SD  1 
ATOM   419  C CE  . MET A 1 51  ? -3.460  1.483   6.704   1.00 34.84 ? 1029 MET A CE  1 
ATOM   420  N N   . ASP A 1 52  ? -6.343  -0.389  2.998   1.00 34.27 ? 1030 ASP A N   1 
ATOM   421  C CA  . ASP A 1 52  ? -6.794  -0.488  1.614   1.00 32.44 ? 1030 ASP A CA  1 
ATOM   422  C C   . ASP A 1 52  ? -6.247  0.712   0.861   1.00 36.62 ? 1030 ASP A C   1 
ATOM   423  O O   . ASP A 1 52  ? -5.713  1.648   1.457   1.00 32.00 ? 1030 ASP A O   1 
ATOM   424  C CB  . ASP A 1 52  ? -8.321  -0.522  1.514   1.00 35.79 ? 1030 ASP A CB  1 
ATOM   425  C CG  . ASP A 1 52  ? -8.952  0.763   2.010   1.00 41.45 ? 1030 ASP A CG  1 
ATOM   426  O OD1 . ASP A 1 52  ? -9.146  0.897   3.237   1.00 47.74 ? 1030 ASP A OD1 1 
ATOM   427  O OD2 . ASP A 1 52  ? -9.229  1.652   1.187   1.00 42.79 ? 1030 ASP A OD2 1 
ATOM   428  N N   . LEU A 1 53  ? -6.407  0.690   -0.467  1.00 30.06 ? 1031 LEU A N   1 
ATOM   429  C CA  . LEU A 1 53  ? -5.769  1.723   -1.282  1.00 31.56 ? 1031 LEU A CA  1 
ATOM   430  C C   . LEU A 1 53  ? -6.435  3.085   -1.110  1.00 32.51 ? 1031 LEU A C   1 
ATOM   431  O O   . LEU A 1 53  ? -5.774  4.117   -1.287  1.00 31.17 ? 1031 LEU A O   1 
ATOM   432  C CB  . LEU A 1 53  ? -5.768  1.306   -2.760  1.00 27.36 ? 1031 LEU A CB  1 
ATOM   433  C CG  . LEU A 1 53  ? -4.981  0.035   -3.091  1.00 29.47 ? 1031 LEU A CG  1 
ATOM   434  C CD1 . LEU A 1 53  ? -5.188  -0.354  -4.579  1.00 29.84 ? 1031 LEU A CD1 1 
ATOM   435  C CD2 . LEU A 1 53  ? -3.500  0.189   -2.792  1.00 29.97 ? 1031 LEU A CD2 1 
ATOM   436  N N   . SER A 1 54  ? -7.729  3.127   -0.762  1.00 35.04 ? 1032 SER A N   1 
ATOM   437  C CA  . SER A 1 54  ? -8.346  4.429   -0.494  1.00 37.41 ? 1032 SER A CA  1 
ATOM   438  C C   . SER A 1 54  ? -7.782  5.032   0.785   1.00 33.93 ? 1032 SER A C   1 
ATOM   439  O O   . SER A 1 54  ? -7.576  6.252   0.868   1.00 35.81 ? 1032 SER A O   1 
ATOM   440  C CB  A SER A 1 54  ? -9.870  4.305   -0.413  0.52 37.29 ? 1032 SER A CB  1 
ATOM   441  C CB  B SER A 1 54  ? -9.870  4.299   -0.390  0.48 37.32 ? 1032 SER A CB  1 
ATOM   442  O OG  A SER A 1 54  ? -10.257 3.481   0.668   0.52 38.24 ? 1032 SER A OG  1 
ATOM   443  O OG  B SER A 1 54  ? -10.462 3.992   -1.640  0.48 39.63 ? 1032 SER A OG  1 
ATOM   444  N N   . SER A 1 55  ? -7.517  4.191   1.786   1.00 32.14 ? 1033 SER A N   1 
ATOM   445  C CA  . SER A 1 55  ? -6.917  4.689   3.020   1.00 37.87 ? 1033 SER A CA  1 
ATOM   446  C C   . SER A 1 55  ? -5.481  5.126   2.778   1.00 36.81 ? 1033 SER A C   1 
ATOM   447  O O   . SER A 1 55  ? -5.022  6.110   3.364   1.00 33.24 ? 1033 SER A O   1 
ATOM   448  C CB  . SER A 1 55  ? -6.985  3.627   4.116   1.00 36.69 ? 1033 SER A CB  1 
ATOM   449  O OG  . SER A 1 55  ? -8.335  3.250   4.347   1.00 44.68 ? 1033 SER A OG  1 
ATOM   450  N N   . VAL A 1 56  ? -4.764  4.415   1.899   1.00 35.15 ? 1034 VAL A N   1 
ATOM   451  C CA  . VAL A 1 56  ? -3.418  4.841   1.524   1.00 29.36 ? 1034 VAL A CA  1 
ATOM   452  C C   . VAL A 1 56  ? -3.442  6.241   0.927   1.00 30.64 ? 1034 VAL A C   1 
ATOM   453  O O   . VAL A 1 56  ? -2.596  7.078   1.259   1.00 31.64 ? 1034 VAL A O   1 
ATOM   454  C CB  . VAL A 1 56  ? -2.776  3.827   0.557   1.00 29.12 ? 1034 VAL A CB  1 
ATOM   455  C CG1 . VAL A 1 56  ? -1.493  4.408   -0.046  1.00 26.82 ? 1034 VAL A CG1 1 
ATOM   456  C CG2 . VAL A 1 56  ? -2.457  2.522   1.288   1.00 26.58 ? 1034 VAL A CG2 1 
ATOM   457  N N   . ILE A 1 57  ? -4.391  6.517   0.018   1.00 26.95 ? 1035 ILE A N   1 
ATOM   458  C CA  . ILE A 1 57  ? -4.481  7.859   -0.573  1.00 27.15 ? 1035 ILE A CA  1 
ATOM   459  C C   . ILE A 1 57  ? -4.738  8.910   0.508   1.00 33.21 ? 1035 ILE A C   1 
ATOM   460  O O   . ILE A 1 57  ? -4.154  10.002  0.490   1.00 30.82 ? 1035 ILE A O   1 
ATOM   461  C CB  . ILE A 1 57  ? -5.575  7.917   -1.659  1.00 33.90 ? 1035 ILE A CB  1 
ATOM   462  C CG1 . ILE A 1 57  ? -5.190  7.076   -2.885  1.00 33.96 ? 1035 ILE A CG1 1 
ATOM   463  C CG2 . ILE A 1 57  ? -5.825  9.376   -2.095  1.00 36.48 ? 1035 ILE A CG2 1 
ATOM   464  C CD1 . ILE A 1 57  ? -4.083  7.732   -3.718  1.00 39.65 ? 1035 ILE A CD1 1 
ATOM   465  N N   . SER A 1 58  ? -5.650  8.618   1.433   1.00 33.56 ? 1036 SER A N   1 
ATOM   466  C CA  . SER A 1 58  ? -5.927  9.549   2.530   1.00 34.83 ? 1036 SER A CA  1 
ATOM   467  C C   . SER A 1 58  ? -4.679  9.830   3.356   1.00 31.34 ? 1036 SER A C   1 
ATOM   468  O O   . SER A 1 58  ? -4.402  10.988  3.703   1.00 34.78 ? 1036 SER A O   1 
ATOM   469  C CB  . SER A 1 58  ? -7.044  8.992   3.418   1.00 36.94 ? 1036 SER A CB  1 
ATOM   470  O OG  . SER A 1 58  ? -8.254  8.944   2.686   1.00 45.31 ? 1036 SER A OG  1 
ATOM   471  N N   . LYS A 1 59  ? -3.900  8.792   3.667   1.00 28.92 ? 1037 LYS A N   1 
ATOM   472  C CA  . LYS A 1 59  ? -2.687  9.001   4.450   1.00 28.37 ? 1037 LYS A CA  1 
ATOM   473  C C   . LYS A 1 59  ? -1.651  9.808   3.678   1.00 30.98 ? 1037 LYS A C   1 
ATOM   474  O O   . LYS A 1 59  ? -0.942  10.632  4.263   1.00 30.63 ? 1037 LYS A O   1 
ATOM   475  C CB  . LYS A 1 59  ? -2.107  7.657   4.892   1.00 29.69 ? 1037 LYS A CB  1 
ATOM   476  C CG  . LYS A 1 59  ? -2.950  6.993   5.994   1.00 35.19 ? 1037 LYS A CG  1 
ATOM   477  C CD  . LYS A 1 59  ? -2.381  5.655   6.418   1.00 31.44 ? 1037 LYS A CD  1 
ATOM   478  C CE  . LYS A 1 59  ? -1.127  5.817   7.270   1.00 32.42 ? 1037 LYS A CE  1 
ATOM   479  N NZ  . LYS A 1 59  ? -0.708  4.506   7.836   1.00 35.40 ? 1037 LYS A NZ  1 
ATOM   480  N N   . ILE A 1 60  ? -1.541  9.590   2.366   1.00 29.06 ? 1038 ILE A N   1 
ATOM   481  C CA  . ILE A 1 60  ? -0.629  10.419  1.580   1.00 28.02 ? 1038 ILE A CA  1 
ATOM   482  C C   . ILE A 1 60  ? -0.996  11.885  1.754   1.00 29.39 ? 1038 ILE A C   1 
ATOM   483  O O   . ILE A 1 60  ? -0.139  12.741  2.019   1.00 31.17 ? 1038 ILE A O   1 
ATOM   484  C CB  . ILE A 1 60  ? -0.677  10.040  0.088   1.00 30.37 ? 1038 ILE A CB  1 
ATOM   485  C CG1 . ILE A 1 60  ? -0.186  8.609   -0.181  1.00 28.29 ? 1038 ILE A CG1 1 
ATOM   486  C CG2 . ILE A 1 60  ? 0.133   11.083  -0.720  1.00 28.94 ? 1038 ILE A CG2 1 
ATOM   487  C CD1 . ILE A 1 60  ? -0.417  8.202   -1.690  1.00 28.51 ? 1038 ILE A CD1 1 
ATOM   488  N N   . ASP A 1 61  ? -2.283  12.190  1.601   1.00 30.06 ? 1039 ASP A N   1 
ATOM   489  C CA  . ASP A 1 61  ? -2.755  13.562  1.670   1.00 31.70 ? 1039 ASP A CA  1 
ATOM   490  C C   . ASP A 1 61  ? -2.659  14.133  3.077   1.00 40.03 ? 1039 ASP A C   1 
ATOM   491  O O   . ASP A 1 61  ? -2.572  15.356  3.225   1.00 36.54 ? 1039 ASP A O   1 
ATOM   492  C CB  . ASP A 1 61  ? -4.190  13.642  1.165   1.00 34.52 ? 1039 ASP A CB  1 
ATOM   493  C CG  . ASP A 1 61  ? -4.290  13.398  -0.336  1.00 40.64 ? 1039 ASP A CG  1 
ATOM   494  O OD1 . ASP A 1 61  ? -3.232  13.379  -1.004  1.00 39.64 ? 1039 ASP A OD1 1 
ATOM   495  O OD2 . ASP A 1 61  ? -5.419  13.219  -0.840  1.00 36.17 ? 1039 ASP A OD2 1 
ATOM   496  N N   . LEU A 1 62  ? -2.678  13.280  4.101   1.00 35.79 ? 1040 LEU A N   1 
ATOM   497  C CA  . LEU A 1 62  ? -2.428  13.703  5.477   1.00 37.53 ? 1040 LEU A CA  1 
ATOM   498  C C   . LEU A 1 62  ? -0.941  13.798  5.803   1.00 37.03 ? 1040 LEU A C   1 
ATOM   499  O O   . LEU A 1 62  ? -0.584  13.987  6.969   1.00 36.04 ? 1040 LEU A O   1 
ATOM   500  C CB  . LEU A 1 62  ? -3.118  12.739  6.450   1.00 33.31 ? 1040 LEU A CB  1 
ATOM   501  C CG  . LEU A 1 62  ? -4.643  12.847  6.433   1.00 36.58 ? 1040 LEU A CG  1 
ATOM   502  C CD1 . LEU A 1 62  ? -5.280  11.723  7.213   1.00 39.50 ? 1040 LEU A CD1 1 
ATOM   503  C CD2 . LEU A 1 62  ? -5.095  14.209  6.987   1.00 39.34 ? 1040 LEU A CD2 1 
ATOM   504  N N   . HIS A 1 63  ? -0.060  13.666  4.806   1.00 33.58 ? 1041 HIS A N   1 
ATOM   505  C CA  . HIS A 1 63  ? 1.385   13.752  5.015   1.00 35.36 ? 1041 HIS A CA  1 
ATOM   506  C C   . HIS A 1 63  ? 1.882   12.684  5.984   1.00 38.82 ? 1041 HIS A C   1 
ATOM   507  O O   . HIS A 1 63  ? 2.812   12.926  6.758   1.00 36.70 ? 1041 HIS A O   1 
ATOM   508  C CB  . HIS A 1 63  ? 1.820   15.135  5.534   1.00 35.35 ? 1041 HIS A CB  1 
ATOM   509  C CG  . HIS A 1 63  ? 1.581   16.268  4.589   1.00 35.62 ? 1041 HIS A CG  1 
ATOM   510  N ND1 . HIS A 1 63  ? 0.628   16.238  3.592   1.00 42.53 ? 1041 HIS A ND1 1 
ATOM   511  C CD2 . HIS A 1 63  ? 2.151   17.494  4.524   1.00 35.06 ? 1041 HIS A CD2 1 
ATOM   512  C CE1 . HIS A 1 63  ? 0.633   17.390  2.944   1.00 41.43 ? 1041 HIS A CE1 1 
ATOM   513  N NE2 . HIS A 1 63  ? 1.544   18.171  3.496   1.00 39.63 ? 1041 HIS A NE2 1 
ATOM   514  N N   . LYS A 1 64  ? 1.277   11.492  5.969   1.00 34.27 ? 1042 LYS A N   1 
ATOM   515  C CA  . LYS A 1 64  ? 1.707   10.443  6.883   1.00 32.28 ? 1042 LYS A CA  1 
ATOM   516  C C   . LYS A 1 64  ? 2.899   9.646   6.376   1.00 36.15 ? 1042 LYS A C   1 
ATOM   517  O O   . LYS A 1 64  ? 3.517   8.936   7.172   1.00 33.70 ? 1042 LYS A O   1 
ATOM   518  C CB  . LYS A 1 64  ? 0.556   9.467   7.169   1.00 30.84 ? 1042 LYS A CB  1 
ATOM   519  C CG  . LYS A 1 64  ? -0.666  10.111  7.779   1.00 36.87 ? 1042 LYS A CG  1 
ATOM   520  C CD  . LYS A 1 64  ? -0.464  10.423  9.235   1.00 40.40 ? 1042 LYS A CD  1 
ATOM   521  C CE  . LYS A 1 64  ? -1.742  11.006  9.829   1.00 46.83 ? 1042 LYS A CE  1 
ATOM   522  N NZ  . LYS A 1 64  ? -1.654  11.114  11.305  1.00 55.76 ? 1042 LYS A NZ  1 
ATOM   523  N N   . TYR A 1 65  ? 3.230   9.718   5.082   1.00 31.16 ? 1043 TYR A N   1 
ATOM   524  C CA  . TYR A 1 65  ? 4.362   8.985   4.527   1.00 30.78 ? 1043 TYR A CA  1 
ATOM   525  C C   . TYR A 1 65  ? 5.475   9.979   4.249   1.00 36.70 ? 1043 TYR A C   1 
ATOM   526  O O   . TYR A 1 65  ? 5.346   10.825  3.360   1.00 36.71 ? 1043 TYR A O   1 
ATOM   527  C CB  . TYR A 1 65  ? 3.994   8.236   3.243   1.00 29.47 ? 1043 TYR A CB  1 
ATOM   528  C CG  . TYR A 1 65  ? 2.830   7.274   3.394   1.00 29.91 ? 1043 TYR A CG  1 
ATOM   529  C CD1 . TYR A 1 65  ? 2.887   6.207   4.287   1.00 32.61 ? 1043 TYR A CD1 1 
ATOM   530  C CD2 . TYR A 1 65  ? 1.667   7.446   2.641   1.00 30.51 ? 1043 TYR A CD2 1 
ATOM   531  C CE1 . TYR A 1 65  ? 1.799   5.320   4.420   1.00 31.42 ? 1043 TYR A CE1 1 
ATOM   532  C CE2 . TYR A 1 65  ? 0.591   6.575   2.759   1.00 28.38 ? 1043 TYR A CE2 1 
ATOM   533  C CZ  . TYR A 1 65  ? 0.660   5.518   3.640   1.00 30.72 ? 1043 TYR A CZ  1 
ATOM   534  O OH  . TYR A 1 65  ? -0.428  4.664   3.746   1.00 29.54 ? 1043 TYR A OH  1 
ATOM   535  N N   . LEU A 1 66  ? 6.566   9.868   4.995   1.00 32.82 ? 1044 LEU A N   1 
ATOM   536  C CA  . LEU A 1 66  ? 7.746   10.688  4.757   1.00 38.37 ? 1044 LEU A CA  1 
ATOM   537  C C   . LEU A 1 66  ? 8.841   9.928   4.032   1.00 37.62 ? 1044 LEU A C   1 
ATOM   538  O O   . LEU A 1 66  ? 9.829   10.543  3.616   1.00 33.07 ? 1044 LEU A O   1 
ATOM   539  C CB  . LEU A 1 66  ? 8.303   11.232  6.083   1.00 40.55 ? 1044 LEU A CB  1 
ATOM   540  C CG  . LEU A 1 66  ? 7.380   12.114  6.923   1.00 46.78 ? 1044 LEU A CG  1 
ATOM   541  C CD1 . LEU A 1 66  ? 8.171   12.730  8.082   1.00 53.74 ? 1044 LEU A CD1 1 
ATOM   542  C CD2 . LEU A 1 66  ? 6.738   13.192  6.081   1.00 40.40 ? 1044 LEU A CD2 1 
ATOM   543  N N   . THR A 1 67  ? 8.695   8.612   3.876   1.00 32.21 ? 1045 THR A N   1 
ATOM   544  C CA  . THR A 1 67  ? 9.644   7.802   3.131   1.00 33.72 ? 1045 THR A CA  1 
ATOM   545  C C   . THR A 1 67  ? 8.881   6.757   2.329   1.00 35.23 ? 1045 THR A C   1 
ATOM   546  O O   . THR A 1 67  ? 7.727   6.432   2.627   1.00 30.98 ? 1045 THR A O   1 
ATOM   547  C CB  . THR A 1 67  ? 10.644  7.068   4.035   1.00 38.42 ? 1045 THR A CB  1 
ATOM   548  O OG1 . THR A 1 67  ? 9.929   6.138   4.856   1.00 41.21 ? 1045 THR A OG1 1 
ATOM   549  C CG2 . THR A 1 67  ? 11.421  8.046   4.929   1.00 41.63 ? 1045 THR A CG2 1 
ATOM   550  N N   . VAL A 1 68  ? 9.562   6.205   1.324   1.00 30.72 ? 1046 VAL A N   1 
ATOM   551  C CA  . VAL A 1 68  ? 8.984   5.106   0.559   1.00 32.86 ? 1046 VAL A CA  1 
ATOM   552  C C   . VAL A 1 68  ? 8.795   3.894   1.452   1.00 36.98 ? 1046 VAL A C   1 
ATOM   553  O O   . VAL A 1 68  ? 7.827   3.142   1.298   1.00 34.19 ? 1046 VAL A O   1 
ATOM   554  C CB  . VAL A 1 68  ? 9.871   4.793   -0.661  1.00 36.56 ? 1046 VAL A CB  1 
ATOM   555  C CG1 . VAL A 1 68  ? 9.266   3.685   -1.482  1.00 42.19 ? 1046 VAL A CG1 1 
ATOM   556  C CG2 . VAL A 1 68  ? 10.001  6.048   -1.502  1.00 42.29 ? 1046 VAL A CG2 1 
ATOM   557  N N   . LYS A 1 69  ? 9.690   3.712   2.427   1.00 35.74 ? 1047 LYS A N   1 
ATOM   558  C CA  . LYS A 1 69  ? 9.542   2.616   3.371   1.00 41.38 ? 1047 LYS A CA  1 
ATOM   559  C C   . LYS A 1 69  ? 8.270   2.748   4.197   1.00 38.23 ? 1047 LYS A C   1 
ATOM   560  O O   . LYS A 1 69  ? 7.634   1.742   4.498   1.00 38.91 ? 1047 LYS A O   1 
ATOM   561  C CB  . LYS A 1 69  ? 10.771  2.521   4.280   1.00 46.01 ? 1047 LYS A CB  1 
ATOM   562  C CG  . LYS A 1 69  ? 11.929  1.767   3.660   1.00 53.99 ? 1047 LYS A CG  1 
ATOM   563  C CD  . LYS A 1 69  ? 13.120  1.693   4.612   1.00 56.82 ? 1047 LYS A CD  1 
ATOM   564  N N   . ASP A 1 70  ? 7.872   3.958   4.591   1.00 33.85 ? 1048 ASP A N   1 
ATOM   565  C CA  . ASP A 1 70  ? 6.604   4.080   5.307   1.00 33.50 ? 1048 ASP A CA  1 
ATOM   566  C C   . ASP A 1 70  ? 5.434   3.646   4.421   1.00 39.85 ? 1048 ASP A C   1 
ATOM   567  O O   . ASP A 1 70  ? 4.476   3.011   4.887   1.00 31.39 ? 1048 ASP A O   1 
ATOM   568  C CB  . ASP A 1 70  ? 6.377   5.513   5.783   1.00 34.91 ? 1048 ASP A CB  1 
ATOM   569  C CG  . ASP A 1 70  ? 7.411   5.971   6.785   1.00 47.90 ? 1048 ASP A CG  1 
ATOM   570  O OD1 . ASP A 1 70  ? 8.079   5.095   7.378   1.00 44.50 ? 1048 ASP A OD1 1 
ATOM   571  O OD2 . ASP A 1 70  ? 7.546   7.210   6.962   1.00 52.42 ? 1048 ASP A OD2 1 
ATOM   572  N N   . TYR A 1 71  ? 5.500   3.978   3.135   1.00 31.41 ? 1049 TYR A N   1 
ATOM   573  C CA  . TYR A 1 71  ? 4.425   3.617   2.215   1.00 31.05 ? 1049 TYR A CA  1 
ATOM   574  C C   . TYR A 1 71  ? 4.354   2.109   1.998   1.00 32.25 ? 1049 TYR A C   1 
ATOM   575  O O   . TYR A 1 71  ? 3.273   1.512   2.075   1.00 32.31 ? 1049 TYR A O   1 
ATOM   576  C CB  . TYR A 1 71  ? 4.651   4.338   0.895   1.00 28.18 ? 1049 TYR A CB  1 
ATOM   577  C CG  . TYR A 1 71  ? 3.759   3.943   -0.249  1.00 28.23 ? 1049 TYR A CG  1 
ATOM   578  C CD1 . TYR A 1 71  ? 2.515   4.538   -0.412  1.00 27.32 ? 1049 TYR A CD1 1 
ATOM   579  C CD2 . TYR A 1 71  ? 4.191   3.017   -1.210  1.00 28.80 ? 1049 TYR A CD2 1 
ATOM   580  C CE1 . TYR A 1 71  ? 1.711   4.224   -1.506  1.00 28.02 ? 1049 TYR A CE1 1 
ATOM   581  C CE2 . TYR A 1 71  ? 3.382   2.687   -2.303  1.00 27.56 ? 1049 TYR A CE2 1 
ATOM   582  C CZ  . TYR A 1 71  ? 2.147   3.288   -2.431  1.00 27.44 ? 1049 TYR A CZ  1 
ATOM   583  O OH  . TYR A 1 71  ? 1.331   2.979   -3.504  1.00 25.65 ? 1049 TYR A OH  1 
ATOM   584  N N   . LEU A 1 72  ? 5.490   1.479   1.700   1.00 30.12 ? 1050 LEU A N   1 
ATOM   585  C CA  . LEU A 1 72  ? 5.477   0.051   1.391   1.00 33.71 ? 1050 LEU A CA  1 
ATOM   586  C C   . LEU A 1 72  ? 5.086   -0.791  2.601   1.00 39.93 ? 1050 LEU A C   1 
ATOM   587  O O   . LEU A 1 72  ? 4.617   -1.925  2.445   1.00 33.79 ? 1050 LEU A O   1 
ATOM   588  C CB  . LEU A 1 72  ? 6.847   -0.380  0.865   1.00 34.24 ? 1050 LEU A CB  1 
ATOM   589  C CG  . LEU A 1 72  ? 7.158   0.113   -0.540  1.00 34.42 ? 1050 LEU A CG  1 
ATOM   590  C CD1 . LEU A 1 72  ? 8.616   -0.132  -0.910  1.00 35.94 ? 1050 LEU A CD1 1 
ATOM   591  C CD2 . LEU A 1 72  ? 6.217   -0.595  -1.502  1.00 34.18 ? 1050 LEU A CD2 1 
ATOM   592  N N   . ARG A 1 73  ? 5.286   -0.272  3.821   1.00 33.52 ? 1051 ARG A N   1 
ATOM   593  C CA  . ARG A 1 73  ? 4.780   -1.027  4.962   1.00 35.50 ? 1051 ARG A CA  1 
ATOM   594  C C   . ARG A 1 73  ? 3.262   -1.061  4.963   1.00 33.41 ? 1051 ARG A C   1 
ATOM   595  O O   . ARG A 1 73  ? 2.675   -2.060  5.382   1.00 32.98 ? 1051 ARG A O   1 
ATOM   596  C CB  . ARG A 1 73  ? 5.331   -0.487  6.292   1.00 40.57 ? 1051 ARG A CB  1 
ATOM   597  C CG  . ARG A 1 73  ? 6.877   -0.550  6.395   1.00 48.17 ? 1051 ARG A CG  1 
ATOM   598  C CD  . ARG A 1 73  ? 7.408   -1.983  6.196   1.00 58.34 ? 1051 ARG A CD  1 
ATOM   599  N NE  . ARG A 1 73  ? 7.933   -2.264  4.856   1.00 63.56 ? 1051 ARG A NE  1 
ATOM   600  C CZ  . ARG A 1 73  ? 8.990   -1.665  4.292   1.00 59.79 ? 1051 ARG A CZ  1 
ATOM   601  N NH1 . ARG A 1 73  ? 9.674   -0.736  4.960   1.00 68.67 ? 1051 ARG A NH1 1 
ATOM   602  N NH2 . ARG A 1 73  ? 9.365   -1.981  3.045   1.00 61.16 ? 1051 ARG A NH2 1 
ATOM   603  N N   . ASP A 1 74  ? 2.599   -0.025  4.445   1.00 32.36 ? 1052 ASP A N   1 
ATOM   604  C CA  . ASP A 1 74  ? 1.152   -0.136  4.294   1.00 29.68 ? 1052 ASP A CA  1 
ATOM   605  C C   . ASP A 1 74  ? 0.752   -1.008  3.098   1.00 33.80 ? 1052 ASP A C   1 
ATOM   606  O O   . ASP A 1 74  ? -0.279  -1.691  3.163   1.00 31.13 ? 1052 ASP A O   1 
ATOM   607  C CB  . ASP A 1 74  ? 0.514   1.248   4.199   1.00 29.58 ? 1052 ASP A CB  1 
ATOM   608  C CG  . ASP A 1 74  ? 0.178   1.813   5.576   1.00 37.75 ? 1052 ASP A CG  1 
ATOM   609  O OD1 . ASP A 1 74  ? 0.273   1.034   6.549   1.00 36.01 ? 1052 ASP A OD1 1 
ATOM   610  O OD2 . ASP A 1 74  ? -0.170  3.005   5.694   1.00 35.73 ? 1052 ASP A OD2 1 
ATOM   611  N N   . ILE A 1 75  ? 1.529   -1.008  2.013   1.00 30.23 ? 1053 ILE A N   1 
ATOM   612  C CA  . ILE A 1 75  ? 1.274   -1.971  0.936   1.00 30.39 ? 1053 ILE A CA  1 
ATOM   613  C C   . ILE A 1 75  ? 1.456   -3.393  1.464   1.00 33.10 ? 1053 ILE A C   1 
ATOM   614  O O   . ILE A 1 75  ? 0.625   -4.278  1.222   1.00 30.00 ? 1053 ILE A O   1 
ATOM   615  C CB  . ILE A 1 75  ? 2.196   -1.702  -0.271  1.00 31.56 ? 1053 ILE A CB  1 
ATOM   616  C CG1 . ILE A 1 75  ? 1.932   -0.312  -0.893  1.00 30.14 ? 1053 ILE A CG1 1 
ATOM   617  C CG2 . ILE A 1 75  ? 2.075   -2.836  -1.310  1.00 29.69 ? 1053 ILE A CG2 1 
ATOM   618  C CD1 . ILE A 1 75  ? 0.468   -0.042  -1.289  1.00 29.86 ? 1053 ILE A CD1 1 
ATOM   619  N N   . ASP A 1 76  ? 2.547   -3.624  2.210   1.00 30.77 ? 1054 ASP A N   1 
ATOM   620  C CA  . ASP A 1 76  ? 2.791   -4.931  2.823   1.00 31.70 ? 1054 ASP A CA  1 
ATOM   621  C C   . ASP A 1 76  ? 1.629   -5.339  3.710   1.00 35.21 ? 1054 ASP A C   1 
ATOM   622  O O   . ASP A 1 76  ? 1.299   -6.532  3.801   1.00 35.57 ? 1054 ASP A O   1 
ATOM   623  C CB  . ASP A 1 76  ? 4.080   -4.919  3.660   1.00 36.98 ? 1054 ASP A CB  1 
ATOM   624  C CG  . ASP A 1 76  ? 5.350   -4.884  2.824   1.00 43.38 ? 1054 ASP A CG  1 
ATOM   625  O OD1 . ASP A 1 76  ? 5.337   -5.296  1.650   1.00 44.26 ? 1054 ASP A OD1 1 
ATOM   626  O OD2 . ASP A 1 76  ? 6.392   -4.474  3.372   1.00 51.40 ? 1054 ASP A OD2 1 
ATOM   627  N N   . LEU A 1 77  ? 1.014   -4.364  4.395   1.00 30.67 ? 1055 LEU A N   1 
ATOM   628  C CA  . LEU A 1 77  ? -0.084  -4.655  5.314   1.00 33.62 ? 1055 LEU A CA  1 
ATOM   629  C C   . LEU A 1 77  ? -1.341  -5.062  4.554   1.00 39.42 ? 1055 LEU A C   1 
ATOM   630  O O   . LEU A 1 77  ? -2.052  -5.984  4.973   1.00 32.30 ? 1055 LEU A O   1 
ATOM   631  C CB  . LEU A 1 77  ? -0.364  -3.444  6.200   1.00 34.71 ? 1055 LEU A CB  1 
ATOM   632  C CG  . LEU A 1 77  ? -1.508  -3.518  7.216   1.00 39.53 ? 1055 LEU A CG  1 
ATOM   633  C CD1 . LEU A 1 77  ? -1.240  -4.614  8.255   1.00 37.64 ? 1055 LEU A CD1 1 
ATOM   634  C CD2 . LEU A 1 77  ? -1.739  -2.160  7.894   1.00 39.46 ? 1055 LEU A CD2 1 
ATOM   635  N N   . ILE A 1 78  ? -1.636  -4.387  3.436   1.00 31.65 ? 1056 ILE A N   1 
ATOM   636  C CA  . ILE A 1 78  ? -2.740  -4.842  2.587   1.00 32.15 ? 1056 ILE A CA  1 
ATOM   637  C C   . ILE A 1 78  ? -2.555  -6.315  2.237   1.00 29.49 ? 1056 ILE A C   1 
ATOM   638  O O   . ILE A 1 78  ? -3.489  -7.128  2.348   1.00 35.69 ? 1056 ILE A O   1 
ATOM   639  C CB  . ILE A 1 78  ? -2.850  -3.972  1.321   1.00 32.64 ? 1056 ILE A CB  1 
ATOM   640  C CG1 . ILE A 1 78  ? -3.206  -2.525  1.691   1.00 29.95 ? 1056 ILE A CG1 1 
ATOM   641  C CG2 . ILE A 1 78  ? -3.898  -4.563  0.390   1.00 30.18 ? 1056 ILE A CG2 1 
ATOM   642  C CD1 . ILE A 1 78  ? -3.299  -1.543  0.487   1.00 30.18 ? 1056 ILE A CD1 1 
ATOM   643  N N   . CYS A 1 79  ? -1.332  -6.685  1.847   1.00 28.41 ? 1057 CYS A N   1 
ATOM   644  C CA  . CYS A 1 79  ? -1.039  -8.057  1.437   1.00 32.95 ? 1057 CYS A CA  1 
ATOM   645  C C   . CYS A 1 79  ? -1.128  -9.034  2.608   1.00 41.46 ? 1057 CYS A C   1 
ATOM   646  O O   . CYS A 1 79  ? -1.799  -10.071 2.512   1.00 33.41 ? 1057 CYS A O   1 
ATOM   647  C CB  . CYS A 1 79  ? 0.341   -8.126  0.806   1.00 32.05 ? 1057 CYS A CB  1 
ATOM   648  S SG  . CYS A 1 79  ? 0.739   -9.739  0.091   1.00 38.84 ? 1057 CYS A SG  1 
ATOM   649  N N   . SER A 1 80  ? -0.437  -8.737  3.718   1.00 32.04 ? 1058 SER A N   1 
ATOM   650  C CA  . SER A 1 80  ? -0.418  -9.689  4.828   1.00 35.15 ? 1058 SER A CA  1 
ATOM   651  C C   . SER A 1 80  ? -1.810  -9.875  5.423   1.00 35.50 ? 1058 SER A C   1 
ATOM   652  O O   . SER A 1 80  ? -2.196  -10.996 5.775   1.00 39.90 ? 1058 SER A O   1 
ATOM   653  C CB  . SER A 1 80  ? 0.589   -9.236  5.896   1.00 38.86 ? 1058 SER A CB  1 
ATOM   654  O OG  . SER A 1 80  ? 0.262   -7.952  6.390   1.00 38.37 ? 1058 SER A OG  1 
ATOM   655  N N   . ASN A 1 81  ? -2.584  -8.795  5.524   1.00 32.07 ? 1059 ASN A N   1 
ATOM   656  C CA  . ASN A 1 81  ? -3.971  -8.899  5.972   1.00 32.15 ? 1059 ASN A CA  1 
ATOM   657  C C   . ASN A 1 81  ? -4.770  -9.860  5.091   1.00 41.31 ? 1059 ASN A C   1 
ATOM   658  O O   . ASN A 1 81  ? -5.585  -10.646 5.588   1.00 34.31 ? 1059 ASN A O   1 
ATOM   659  C CB  . ASN A 1 81  ? -4.633  -7.523  5.942   1.00 30.93 ? 1059 ASN A CB  1 
ATOM   660  C CG  . ASN A 1 81  ? -4.291  -6.663  7.155   1.00 35.53 ? 1059 ASN A CG  1 
ATOM   661  O OD1 . ASN A 1 81  ? -3.618  -7.106  8.085   1.00 35.57 ? 1059 ASN A OD1 1 
ATOM   662  N ND2 . ASN A 1 81  ? -4.757  -5.422  7.135   1.00 34.64 ? 1059 ASN A ND2 1 
ATOM   663  N N   . ALA A 1 82  ? -4.577  -9.781  3.770   1.00 34.28 ? 1060 ALA A N   1 
ATOM   664  C CA  . ALA A 1 82  ? -5.346  -10.633 2.866   1.00 34.60 ? 1060 ALA A CA  1 
ATOM   665  C C   . ALA A 1 82  ? -4.949  -12.093 3.017   1.00 33.03 ? 1060 ALA A C   1 
ATOM   666  O O   . ALA A 1 82  ? -5.807  -12.982 2.971   1.00 41.90 ? 1060 ALA A O   1 
ATOM   667  C CB  . ALA A 1 82  ? -5.158  -10.165 1.416   1.00 31.23 ? 1060 ALA A CB  1 
ATOM   668  N N   . LEU A 1 83  ? -3.653  -12.365 3.186   1.00 33.85 ? 1061 LEU A N   1 
ATOM   669  C CA  . LEU A 1 83  ? -3.212  -13.741 3.380   1.00 38.09 ? 1061 LEU A CA  1 
ATOM   670  C C   . LEU A 1 83  ? -3.732  -14.301 4.697   1.00 43.20 ? 1061 LEU A C   1 
ATOM   671  O O   . LEU A 1 83  ? -4.084  -15.485 4.782   1.00 40.33 ? 1061 LEU A O   1 
ATOM   672  C CB  . LEU A 1 83  ? -1.688  -13.832 3.338   1.00 38.80 ? 1061 LEU A CB  1 
ATOM   673  C CG  . LEU A 1 83  ? -0.909  -13.255 2.156   1.00 45.42 ? 1061 LEU A CG  1 
ATOM   674  C CD1 . LEU A 1 83  ? 0.516   -13.773 2.188   1.00 47.69 ? 1061 LEU A CD1 1 
ATOM   675  C CD2 . LEU A 1 83  ? -1.568  -13.574 0.837   1.00 40.01 ? 1061 LEU A CD2 1 
ATOM   676  N N   . GLU A 1 84  ? -3.787  -13.461 5.734   1.00 40.27 ? 1062 GLU A N   1 
ATOM   677  C CA  . GLU A 1 84  ? -4.280  -13.906 7.034   1.00 42.21 ? 1062 GLU A CA  1 
ATOM   678  C C   . GLU A 1 84  ? -5.778  -14.136 7.000   1.00 39.45 ? 1062 GLU A C   1 
ATOM   679  O O   . GLU A 1 84  ? -6.280  -15.106 7.578   1.00 38.86 ? 1062 GLU A O   1 
ATOM   680  C CB  . GLU A 1 84  ? -3.946  -12.875 8.111   1.00 44.79 ? 1062 GLU A CB  1 
ATOM   681  C CG  . GLU A 1 84  ? -2.625  -13.090 8.826   1.00 56.54 ? 1062 GLU A CG  1 
ATOM   682  C CD  . GLU A 1 84  ? -2.058  -11.788 9.384   1.00 64.78 ? 1062 GLU A CD  1 
ATOM   683  O OE1 . GLU A 1 84  ? -0.853  -11.512 9.161   1.00 61.02 ? 1062 GLU A OE1 1 
ATOM   684  O OE2 . GLU A 1 84  ? -2.831  -11.040 10.034  1.00 57.62 ? 1062 GLU A OE2 1 
ATOM   685  N N   . TYR A 1 85  ? -6.515  -13.248 6.336   1.00 37.64 ? 1063 TYR A N   1 
ATOM   686  C CA  . TYR A 1 85  ? -7.956  -13.415 6.278   1.00 41.27 ? 1063 TYR A CA  1 
ATOM   687  C C   . TYR A 1 85  ? -8.387  -14.522 5.313   1.00 45.71 ? 1063 TYR A C   1 
ATOM   688  O O   . TYR A 1 85  ? -9.514  -15.020 5.438   1.00 38.81 ? 1063 TYR A O   1 
ATOM   689  C CB  . TYR A 1 85  ? -8.630  -12.091 5.914   1.00 37.57 ? 1063 TYR A CB  1 
ATOM   690  C CG  . TYR A 1 85  ? -10.115 -12.225 5.946   1.00 42.90 ? 1063 TYR A CG  1 
ATOM   691  C CD1 . TYR A 1 85  ? -10.862 -12.196 4.775   1.00 45.92 ? 1063 TYR A CD1 1 
ATOM   692  C CD2 . TYR A 1 85  ? -10.770 -12.488 7.145   1.00 49.02 ? 1063 TYR A CD2 1 
ATOM   693  C CE1 . TYR A 1 85  ? -12.233 -12.362 4.809   1.00 48.23 ? 1063 TYR A CE1 1 
ATOM   694  C CE2 . TYR A 1 85  ? -12.128 -12.655 7.188   1.00 52.04 ? 1063 TYR A CE2 1 
ATOM   695  C CZ  . TYR A 1 85  ? -12.855 -12.596 6.022   1.00 57.87 ? 1063 TYR A CZ  1 
ATOM   696  O OH  . TYR A 1 85  ? -14.210 -12.773 6.072   1.00 62.18 ? 1063 TYR A OH  1 
ATOM   697  N N   . ASN A 1 86  ? -7.517  -14.942 4.384   1.00 37.11 ? 1064 ASN A N   1 
ATOM   698  C CA  . ASN A 1 86  ? -7.851  -15.954 3.369   1.00 39.76 ? 1064 ASN A CA  1 
ATOM   699  C C   . ASN A 1 86  ? -6.846  -17.099 3.369   1.00 37.63 ? 1064 ASN A C   1 
ATOM   700  O O   . ASN A 1 86  ? -6.142  -17.327 2.376   1.00 38.21 ? 1064 ASN A O   1 
ATOM   701  C CB  . ASN A 1 86  ? -7.927  -15.322 1.975   1.00 40.37 ? 1064 ASN A CB  1 
ATOM   702  C CG  . ASN A 1 86  ? -9.022  -14.305 1.871   1.00 40.17 ? 1064 ASN A CG  1 
ATOM   703  O OD1 . ASN A 1 86  ? -10.189 -14.655 1.699   1.00 43.64 ? 1064 ASN A OD1 1 
ATOM   704  N ND2 . ASN A 1 86  ? -8.663  -13.026 1.975   1.00 35.95 ? 1064 ASN A ND2 1 
ATOM   705  N N   . PRO A 1 87  ? -6.786  -17.885 4.452   1.00 38.42 ? 1065 PRO A N   1 
ATOM   706  C CA  . PRO A 1 87  ? -5.765  -18.935 4.552   1.00 36.67 ? 1065 PRO A CA  1 
ATOM   707  C C   . PRO A 1 87  ? -6.107  -20.292 3.938   1.00 43.65 ? 1065 PRO A C   1 
ATOM   708  O O   . PRO A 1 87  ? -5.191  -21.116 3.797   1.00 45.24 ? 1065 PRO A O   1 
ATOM   709  C CB  . PRO A 1 87  ? -5.596  -19.071 6.076   1.00 39.26 ? 1065 PRO A CB  1 
ATOM   710  C CG  . PRO A 1 87  ? -6.982  -18.834 6.595   1.00 42.98 ? 1065 PRO A CG  1 
ATOM   711  C CD  . PRO A 1 87  ? -7.623  -17.813 5.663   1.00 43.41 ? 1065 PRO A CD  1 
ATOM   712  N N   . ASP A 1 88  ? -7.359  -20.546 3.558   1.00 42.81 ? 1066 ASP A N   1 
ATOM   713  C CA  . ASP A 1 88  ? -7.836  -21.880 3.200   1.00 44.36 ? 1066 ASP A CA  1 
ATOM   714  C C   . ASP A 1 88  ? -7.467  -22.248 1.762   1.00 50.33 ? 1066 ASP A C   1 
ATOM   715  O O   . ASP A 1 88  ? -7.142  -21.387 0.936   1.00 40.11 ? 1066 ASP A O   1 
ATOM   716  C CB  . ASP A 1 88  ? -9.354  -21.969 3.365   1.00 45.07 ? 1066 ASP A CB  1 
ATOM   717  C CG  . ASP A 1 88  ? -9.818  -21.672 4.785   1.00 58.17 ? 1066 ASP A CG  1 
ATOM   718  O OD1 . ASP A 1 88  ? -9.013  -21.843 5.730   1.00 53.13 ? 1066 ASP A OD1 1 
ATOM   719  O OD2 . ASP A 1 88  ? -10.999 -21.295 4.959   1.00 66.63 ? 1066 ASP A OD2 1 
ATOM   720  N N   . ARG A 1 89  ? -7.541  -23.554 1.454   1.00 44.13 ? 1067 ARG A N   1 
ATOM   721  C CA  A ARG A 1 89  ? -7.212  -24.025 0.109   0.62 43.50 ? 1067 ARG A CA  1 
ATOM   722  C CA  B ARG A 1 89  ? -7.203  -24.005 0.109   0.38 43.38 ? 1067 ARG A CA  1 
ATOM   723  C C   . ARG A 1 89  ? -8.324  -23.778 -0.899  1.00 42.60 ? 1067 ARG A C   1 
ATOM   724  O O   . ARG A 1 89  ? -8.117  -24.028 -2.094  1.00 41.50 ? 1067 ARG A O   1 
ATOM   725  C CB  A ARG A 1 89  ? -6.856  -25.523 0.109   0.62 42.53 ? 1067 ARG A CB  1 
ATOM   726  C CB  B ARG A 1 89  ? -6.809  -25.489 0.122   0.38 42.64 ? 1067 ARG A CB  1 
ATOM   727  C CG  A ARG A 1 89  ? -8.009  -26.521 0.388   0.62 41.28 ? 1067 ARG A CG  1 
ATOM   728  C CG  B ARG A 1 89  ? -7.925  -26.464 0.506   0.38 41.25 ? 1067 ARG A CG  1 
ATOM   729  C CD  A ARG A 1 89  ? -8.741  -27.014 -0.883  0.62 39.22 ? 1067 ARG A CD  1 
ATOM   730  C CD  B ARG A 1 89  ? -8.507  -27.167 -0.713  0.38 39.24 ? 1067 ARG A CD  1 
ATOM   731  N NE  A ARG A 1 89  ? -7.858  -27.349 -2.000  0.62 33.40 ? 1067 ARG A NE  1 
ATOM   732  N NE  B ARG A 1 89  ? -9.940  -26.932 -0.810  0.38 42.48 ? 1067 ARG A NE  1 
ATOM   733  C CZ  A ARG A 1 89  ? -8.232  -27.306 -3.280  0.62 36.75 ? 1067 ARG A CZ  1 
ATOM   734  C CZ  B ARG A 1 89  ? -10.612 -26.842 -1.952  0.38 36.21 ? 1067 ARG A CZ  1 
ATOM   735  N NH1 A ARG A 1 89  ? -7.378  -27.619 -4.245  0.62 30.76 ? 1067 ARG A NH1 1 
ATOM   736  N NH1 B ARG A 1 89  ? -11.914 -26.619 -1.926  0.38 22.63 ? 1067 ARG A NH1 1 
ATOM   737  N NH2 A ARG A 1 89  ? -9.464  -26.945 -3.595  0.62 37.17 ? 1067 ARG A NH2 1 
ATOM   738  N NH2 B ARG A 1 89  ? -9.979  -26.968 -3.113  0.38 39.24 ? 1067 ARG A NH2 1 
ATOM   739  N N   . ASP A 1 90  ? -9.483  -23.298 -0.462  1.00 34.11 ? 1068 ASP A N   1 
ATOM   740  C CA  . ASP A 1 90  ? -10.595 -23.168 -1.384  1.00 40.97 ? 1068 ASP A CA  1 
ATOM   741  C C   . ASP A 1 90  ? -10.331 -22.042 -2.390  1.00 44.46 ? 1068 ASP A C   1 
ATOM   742  O O   . ASP A 1 90  ? -9.593  -21.092 -2.097  1.00 38.29 ? 1068 ASP A O   1 
ATOM   743  C CB  . ASP A 1 90  ? -11.902 -22.953 -0.620  1.00 45.88 ? 1068 ASP A CB  1 
ATOM   744  C CG  . ASP A 1 90  ? -12.113 -21.532 -0.180  1.00 50.96 ? 1068 ASP A CG  1 
ATOM   745  O OD1 . ASP A 1 90  ? -12.797 -20.775 -0.910  1.00 59.87 ? 1068 ASP A OD1 1 
ATOM   746  O OD2 . ASP A 1 90  ? -11.616 -21.178 0.915   1.00 63.32 ? 1068 ASP A OD2 1 
ATOM   747  N N   . PRO A 1 91  ? -10.898 -22.149 -3.597  1.00 36.57 ? 1069 PRO A N   1 
ATOM   748  C CA  . PRO A 1 91  ? -10.491 -21.235 -4.675  1.00 37.29 ? 1069 PRO A CA  1 
ATOM   749  C C   . PRO A 1 91  ? -10.786 -19.774 -4.394  1.00 35.66 ? 1069 PRO A C   1 
ATOM   750  O O   . PRO A 1 91  ? -10.070 -18.907 -4.914  1.00 34.52 ? 1069 PRO A O   1 
ATOM   751  C CB  . PRO A 1 91  ? -11.297 -21.730 -5.890  1.00 37.61 ? 1069 PRO A CB  1 
ATOM   752  C CG  . PRO A 1 91  ? -11.821 -23.096 -5.501  1.00 38.27 ? 1069 PRO A CG  1 
ATOM   753  C CD  . PRO A 1 91  ? -11.953 -23.086 -4.028  1.00 38.66 ? 1069 PRO A CD  1 
ATOM   754  N N   . GLY A 1 92  ? -11.848 -19.463 -3.649  1.00 35.01 ? 1070 GLY A N   1 
ATOM   755  C CA  . GLY A 1 92  ? -12.117 -18.063 -3.337  1.00 39.79 ? 1070 GLY A CA  1 
ATOM   756  C C   . GLY A 1 92  ? -10.989 -17.433 -2.539  1.00 40.11 ? 1070 GLY A C   1 
ATOM   757  O O   . GLY A 1 92  ? -10.515 -16.336 -2.858  1.00 35.82 ? 1070 GLY A O   1 
ATOM   758  N N   . ASP A 1 93  ? -10.545 -18.127 -1.486  1.00 38.24 ? 1071 ASP A N   1 
ATOM   759  C CA  . ASP A 1 93  ? -9.390  -17.682 -0.708  1.00 40.61 ? 1071 ASP A CA  1 
ATOM   760  C C   . ASP A 1 93  ? -8.132  -17.637 -1.561  1.00 38.92 ? 1071 ASP A C   1 
ATOM   761  O O   . ASP A 1 93  ? -7.351  -16.680 -1.475  1.00 37.39 ? 1071 ASP A O   1 
ATOM   762  C CB  . ASP A 1 93  ? -9.158  -18.609 0.493   1.00 40.85 ? 1071 ASP A CB  1 
ATOM   763  C CG  . ASP A 1 93  ? -10.089 -18.323 1.663   1.00 44.48 ? 1071 ASP A CG  1 
ATOM   764  O OD1 . ASP A 1 93  ? -11.196 -17.779 1.459   1.00 44.48 ? 1071 ASP A OD1 1 
ATOM   765  O OD2 . ASP A 1 93  ? -9.686  -18.627 2.809   1.00 44.66 ? 1071 ASP A OD2 1 
ATOM   766  N N   . ARG A 1 94  ? -7.895  -18.680 -2.367  1.00 33.32 ? 1072 ARG A N   1 
ATOM   767  C CA  . ARG A 1 94  ? -6.678  -18.732 -3.172  1.00 35.16 ? 1072 ARG A CA  1 
ATOM   768  C C   . ARG A 1 94  ? -6.615  -17.567 -4.157  1.00 38.41 ? 1072 ARG A C   1 
ATOM   769  O O   . ARG A 1 94  ? -5.536  -17.023 -4.416  1.00 32.28 ? 1072 ARG A O   1 
ATOM   770  C CB  . ARG A 1 94  ? -6.580  -20.060 -3.931  1.00 39.08 ? 1072 ARG A CB  1 
ATOM   771  C CG  . ARG A 1 94  ? -5.886  -21.194 -3.172  1.00 49.67 ? 1072 ARG A CG  1 
ATOM   772  C CD  . ARG A 1 94  ? -5.414  -22.304 -4.109  1.00 56.86 ? 1072 ARG A CD  1 
ATOM   773  N NE  . ARG A 1 94  ? -4.123  -22.859 -3.692  1.00 70.60 ? 1072 ARG A NE  1 
ATOM   774  C CZ  . ARG A 1 94  ? -2.997  -22.774 -4.403  1.00 69.44 ? 1072 ARG A CZ  1 
ATOM   775  N NH1 . ARG A 1 94  ? -1.872  -23.311 -3.935  1.00 71.05 ? 1072 ARG A NH1 1 
ATOM   776  N NH2 . ARG A 1 94  ? -2.990  -22.154 -5.578  1.00 59.49 ? 1072 ARG A NH2 1 
ATOM   777  N N   . LEU A 1 95  ? -7.762  -17.188 -4.725  1.00 35.66 ? 1073 LEU A N   1 
ATOM   778  C CA  . LEU A 1 95  ? -7.790  -16.092 -5.691  1.00 33.66 ? 1073 LEU A CA  1 
ATOM   779  C C   . LEU A 1 95  ? -7.411  -14.766 -5.036  1.00 34.72 ? 1073 LEU A C   1 
ATOM   780  O O   . LEU A 1 95  ? -6.640  -13.979 -5.603  1.00 31.09 ? 1073 LEU A O   1 
ATOM   781  C CB  . LEU A 1 95  ? -9.175  -15.997 -6.320  1.00 32.27 ? 1073 LEU A CB  1 
ATOM   782  C CG  . LEU A 1 95  ? -9.421  -14.859 -7.313  1.00 30.95 ? 1073 LEU A CG  1 
ATOM   783  C CD1 . LEU A 1 95  ? -8.432  -14.901 -8.462  1.00 34.62 ? 1073 LEU A CD1 1 
ATOM   784  C CD2 . LEU A 1 95  ? -10.851 -14.908 -7.831  1.00 38.65 ? 1073 LEU A CD2 1 
ATOM   785  N N   . ILE A 1 96  ? -7.935  -14.508 -3.840  1.00 33.08 ? 1074 ILE A N   1 
ATOM   786  C CA  . ILE A 1 96  ? -7.595  -13.273 -3.134  1.00 35.73 ? 1074 ILE A CA  1 
ATOM   787  C C   . ILE A 1 96  ? -6.114  -13.254 -2.775  1.00 36.02 ? 1074 ILE A C   1 
ATOM   788  O O   . ILE A 1 96  ? -5.437  -12.221 -2.914  1.00 33.66 ? 1074 ILE A O   1 
ATOM   789  C CB  . ILE A 1 96  ? -8.481  -13.097 -1.891  1.00 38.20 ? 1074 ILE A CB  1 
ATOM   790  C CG1 . ILE A 1 96  ? -9.959  -13.068 -2.285  1.00 39.26 ? 1074 ILE A CG1 1 
ATOM   791  C CG2 . ILE A 1 96  ? -8.116  -11.796 -1.165  1.00 33.55 ? 1074 ILE A CG2 1 
ATOM   792  C CD1 . ILE A 1 96  ? -10.293 -12.016 -3.302  1.00 44.86 ? 1074 ILE A CD1 1 
ATOM   793  N N   . ARG A 1 97  ? -5.582  -14.390 -2.308  1.00 34.33 ? 1075 ARG A N   1 
ATOM   794  C CA  . ARG A 1 97  ? -4.157  -14.452 -1.985  1.00 34.81 ? 1075 ARG A CA  1 
ATOM   795  C C   . ARG A 1 97  ? -3.304  -14.162 -3.211  1.00 38.51 ? 1075 ARG A C   1 
ATOM   796  O O   . ARG A 1 97  ? -2.306  -13.431 -3.130  1.00 30.92 ? 1075 ARG A O   1 
ATOM   797  C CB  . ARG A 1 97  ? -3.788  -15.824 -1.410  1.00 36.24 ? 1075 ARG A CB  1 
ATOM   798  C CG  . ARG A 1 97  ? -4.396  -16.134 -0.052  1.00 35.34 ? 1075 ARG A CG  1 
ATOM   799  C CD  . ARG A 1 97  ? -3.537  -17.150 0.717   1.00 38.44 ? 1075 ARG A CD  1 
ATOM   800  N NE  . ARG A 1 97  ? -3.335  -18.409 -0.004  1.00 42.78 ? 1075 ARG A NE  1 
ATOM   801  C CZ  . ARG A 1 97  ? -4.178  -19.442 0.044   1.00 41.90 ? 1075 ARG A CZ  1 
ATOM   802  N NH1 . ARG A 1 97  ? -5.281  -19.368 0.773   1.00 41.88 ? 1075 ARG A NH1 1 
ATOM   803  N NH2 . ARG A 1 97  ? -3.918  -20.553 -0.638  1.00 48.26 ? 1075 ARG A NH2 1 
ATOM   804  N N   . HIS A 1 98  ? -3.666  -14.739 -4.364  1.00 29.60 ? 1076 HIS A N   1 
ATOM   805  C CA  . HIS A 1 98  ? -2.882  -14.475 -5.560  1.00 31.73 ? 1076 HIS A CA  1 
ATOM   806  C C   . HIS A 1 98  ? -2.945  -12.992 -5.935  1.00 29.13 ? 1076 HIS A C   1 
ATOM   807  O O   . HIS A 1 98  ? -1.942  -12.409 -6.356  1.00 31.53 ? 1076 HIS A O   1 
ATOM   808  C CB  . HIS A 1 98  ? -3.369  -15.360 -6.715  1.00 32.36 ? 1076 HIS A CB  1 
ATOM   809  C CG  . HIS A 1 98  ? -2.479  -15.325 -7.923  1.00 42.07 ? 1076 HIS A CG  1 
ATOM   810  N ND1 . HIS A 1 98  ? -2.718  -14.507 -9.010  1.00 46.85 ? 1076 HIS A ND1 1 
ATOM   811  C CD2 . HIS A 1 98  ? -1.339  -16.003 -8.205  1.00 47.44 ? 1076 HIS A CD2 1 
ATOM   812  C CE1 . HIS A 1 98  ? -1.766  -14.687 -9.910  1.00 46.35 ? 1076 HIS A CE1 1 
ATOM   813  N NE2 . HIS A 1 98  ? -0.915  -15.589 -9.445  1.00 42.95 ? 1076 HIS A NE2 1 
ATOM   814  N N   . ARG A 1 99  ? -4.111  -12.373 -5.784  1.00 30.46 ? 1077 ARG A N   1 
ATOM   815  C CA  . ARG A 1 99  ? -4.239  -10.954 -6.110  1.00 34.61 ? 1077 ARG A CA  1 
ATOM   816  C C   . ARG A 1 99  ? -3.466  -10.093 -5.123  1.00 34.10 ? 1077 ARG A C   1 
ATOM   817  O O   . ARG A 1 99  ? -2.853  -9.087  -5.508  1.00 30.36 ? 1077 ARG A O   1 
ATOM   818  C CB  . ARG A 1 99  ? -5.708  -10.551 -6.119  1.00 32.53 ? 1077 ARG A CB  1 
ATOM   819  C CG  . ARG A 1 99  ? -6.503  -11.149 -7.265  1.00 31.47 ? 1077 ARG A CG  1 
ATOM   820  C CD  . ARG A 1 99  ? -7.977  -10.940 -7.051  1.00 32.90 ? 1077 ARG A CD  1 
ATOM   821  N NE  . ARG A 1 99  ? -8.727  -11.197 -8.283  1.00 36.15 ? 1077 ARG A NE  1 
ATOM   822  C CZ  . ARG A 1 99  ? -10.052 -11.217 -8.359  1.00 35.95 ? 1077 ARG A CZ  1 
ATOM   823  N NH1 . ARG A 1 99  ? -10.786 -10.994 -7.278  1.00 37.54 ? 1077 ARG A NH1 1 
ATOM   824  N NH2 . ARG A 1 99  ? -10.645 -11.462 -9.523  1.00 41.13 ? 1077 ARG A NH2 1 
ATOM   825  N N   . ALA A 1 100 ? -3.502  -10.464 -3.844  1.00 28.68 ? 1078 ALA A N   1 
ATOM   826  C CA  . ALA A 1 100 ? -2.764  -9.718  -2.830  1.00 33.97 ? 1078 ALA A CA  1 
ATOM   827  C C   . ALA A 1 100 ? -1.270  -9.748  -3.111  1.00 33.42 ? 1078 ALA A C   1 
ATOM   828  O O   . ALA A 1 100 ? -0.593  -8.711  -3.047  1.00 35.00 ? 1078 ALA A O   1 
ATOM   829  C CB  . ALA A 1 100 ? -3.064  -10.289 -1.441  1.00 32.99 ? 1078 ALA A CB  1 
ATOM   830  N N   . CYS A 1 101 ? -0.739  -10.930 -3.440  1.00 31.14 ? 1079 CYS A N   1 
ATOM   831  C CA  . CYS A 1 101 ? 0.678   -11.043 -3.742  1.00 31.90 ? 1079 CYS A CA  1 
ATOM   832  C C   . CYS A 1 101 ? 1.023   -10.297 -5.019  1.00 32.80 ? 1079 CYS A C   1 
ATOM   833  O O   . CYS A 1 101 ? 2.099   -9.696  -5.116  1.00 31.55 ? 1079 CYS A O   1 
ATOM   834  C CB  . CYS A 1 101 ? 1.074   -12.509 -3.842  1.00 36.73 ? 1079 CYS A CB  1 
ATOM   835  S SG  . CYS A 1 101 ? 0.951   -13.287 -2.208  1.00 46.61 ? 1079 CYS A SG  1 
ATOM   836  N N   . ALA A 1 102 ? 0.119   -10.310 -6.004  1.00 30.59 ? 1080 ALA A N   1 
ATOM   837  C CA  . ALA A 1 102 ? 0.377   -9.550  -7.228  1.00 31.05 ? 1080 ALA A CA  1 
ATOM   838  C C   . ALA A 1 102 ? 0.366   -8.049  -6.957  1.00 28.44 ? 1080 ALA A C   1 
ATOM   839  O O   . ALA A 1 102 ? 1.135   -7.302  -7.570  1.00 31.97 ? 1080 ALA A O   1 
ATOM   840  C CB  . ALA A 1 102 ? -0.647  -9.900  -8.311  1.00 29.08 ? 1080 ALA A CB  1 
ATOM   841  N N   . LEU A 1 103 ? -0.528  -7.588  -6.084  1.00 30.28 ? 1081 LEU A N   1 
ATOM   842  C CA  . LEU A 1 103 ? -0.543  -6.172  -5.715  1.00 32.53 ? 1081 LEU A CA  1 
ATOM   843  C C   . LEU A 1 103 ? 0.784   -5.757  -5.103  1.00 32.30 ? 1081 LEU A C   1 
ATOM   844  O O   . LEU A 1 103 ? 1.366   -4.731  -5.483  1.00 29.09 ? 1081 LEU A O   1 
ATOM   845  C CB  . LEU A 1 103 ? -1.683  -5.881  -4.735  1.00 29.46 ? 1081 LEU A CB  1 
ATOM   846  C CG  . LEU A 1 103 ? -1.658  -4.429  -4.208  1.00 35.07 ? 1081 LEU A CG  1 
ATOM   847  C CD1 . LEU A 1 103 ? -2.380  -3.516  -5.149  1.00 38.48 ? 1081 LEU A CD1 1 
ATOM   848  C CD2 . LEU A 1 103 ? -2.277  -4.323  -2.833  1.00 45.82 ? 1081 LEU A CD2 1 
ATOM   849  N N   . ARG A 1 104 ? 1.276   -6.553  -4.148  1.00 30.84 ? 1082 ARG A N   1 
ATOM   850  C CA  . ARG A 1 104 ? 2.555   -6.265  -3.505  1.00 35.44 ? 1082 ARG A CA  1 
ATOM   851  C C   . ARG A 1 104 ? 3.701   -6.301  -4.511  1.00 35.27 ? 1082 ARG A C   1 
ATOM   852  O O   . ARG A 1 104 ? 4.528   -5.380  -4.563  1.00 31.11 ? 1082 ARG A O   1 
ATOM   853  C CB  . ARG A 1 104 ? 2.794   -7.264  -2.371  1.00 36.01 ? 1082 ARG A CB  1 
ATOM   854  C CG  . ARG A 1 104 ? 4.177   -7.194  -1.713  1.00 38.66 ? 1082 ARG A CG  1 
ATOM   855  C CD  . ARG A 1 104 ? 4.173   -7.937  -0.387  1.00 46.98 ? 1082 ARG A CD  1 
ATOM   856  N NE  . ARG A 1 104 ? 5.326   -7.589  0.441   1.00 58.40 ? 1082 ARG A NE  1 
ATOM   857  C CZ  . ARG A 1 104 ? 6.423   -8.336  0.543   1.00 66.27 ? 1082 ARG A CZ  1 
ATOM   858  N NH1 . ARG A 1 104 ? 6.510   -9.479  -0.131  1.00 62.70 ? 1082 ARG A NH1 1 
ATOM   859  N NH2 . ARG A 1 104 ? 7.431   -7.942  1.315   1.00 65.82 ? 1082 ARG A NH2 1 
ATOM   860  N N   . ASP A 1 105 ? 3.759   -7.357  -5.329  1.00 31.64 ? 1083 ASP A N   1 
ATOM   861  C CA  . ASP A 1 105 ? 4.806   -7.464  -6.341  1.00 31.57 ? 1083 ASP A CA  1 
ATOM   862  C C   . ASP A 1 105 ? 4.770   -6.292  -7.308  1.00 29.67 ? 1083 ASP A C   1 
ATOM   863  O O   . ASP A 1 105 ? 5.824   -5.784  -7.716  1.00 29.24 ? 1083 ASP A O   1 
ATOM   864  C CB  . ASP A 1 105 ? 4.662   -8.763  -7.125  1.00 34.67 ? 1083 ASP A CB  1 
ATOM   865  C CG  . ASP A 1 105 ? 4.941   -9.994  -6.278  1.00 48.49 ? 1083 ASP A CG  1 
ATOM   866  O OD1 . ASP A 1 105 ? 5.680   -9.895  -5.268  1.00 43.33 ? 1083 ASP A OD1 1 
ATOM   867  O OD2 . ASP A 1 105 ? 4.404   -11.060 -6.632  1.00 49.41 ? 1083 ASP A OD2 1 
ATOM   868  N N   . THR A 1 106 ? 3.573   -5.866  -7.706  1.00 28.19 ? 1084 THR A N   1 
ATOM   869  C CA  . THR A 1 106 ? 3.475   -4.769  -8.668  1.00 32.12 ? 1084 THR A CA  1 
ATOM   870  C C   . THR A 1 106 ? 3.987   -3.467  -8.067  1.00 30.23 ? 1084 THR A C   1 
ATOM   871  O O   . THR A 1 106 ? 4.718   -2.712  -8.722  1.00 30.12 ? 1084 THR A O   1 
ATOM   872  C CB  . THR A 1 106 ? 2.026   -4.604  -9.134  1.00 32.22 ? 1084 THR A CB  1 
ATOM   873  O OG1 . THR A 1 106 ? 1.591   -5.814  -9.775  1.00 31.07 ? 1084 THR A OG1 1 
ATOM   874  C CG2 . THR A 1 106 ? 1.910   -3.448  -10.123 1.00 31.48 ? 1084 THR A CG2 1 
ATOM   875  N N   . ALA A 1 107 ? 3.590   -3.172  -6.829  1.00 27.04 ? 1085 ALA A N   1 
ATOM   876  C CA  . ALA A 1 107 ? 4.040   -1.940  -6.174  1.00 33.68 ? 1085 ALA A CA  1 
ATOM   877  C C   . ALA A 1 107 ? 5.557   -1.917  -6.026  1.00 31.45 ? 1085 ALA A C   1 
ATOM   878  O O   . ALA A 1 107 ? 6.212   -0.915  -6.350  1.00 28.02 ? 1085 ALA A O   1 
ATOM   879  C CB  . ALA A 1 107 ? 3.361   -1.792  -4.809  1.00 29.07 ? 1085 ALA A CB  1 
ATOM   880  N N   . TYR A 1 108 ? 6.147   -3.022  -5.545  1.00 27.56 ? 1086 TYR A N   1 
ATOM   881  C CA  . TYR A 1 108 ? 7.603   -3.062  -5.419  1.00 30.99 ? 1086 TYR A CA  1 
ATOM   882  C C   . TYR A 1 108 ? 8.284   -2.901  -6.774  1.00 31.54 ? 1086 TYR A C   1 
ATOM   883  O O   . TYR A 1 108 ? 9.321   -2.227  -6.881  1.00 29.59 ? 1086 TYR A O   1 
ATOM   884  C CB  . TYR A 1 108 ? 8.049   -4.373  -4.748  1.00 31.89 ? 1086 TYR A CB  1 
ATOM   885  C CG  . TYR A 1 108 ? 8.013   -4.317  -3.241  1.00 30.96 ? 1086 TYR A CG  1 
ATOM   886  C CD1 . TYR A 1 108 ? 6.816   -4.422  -2.550  1.00 34.17 ? 1086 TYR A CD1 1 
ATOM   887  C CD2 . TYR A 1 108 ? 9.181   -4.129  -2.505  1.00 39.27 ? 1086 TYR A CD2 1 
ATOM   888  C CE1 . TYR A 1 108 ? 6.775   -4.367  -1.154  1.00 35.68 ? 1086 TYR A CE1 1 
ATOM   889  C CE2 . TYR A 1 108 ? 9.149   -4.075  -1.121  1.00 37.86 ? 1086 TYR A CE2 1 
ATOM   890  C CZ  . TYR A 1 108 ? 7.944   -4.191  -0.455  1.00 38.62 ? 1086 TYR A CZ  1 
ATOM   891  O OH  . TYR A 1 108 ? 7.906   -4.128  0.916   1.00 37.28 ? 1086 TYR A OH  1 
ATOM   892  N N   . ALA A 1 109 ? 7.727   -3.520  -7.823  1.00 28.68 ? 1087 ALA A N   1 
ATOM   893  C CA  . ALA A 1 109 ? 8.354   -3.445  -9.141  1.00 34.37 ? 1087 ALA A CA  1 
ATOM   894  C C   . ALA A 1 109 ? 8.286   -2.032  -9.711  1.00 32.81 ? 1087 ALA A C   1 
ATOM   895  O O   . ALA A 1 109 ? 9.236   -1.574  -10.356 1.00 29.09 ? 1087 ALA A O   1 
ATOM   896  C CB  . ALA A 1 109 ? 7.701   -4.432  -10.112 1.00 34.05 ? 1087 ALA A CB  1 
ATOM   897  N N   . ILE A 1 110 ? 7.170   -1.328  -9.496  1.00 30.76 ? 1088 ILE A N   1 
ATOM   898  C CA  . ILE A 1 110 ? 7.078   0.053   -9.976  1.00 30.91 ? 1088 ILE A CA  1 
ATOM   899  C C   . ILE A 1 110 ? 8.114   0.915   -9.273  1.00 32.23 ? 1088 ILE A C   1 
ATOM   900  O O   . ILE A 1 110 ? 8.843   1.692   -9.905  1.00 29.79 ? 1088 ILE A O   1 
ATOM   901  C CB  . ILE A 1 110 ? 5.655   0.607   -9.776  1.00 28.51 ? 1088 ILE A CB  1 
ATOM   902  C CG1 . ILE A 1 110 ? 4.670   -0.097  -10.711 1.00 31.31 ? 1088 ILE A CG1 1 
ATOM   903  C CG2 . ILE A 1 110 ? 5.631   2.109   -10.047 1.00 30.47 ? 1088 ILE A CG2 1 
ATOM   904  C CD1 . ILE A 1 110 ? 3.218   0.268   -10.447 1.00 28.87 ? 1088 ILE A CD1 1 
ATOM   905  N N   . ILE A 1 111 ? 8.225   0.753   -7.952  1.00 30.77 ? 1089 ILE A N   1 
ATOM   906  C CA  . ILE A 1 111 ? 9.177   1.545   -7.179  1.00 32.79 ? 1089 ILE A CA  1 
ATOM   907  C C   . ILE A 1 111 ? 10.612  1.213   -7.591  1.00 33.12 ? 1089 ILE A C   1 
ATOM   908  O O   . ILE A 1 111 ? 11.433  2.113   -7.809  1.00 34.17 ? 1089 ILE A O   1 
ATOM   909  C CB  . ILE A 1 111 ? 8.923   1.336   -5.669  1.00 33.84 ? 1089 ILE A CB  1 
ATOM   910  C CG1 A ILE A 1 111 ? 7.548   1.920   -5.320  0.58 33.87 ? 1089 ILE A CG1 1 
ATOM   911  C CG1 B ILE A 1 111 ? 8.038   2.447   -5.100  0.42 34.26 ? 1089 ILE A CG1 1 
ATOM   912  C CG2 A ILE A 1 111 ? 10.016  1.988   -4.826  0.58 34.50 ? 1089 ILE A CG2 1 
ATOM   913  C CG2 B ILE A 1 111 ? 10.245  1.284   -4.888  0.42 34.05 ? 1089 ILE A CG2 1 
ATOM   914  C CD1 A ILE A 1 111 ? 7.132   1.748   -3.884  0.58 32.46 ? 1089 ILE A CD1 1 
ATOM   915  C CD1 B ILE A 1 111 ? 6.656   2.461   -5.671  0.42 32.96 ? 1089 ILE A CD1 1 
ATOM   916  N N   . LYS A 1 112 ? 10.928  -0.075  -7.747  1.00 33.01 ? 1090 LYS A N   1 
ATOM   917  C CA  . LYS A 1 112 ? 12.280  -0.459  -8.156  1.00 33.65 ? 1090 LYS A CA  1 
ATOM   918  C C   . LYS A 1 112 ? 12.648  0.144   -9.508  1.00 35.30 ? 1090 LYS A C   1 
ATOM   919  O O   . LYS A 1 112 ? 13.790  0.569   -9.722  1.00 34.94 ? 1090 LYS A O   1 
ATOM   920  C CB  . LYS A 1 112 ? 12.395  -1.985  -8.211  1.00 40.24 ? 1090 LYS A CB  1 
ATOM   921  C CG  . LYS A 1 112 ? 13.642  -2.495  -8.924  1.00 46.46 ? 1090 LYS A CG  1 
ATOM   922  C CD  . LYS A 1 112 ? 14.845  -2.500  -7.986  1.00 59.27 ? 1090 LYS A CD  1 
ATOM   923  C CE  . LYS A 1 112 ? 14.832  -3.722  -7.072  1.00 64.74 ? 1090 LYS A CE  1 
ATOM   924  N NZ  . LYS A 1 112 ? 15.670  -3.528  -5.848  1.00 70.40 ? 1090 LYS A NZ  1 
ATOM   925  N N   . GLU A 1 113 ? 11.689  0.201   -10.428 1.00 32.66 ? 1091 GLU A N   1 
ATOM   926  C CA  . GLU A 1 113 ? 11.948  0.698   -11.770 1.00 31.49 ? 1091 GLU A CA  1 
ATOM   927  C C   . GLU A 1 113 ? 11.956  2.218   -11.855 1.00 34.37 ? 1091 GLU A C   1 
ATOM   928  O O   . GLU A 1 113 ? 12.634  2.783   -12.726 1.00 34.30 ? 1091 GLU A O   1 
ATOM   929  C CB  . GLU A 1 113 ? 10.886  0.151   -12.725 1.00 36.39 ? 1091 GLU A CB  1 
ATOM   930  C CG  . GLU A 1 113 ? 11.351  -0.072  -14.130 1.00 50.88 ? 1091 GLU A CG  1 
ATOM   931  C CD  . GLU A 1 113 ? 10.369  -0.918  -14.927 1.00 58.37 ? 1091 GLU A CD  1 
ATOM   932  O OE1 . GLU A 1 113 ? 9.150   -0.630  -14.888 1.00 59.07 ? 1091 GLU A OE1 1 
ATOM   933  O OE2 . GLU A 1 113 ? 10.817  -1.889  -15.572 1.00 71.21 ? 1091 GLU A OE2 1 
ATOM   934  N N   . GLU A 1 114 ? 11.182  2.905   -11.018 1.00 29.68 ? 1092 GLU A N   1 
ATOM   935  C CA  . GLU A 1 114 ? 10.896  4.311   -11.279 1.00 32.58 ? 1092 GLU A CA  1 
ATOM   936  C C   . GLU A 1 114 ? 11.318  5.269   -10.173 1.00 33.96 ? 1092 GLU A C   1 
ATOM   937  O O   . GLU A 1 114 ? 11.308  6.485   -10.399 1.00 33.67 ? 1092 GLU A O   1 
ATOM   938  C CB  . GLU A 1 114 ? 9.395   4.504   -11.554 1.00 31.53 ? 1092 GLU A CB  1 
ATOM   939  C CG  . GLU A 1 114 ? 8.881   3.639   -12.715 1.00 32.72 ? 1092 GLU A CG  1 
ATOM   940  C CD  . GLU A 1 114 ? 7.398   3.827   -12.955 1.00 32.11 ? 1092 GLU A CD  1 
ATOM   941  O OE1 . GLU A 1 114 ? 6.854   4.874   -12.537 1.00 32.47 ? 1092 GLU A OE1 1 
ATOM   942  O OE2 . GLU A 1 114 ? 6.770   2.934   -13.563 1.00 33.58 ? 1092 GLU A OE2 1 
ATOM   943  N N   . LEU A 1 115 ? 11.677  4.785   -8.997  1.00 30.57 ? 1093 LEU A N   1 
ATOM   944  C CA  . LEU A 1 115 ? 12.099  5.669   -7.915  1.00 34.06 ? 1093 LEU A CA  1 
ATOM   945  C C   . LEU A 1 115 ? 13.622  5.703   -7.844  1.00 35.84 ? 1093 LEU A C   1 
ATOM   946  O O   . LEU A 1 115 ? 14.261  4.661   -7.665  1.00 35.75 ? 1093 LEU A O   1 
ATOM   947  C CB  . LEU A 1 115 ? 11.519  5.206   -6.583  1.00 37.14 ? 1093 LEU A CB  1 
ATOM   948  C CG  . LEU A 1 115 ? 11.937  6.132   -5.439  1.00 43.66 ? 1093 LEU A CG  1 
ATOM   949  C CD1 . LEU A 1 115 ? 10.996  7.315   -5.347  1.00 46.57 ? 1093 LEU A CD1 1 
ATOM   950  C CD2 . LEU A 1 115 ? 11.963  5.324   -4.177  1.00 46.72 ? 1093 LEU A CD2 1 
ATOM   951  N N   . ASP A 1 116 ? 14.203  6.897   -7.965  1.00 34.92 ? 1094 ASP A N   1 
ATOM   952  C CA  . ASP A 1 116 ? 15.651  7.036   -7.832  1.00 34.07 ? 1094 ASP A CA  1 
ATOM   953  C C   . ASP A 1 116 ? 16.080  6.725   -6.403  1.00 32.82 ? 1094 ASP A C   1 
ATOM   954  O O   . ASP A 1 116 ? 15.518  7.265   -5.442  1.00 31.83 ? 1094 ASP A O   1 
ATOM   955  C CB  . ASP A 1 116 ? 16.087  8.449   -8.224  1.00 35.02 ? 1094 ASP A CB  1 
ATOM   956  C CG  . ASP A 1 116 ? 17.592  8.572   -8.380  1.00 39.77 ? 1094 ASP A CG  1 
ATOM   957  O OD1 . ASP A 1 116 ? 18.346  8.112   -7.494  1.00 44.39 ? 1094 ASP A OD1 1 
ATOM   958  O OD2 . ASP A 1 116 ? 18.033  9.117   -9.403  1.00 40.36 ? 1094 ASP A OD2 1 
ATOM   959  N N   . GLU A 1 117 ? 17.085  5.852   -6.265  1.00 33.00 ? 1095 GLU A N   1 
ATOM   960  C CA  . GLU A 1 117 ? 17.521  5.430   -4.937  1.00 37.80 ? 1095 GLU A CA  1 
ATOM   961  C C   . GLU A 1 117 ? 18.089  6.597   -4.136  1.00 37.08 ? 1095 GLU A C   1 
ATOM   962  O O   . GLU A 1 117 ? 17.990  6.613   -2.902  1.00 34.99 ? 1095 GLU A O   1 
ATOM   963  C CB  . GLU A 1 117 ? 18.558  4.303   -5.050  1.00 38.65 ? 1095 GLU A CB  1 
ATOM   964  C CG  . GLU A 1 117 ? 19.852  4.704   -5.743  1.00 53.28 ? 1095 GLU A CG  1 
ATOM   965  C CD  . GLU A 1 117 ? 20.850  3.556   -5.875  1.00 70.10 ? 1095 GLU A CD  1 
ATOM   966  O OE1 . GLU A 1 117 ? 22.014  3.821   -6.258  1.00 69.92 ? 1095 GLU A OE1 1 
ATOM   967  O OE2 . GLU A 1 117 ? 20.474  2.395   -5.593  1.00 72.28 ? 1095 GLU A OE2 1 
ATOM   968  N N   . ASP A 1 118 ? 18.680  7.585   -4.818  1.00 34.36 ? 1096 ASP A N   1 
ATOM   969  C CA  . ASP A 1 118 ? 19.170  8.769   -4.113  1.00 34.23 ? 1096 ASP A CA  1 
ATOM   970  C C   . ASP A 1 118 ? 18.024  9.639   -3.612  1.00 33.26 ? 1096 ASP A C   1 
ATOM   971  O O   . ASP A 1 118 ? 18.161  10.320  -2.585  1.00 31.34 ? 1096 ASP A O   1 
ATOM   972  C CB  . ASP A 1 118 ? 20.096  9.578   -5.031  1.00 33.82 ? 1096 ASP A CB  1 
ATOM   973  C CG  . ASP A 1 118 ? 21.429  8.878   -5.274  1.00 43.84 ? 1096 ASP A CG  1 
ATOM   974  O OD1 . ASP A 1 118 ? 21.837  8.071   -4.412  1.00 43.72 ? 1096 ASP A OD1 1 
ATOM   975  O OD2 . ASP A 1 118 ? 22.058  9.131   -6.324  1.00 49.84 ? 1096 ASP A OD2 1 
ATOM   976  N N   . PHE A 1 119 ? 16.887  9.636   -4.316  1.00 31.18 ? 1097 PHE A N   1 
ATOM   977  C CA  . PHE A 1 119 ? 15.723  10.357  -3.810  1.00 30.57 ? 1097 PHE A CA  1 
ATOM   978  C C   . PHE A 1 119 ? 15.183  9.692   -2.544  1.00 29.84 ? 1097 PHE A C   1 
ATOM   979  O O   . PHE A 1 119 ? 14.875  10.375  -1.562  1.00 32.72 ? 1097 PHE A O   1 
ATOM   980  C CB  . PHE A 1 119 ? 14.627  10.460  -4.883  1.00 30.48 ? 1097 PHE A CB  1 
ATOM   981  C CG  . PHE A 1 119 ? 13.398  11.205  -4.409  1.00 32.06 ? 1097 PHE A CG  1 
ATOM   982  C CD1 . PHE A 1 119 ? 13.317  12.588  -4.525  1.00 30.39 ? 1097 PHE A CD1 1 
ATOM   983  C CD2 . PHE A 1 119 ? 12.345  10.521  -3.808  1.00 32.93 ? 1097 PHE A CD2 1 
ATOM   984  C CE1 . PHE A 1 119 ? 12.201  13.273  -4.074  1.00 32.57 ? 1097 PHE A CE1 1 
ATOM   985  C CE2 . PHE A 1 119 ? 11.229  11.191  -3.343  1.00 30.85 ? 1097 PHE A CE2 1 
ATOM   986  C CZ  . PHE A 1 119 ? 11.151  12.579  -3.482  1.00 29.64 ? 1097 PHE A CZ  1 
ATOM   987  N N   . GLU A 1 120 ? 15.055  8.359   -2.544  1.00 32.75 ? 1098 GLU A N   1 
ATOM   988  C CA  A GLU A 1 120 ? 14.575  7.704   -1.331  0.55 33.46 ? 1098 GLU A CA  1 
ATOM   989  C CA  B GLU A 1 120 ? 14.608  7.647   -1.350  0.45 33.53 ? 1098 GLU A CA  1 
ATOM   990  C C   . GLU A 1 120 ? 15.549  7.908   -0.180  1.00 34.32 ? 1098 GLU A C   1 
ATOM   991  O O   . GLU A 1 120 ? 15.117  8.133   0.953   1.00 34.28 ? 1098 GLU A O   1 
ATOM   992  C CB  A GLU A 1 120 ? 14.314  6.210   -1.556  0.55 37.62 ? 1098 GLU A CB  1 
ATOM   993  C CB  B GLU A 1 120 ? 14.523  6.145   -1.655  0.45 37.12 ? 1098 GLU A CB  1 
ATOM   994  C CG  A GLU A 1 120 ? 14.177  5.340   -0.249  0.55 37.94 ? 1098 GLU A CG  1 
ATOM   995  C CG  B GLU A 1 120 ? 14.040  5.281   -0.489  0.45 38.00 ? 1098 GLU A CG  1 
ATOM   996  C CD  A GLU A 1 120 ? 13.009  5.700   0.719   0.55 41.23 ? 1098 GLU A CD  1 
ATOM   997  C CD  B GLU A 1 120 ? 13.868  3.808   -0.855  0.45 41.48 ? 1098 GLU A CD  1 
ATOM   998  O OE1 A GLU A 1 120 ? 12.482  6.835   0.699   0.55 39.04 ? 1098 GLU A OE1 1 
ATOM   999  O OE1 B GLU A 1 120 ? 13.958  3.460   -2.050  0.45 39.34 ? 1098 GLU A OE1 1 
ATOM   1000 O OE2 A GLU A 1 120 ? 12.621  4.821   1.542   0.55 42.24 ? 1098 GLU A OE2 1 
ATOM   1001 O OE2 B GLU A 1 120 ? 13.633  2.997   0.065   0.45 44.70 ? 1098 GLU A OE2 1 
ATOM   1002 N N   . GLN A 1 121 ? 16.861  7.879   -0.450  1.00 33.57 ? 1099 GLN A N   1 
ATOM   1003 C CA  . GLN A 1 121 ? 17.843  8.097   0.614   1.00 37.21 ? 1099 GLN A CA  1 
ATOM   1004 C C   . GLN A 1 121 ? 17.725  9.502   1.205   1.00 35.02 ? 1099 GLN A C   1 
ATOM   1005 O O   . GLN A 1 121 ? 17.797  9.680   2.429   1.00 35.82 ? 1099 GLN A O   1 
ATOM   1006 C CB  . GLN A 1 121 ? 19.252  7.850   0.073   1.00 36.10 ? 1099 GLN A CB  1 
ATOM   1007 C CG  . GLN A 1 121 ? 20.357  7.925   1.137   1.00 39.83 ? 1099 GLN A CG  1 
ATOM   1008 C CD  . GLN A 1 121 ? 20.187  6.879   2.214   1.00 45.98 ? 1099 GLN A CD  1 
ATOM   1009 O OE1 . GLN A 1 121 ? 19.718  5.775   1.946   1.00 49.24 ? 1099 GLN A OE1 1 
ATOM   1010 N NE2 . GLN A 1 121 ? 20.564  7.216   3.441   1.00 43.75 ? 1099 GLN A NE2 1 
ATOM   1011 N N   . LEU A 1 122 ? 17.543  10.512  0.349   1.00 30.90 ? 1100 LEU A N   1 
ATOM   1012 C CA  . LEU A 1 122 ? 17.308  11.873  0.830   1.00 32.98 ? 1100 LEU A CA  1 
ATOM   1013 C C   . LEU A 1 122 ? 16.109  11.931  1.766   1.00 36.05 ? 1100 LEU A C   1 
ATOM   1014 O O   . LEU A 1 122 ? 16.195  12.499  2.865   1.00 35.21 ? 1100 LEU A O   1 
ATOM   1015 C CB  . LEU A 1 122 ? 17.116  12.832  -0.355  1.00 33.34 ? 1100 LEU A CB  1 
ATOM   1016 C CG  . LEU A 1 122 ? 16.753  14.264  0.049   1.00 33.19 ? 1100 LEU A CG  1 
ATOM   1017 C CD1 . LEU A 1 122 ? 17.835  14.850  0.979   1.00 38.95 ? 1100 LEU A CD1 1 
ATOM   1018 C CD2 . LEU A 1 122 ? 16.534  15.169  -1.171  1.00 33.60 ? 1100 LEU A CD2 1 
ATOM   1019 N N   . CYS A 1 123 ? 14.970  11.351  1.347   1.00 31.58 ? 1101 CYS A N   1 
ATOM   1020 C CA  . CYS A 1 123 ? 13.793  11.324  2.221   1.00 32.98 ? 1101 CYS A CA  1 
ATOM   1021 C C   . CYS A 1 123 ? 14.130  10.698  3.570   1.00 35.59 ? 1101 CYS A C   1 
ATOM   1022 O O   . CYS A 1 123 ? 13.721  11.207  4.623   1.00 36.65 ? 1101 CYS A O   1 
ATOM   1023 C CB  . CYS A 1 123 ? 12.647  10.550  1.554   1.00 30.78 ? 1101 CYS A CB  1 
ATOM   1024 S SG  . CYS A 1 123 ? 11.900  11.387  0.141   1.00 33.78 ? 1101 CYS A SG  1 
ATOM   1025 N N   . GLU A 1 124 ? 14.875  9.590   3.553   1.00 35.36 ? 1102 GLU A N   1 
ATOM   1026 C CA  . GLU A 1 124 ? 15.273  8.931   4.796   1.00 42.51 ? 1102 GLU A CA  1 
ATOM   1027 C C   . GLU A 1 124 ? 16.094  9.871   5.672   1.00 45.91 ? 1102 GLU A C   1 
ATOM   1028 O O   . GLU A 1 124 ? 15.824  10.028  6.872   1.00 44.13 ? 1102 GLU A O   1 
ATOM   1029 C CB  . GLU A 1 124 ? 16.080  7.673   4.481   1.00 40.21 ? 1102 GLU A CB  1 
ATOM   1030 C CG  . GLU A 1 124 ? 15.279  6.496   3.974   1.00 48.92 ? 1102 GLU A CG  1 
ATOM   1031 C CD  . GLU A 1 124 ? 14.604  5.741   5.099   1.00 61.86 ? 1102 GLU A CD  1 
ATOM   1032 O OE1 . GLU A 1 124 ? 14.995  5.947   6.276   1.00 59.37 ? 1102 GLU A OE1 1 
ATOM   1033 O OE2 . GLU A 1 124 ? 13.684  4.946   4.807   1.00 62.20 ? 1102 GLU A OE2 1 
ATOM   1034 N N   . GLU A 1 125 ? 17.105  10.509  5.080   1.00 40.35 ? 1103 GLU A N   1 
ATOM   1035 C CA  . GLU A 1 125 ? 18.014  11.330  5.870   1.00 46.97 ? 1103 GLU A CA  1 
ATOM   1036 C C   . GLU A 1 125 ? 17.324  12.578  6.405   1.00 42.53 ? 1103 GLU A C   1 
ATOM   1037 O O   . GLU A 1 125 ? 17.591  12.980  7.543   1.00 46.78 ? 1103 GLU A O   1 
ATOM   1038 C CB  . GLU A 1 125 ? 19.270  11.655  5.052   1.00 39.05 ? 1103 GLU A CB  1 
ATOM   1039 C CG  . GLU A 1 125 ? 20.166  10.413  4.904   1.00 40.22 ? 1103 GLU A CG  1 
ATOM   1040 C CD  . GLU A 1 125 ? 21.434  10.627  4.097   1.00 42.45 ? 1103 GLU A CD  1 
ATOM   1041 O OE1 . GLU A 1 125 ? 21.810  11.794  3.874   1.00 41.53 ? 1103 GLU A OE1 1 
ATOM   1042 O OE2 . GLU A 1 125 ? 22.076  9.618   3.699   1.00 38.66 ? 1103 GLU A OE2 1 
ATOM   1043 N N   . ILE A 1 126 ? 16.401  13.176  5.647   1.00 40.17 ? 1104 ILE A N   1 
ATOM   1044 C CA  . ILE A 1 126 ? 15.603  14.264  6.203   1.00 41.94 ? 1104 ILE A CA  1 
ATOM   1045 C C   . ILE A 1 126 ? 14.809  13.767  7.405   1.00 54.49 ? 1104 ILE A C   1 
ATOM   1046 O O   . ILE A 1 126 ? 14.785  14.401  8.468   1.00 54.34 ? 1104 ILE A O   1 
ATOM   1047 C CB  . ILE A 1 126 ? 14.667  14.866  5.142   1.00 42.01 ? 1104 ILE A CB  1 
ATOM   1048 C CG1 . ILE A 1 126 ? 15.443  15.451  3.960   1.00 40.13 ? 1104 ILE A CG1 1 
ATOM   1049 C CG2 . ILE A 1 126 ? 13.812  15.951  5.772   1.00 43.26 ? 1104 ILE A CG2 1 
ATOM   1050 C CD1 . ILE A 1 126 ? 14.534  15.946  2.856   1.00 40.88 ? 1104 ILE A CD1 1 
ATOM   1051 N N   . GLN A 1 127 ? 14.148  12.613  7.250   1.00 50.26 ? 1105 GLN A N   1 
ATOM   1052 C CA  . GLN A 1 127 ? 13.294  12.086  8.310   1.00 54.36 ? 1105 GLN A CA  1 
ATOM   1053 C C   . GLN A 1 127 ? 14.100  11.756  9.563   1.00 53.43 ? 1105 GLN A C   1 
ATOM   1054 O O   . GLN A 1 127 ? 13.670  12.062  10.680  1.00 60.34 ? 1105 GLN A O   1 
ATOM   1055 C CB  . GLN A 1 127 ? 12.544  10.853  7.797   1.00 49.74 ? 1105 GLN A CB  1 
ATOM   1056 C CG  . GLN A 1 127 ? 11.515  10.275  8.753   1.00 55.71 ? 1105 GLN A CG  1 
ATOM   1057 C CD  . GLN A 1 127 ? 11.355  8.772   8.586   1.00 58.44 ? 1105 GLN A CD  1 
ATOM   1058 O OE1 . GLN A 1 127 ? 12.339  8.029   8.544   1.00 66.97 ? 1105 GLN A OE1 1 
ATOM   1059 N NE2 . GLN A 1 127 ? 10.108  8.319   8.455   1.00 58.00 ? 1105 GLN A NE2 1 
ATOM   1060 N N   . GLU A 1 128 ? 15.275  11.140  9.398   1.00 56.48 ? 1106 GLU A N   1 
ATOM   1061 C CA  . GLU A 1 128 ? 16.120  10.809  10.544  1.00 58.92 ? 1106 GLU A CA  1 
ATOM   1062 C C   . GLU A 1 128 ? 16.589  12.042  11.306  1.00 66.83 ? 1106 GLU A C   1 
ATOM   1063 O O   . GLU A 1 128 ? 16.966  11.923  12.477  1.00 65.04 ? 1106 GLU A O   1 
ATOM   1064 C CB  . GLU A 1 128 ? 17.345  10.009  10.099  1.00 56.44 ? 1106 GLU A CB  1 
ATOM   1065 C CG  . GLU A 1 128 ? 17.035  8.656   9.487   1.00 64.64 ? 1106 GLU A CG  1 
ATOM   1066 C CD  . GLU A 1 128 ? 18.230  8.062   8.764   1.00 68.28 ? 1106 GLU A CD  1 
ATOM   1067 O OE1 . GLU A 1 128 ? 18.076  6.987   8.140   1.00 76.52 ? 1106 GLU A OE1 1 
ATOM   1068 O OE2 . GLU A 1 128 ? 19.322  8.670   8.809   1.00 71.73 ? 1106 GLU A OE2 1 
ATOM   1069 N N   . SER A 1 129 ? 16.596  13.212  10.667  1.00 66.57 ? 1107 SER A N   1 
ATOM   1070 C CA  . SER A 1 129 ? 16.993  14.463  11.301  1.00 67.66 ? 1107 SER A CA  1 
ATOM   1071 C C   . SER A 1 129 ? 15.833  15.167  12.000  1.00 70.74 ? 1107 SER A C   1 
ATOM   1072 O O   . SER A 1 129 ? 16.014  16.283  12.500  1.00 70.26 ? 1107 SER A O   1 
ATOM   1073 C CB  . SER A 1 129 ? 17.616  15.403  10.265  1.00 63.61 ? 1107 SER A CB  1 
ATOM   1074 O OG  . SER A 1 129 ? 16.614  15.995  9.451   1.00 63.57 ? 1107 SER A OG  1 
ATOM   1075 N N   . ARG A 1 130 ? 14.655  14.549  12.039  1.00 73.69 ? 1108 ARG A N   1 
ATOM   1076 C CA  . ARG A 1 130 ? 13.485  15.147  12.679  1.00 74.96 ? 1108 ARG A CA  1 
ATOM   1077 C C   . ARG A 1 130 ? 13.084  14.361  13.928  1.00 82.29 ? 1108 ARG A C   1 
ATOM   1078 O O   . ARG A 1 130 ? 13.325  13.155  14.030  1.00 81.76 ? 1108 ARG A O   1 
ATOM   1079 C CB  . ARG A 1 130 ? 12.308  15.220  11.699  1.00 68.25 ? 1108 ARG A CB  1 
ATOM   1080 C CG  . ARG A 1 130 ? 12.620  15.975  10.411  1.00 71.46 ? 1108 ARG A CG  1 
ATOM   1081 C CD  . ARG A 1 130 ? 11.356  16.452  9.693   1.00 66.76 ? 1108 ARG A CD  1 
ATOM   1082 N NE  . ARG A 1 130 ? 11.661  17.526  8.747   1.00 66.38 ? 1108 ARG A NE  1 
ATOM   1083 C CZ  . ARG A 1 130 ? 10.767  18.105  7.949   1.00 64.26 ? 1108 ARG A CZ  1 
ATOM   1084 N NH1 . ARG A 1 130 ? 11.144  19.075  7.120   1.00 63.41 ? 1108 ARG A NH1 1 
ATOM   1085 N NH2 . ARG A 1 130 ? 9.500   17.711  7.970   1.00 70.36 ? 1108 ARG A NH2 1 
ATOM   1086 O OXT . ARG A 1 130 ? 12.507  14.921  14.863  1.00 83.49 ? 1108 ARG A OXT 1 
HETATM 1087 N N   . BQW B 2 .   ? -12.926 -15.607 1.982   1.00 41.47 ? 1201 BQW A N   1 
HETATM 1088 C CA  . BQW B 2 .   ? -13.725 -15.155 0.842   1.00 44.65 ? 1201 BQW A CA  1 
HETATM 1089 C C   . BQW B 2 .   ? -13.667 -13.625 0.698   1.00 47.86 ? 1201 BQW A C   1 
HETATM 1090 O O   . BQW B 2 .   ? -14.625 -13.019 0.216   1.00 46.35 ? 1201 BQW A O   1 
HETATM 1091 C CB  . BQW B 2 .   ? -13.148 -15.800 -0.425  1.00 47.31 ? 1201 BQW A CB  1 
HETATM 1092 C CAA . BQW B 2 .   ? -9.911  -7.678  1.367   1.00 38.69 ? 1201 BQW A CAA 1 
HETATM 1093 C CAG . BQW B 2 .   ? -12.113 -9.249  0.740   1.00 40.05 ? 1201 BQW A CAG 1 
HETATM 1094 C CAL . BQW B 2 .   ? -13.277 -15.419 3.261   1.00 43.63 ? 1201 BQW A CAL 1 
HETATM 1095 C CAM . BQW B 2 .   ? -9.933  -9.186  1.670   1.00 40.68 ? 1201 BQW A CAM 1 
HETATM 1096 C CAO . BQW B 2 .   ? -11.037 -9.852  1.290   1.00 44.61 ? 1201 BQW A CAO 1 
HETATM 1097 C CAP . BQW B 2 .   ? -12.282 -11.739 1.036   1.00 40.72 ? 1201 BQW A CAP 1 
HETATM 1098 N NAC . BQW B 2 .   ? -14.425 -14.790 3.560   1.00 48.36 ? 1201 BQW A NAC 1 
HETATM 1099 N NAD . BQW B 2 .   ? -12.472 -15.858 4.239   1.00 46.30 ? 1201 BQW A NAD 1 
HETATM 1100 N NAH . BQW B 2 .   ? -11.126 -11.193 1.445   1.00 39.62 ? 1201 BQW A NAH 1 
HETATM 1101 N NAI . BQW B 2 .   ? -12.510 -13.063 1.116   1.00 43.52 ? 1201 BQW A NAI 1 
HETATM 1102 O OAE . BQW B 2 .   ? -8.980  -9.754  2.217   1.00 37.04 ? 1201 BQW A OAE 1 
HETATM 1103 S SAK . BQW B 2 .   ? -13.267 -10.516 0.438   1.00 47.64 ? 1201 BQW A SAK 1 
HETATM 1104 N N   . BQW C 2 .   ? 5.737   -14.213 -9.301  0.77 53.89 ? 1202 BQW A N   1 
HETATM 1105 C CA  . BQW C 2 .   ? 5.738   -13.420 -8.060  0.77 53.37 ? 1202 BQW A CA  1 
HETATM 1106 C C   . BQW C 2 .   ? 5.533   -14.345 -6.860  0.77 56.19 ? 1202 BQW A C   1 
HETATM 1107 O O   . BQW C 2 .   ? 5.885   -15.519 -6.953  0.77 58.19 ? 1202 BQW A O   1 
HETATM 1108 C CB  . BQW C 2 .   ? 7.071   -12.678 -7.907  0.77 50.87 ? 1202 BQW A CB  1 
HETATM 1109 C CAA . BQW C 2 .   ? 4.252   -13.108 -0.753  0.77 64.31 ? 1202 BQW A CAA 1 
HETATM 1110 C CAG . BQW C 2 .   ? 4.371   -16.092 -2.804  0.77 60.01 ? 1202 BQW A CAG 1 
HETATM 1111 C CAL . BQW C 2 .   ? 4.643   -14.784 -9.845  0.77 57.52 ? 1202 BQW A CAL 1 
HETATM 1112 C CAM . BQW C 2 .   ? 3.755   -14.460 -1.269  0.77 61.15 ? 1202 BQW A CAM 1 
HETATM 1113 C CAO . BQW C 2 .   ? 4.143   -14.809 -2.495  0.77 61.41 ? 1202 BQW A CAO 1 
HETATM 1114 C CAP . BQW C 2 .   ? 4.722   -14.457 -4.645  0.77 57.37 ? 1202 BQW A CAP 1 
HETATM 1115 N NAC . BQW C 2 .   ? 4.753   -15.490 -10.976 0.77 58.83 ? 1202 BQW A NAC 1 
HETATM 1116 N NAD . BQW C 2 .   ? 3.442   -14.653 -9.265  0.77 49.56 ? 1202 BQW A NAD 1 
HETATM 1117 N NAH . BQW C 2 .   ? 4.327   -13.907 -3.490  0.77 58.28 ? 1202 BQW A NAH 1 
HETATM 1118 N NAI . BQW C 2 .   ? 4.963   -13.759 -5.772  0.77 49.44 ? 1202 BQW A NAI 1 
HETATM 1119 O OAE . BQW C 2 .   ? 3.022   -15.180 -0.592  0.77 58.18 ? 1202 BQW A OAE 1 
HETATM 1120 S SAK . BQW C 2 .   ? 4.838   -16.121 -4.396  0.77 61.22 ? 1202 BQW A SAK 1 
HETATM 1121 S S   . SO4 D 3 .   ? 0.477   18.278  -2.289  1.00 45.77 ? 1203 SO4 A S   1 
HETATM 1122 O O1  . SO4 D 3 .   ? 1.182   19.118  -1.320  1.00 42.75 ? 1203 SO4 A O1  1 
HETATM 1123 O O2  . SO4 D 3 .   ? 0.713   18.775  -3.645  1.00 51.34 ? 1203 SO4 A O2  1 
HETATM 1124 O O3  . SO4 D 3 .   ? 0.983   16.911  -2.173  1.00 43.05 ? 1203 SO4 A O3  1 
HETATM 1125 O O4  . SO4 D 3 .   ? -0.959  18.308  -2.020  1.00 40.87 ? 1203 SO4 A O4  1 
HETATM 1126 O O   . HOH E 4 .   ? 7.408   0.227   3.656   1.00 61.89 ? 1301 HOH A O   1 
HETATM 1127 O O   . HOH E 4 .   ? 10.950  -1.968  1.533   1.00 67.76 ? 1302 HOH A O   1 
HETATM 1128 O O   . HOH E 4 .   ? 7.629   -16.603 -8.226  1.00 65.07 ? 1303 HOH A O   1 
HETATM 1129 O O   . HOH E 4 .   ? -7.638  -8.205  3.919   1.00 36.52 ? 1304 HOH A O   1 
HETATM 1130 O O   . HOH E 4 .   ? -8.975  -19.589 -7.014  1.00 39.87 ? 1305 HOH A O   1 
HETATM 1131 O O   . HOH E 4 .   ? 19.654  12.813  8.911   1.00 54.91 ? 1306 HOH A O   1 
HETATM 1132 O O   . HOH E 4 .   ? -6.975  -4.823  5.366   1.00 38.27 ? 1307 HOH A O   1 
HETATM 1133 O O   . HOH E 4 .   ? -1.548  -8.505  8.598   1.00 41.20 ? 1308 HOH A O   1 
HETATM 1134 O O   . HOH E 4 .   ? -5.711  -6.196  -14.619 1.00 51.49 ? 1309 HOH A O   1 
HETATM 1135 O O   . HOH E 4 .   ? -9.305  -0.681  5.299   1.00 50.61 ? 1310 HOH A O   1 
HETATM 1136 O O   . HOH E 4 .   ? -7.421  12.483  0.650   1.00 43.22 ? 1311 HOH A O   1 
HETATM 1137 O O   . HOH E 4 .   ? 10.634  22.704  6.873   1.00 60.51 ? 1312 HOH A O   1 
HETATM 1138 O O   . HOH E 4 .   ? -7.984  -3.199  16.041  1.00 51.95 ? 1313 HOH A O   1 
HETATM 1139 O O   . HOH E 4 .   ? -5.065  -16.749 9.243   1.00 51.68 ? 1314 HOH A O   1 
HETATM 1140 O O   . HOH E 4 .   ? -9.419  -1.821  -9.227  1.00 37.92 ? 1315 HOH A O   1 
HETATM 1141 O O   . HOH E 4 .   ? -2.576  0.221   -13.753 1.00 44.78 ? 1316 HOH A O   1 
HETATM 1142 O O   . HOH E 4 .   ? 1.252   -6.212  -12.399 1.00 48.81 ? 1317 HOH A O   1 
HETATM 1143 O O   . HOH E 4 .   ? 1.386   -9.008  -11.996 1.00 56.06 ? 1318 HOH A O   1 
HETATM 1144 O O   . HOH E 4 .   ? 10.558  7.739   -12.626 1.00 44.62 ? 1319 HOH A O   1 
HETATM 1145 O O   . HOH E 4 .   ? 13.736  13.767  -8.107  1.00 39.99 ? 1320 HOH A O   1 
HETATM 1146 O O   . HOH E 4 .   ? -12.177 -6.983  -10.689 1.00 49.52 ? 1321 HOH A O   1 
HETATM 1147 O O   . HOH E 4 .   ? 11.357  5.110   6.890   1.00 54.10 ? 1322 HOH A O   1 
HETATM 1148 O O   . HOH E 4 .   ? -7.445  -4.271  1.534   1.00 35.18 ? 1323 HOH A O   1 
HETATM 1149 O O   . HOH E 4 .   ? 23.556  8.347   5.583   1.00 49.37 ? 1324 HOH A O   1 
HETATM 1150 O O   . HOH E 4 .   ? 0.488   12.261  -8.577  1.00 30.64 ? 1325 HOH A O   1 
HETATM 1151 O O   . HOH E 4 .   ? 3.480   -3.985  7.146   1.00 36.14 ? 1326 HOH A O   1 
HETATM 1152 O O   . HOH E 4 .   ? 20.682  9.532   -8.851  1.00 48.26 ? 1327 HOH A O   1 
HETATM 1153 O O   . HOH E 4 .   ? -3.842  -6.551  10.778  1.00 37.53 ? 1328 HOH A O   1 
HETATM 1154 O O   . HOH E 4 .   ? 8.188   -7.156  -7.292  1.00 40.57 ? 1329 HOH A O   1 
HETATM 1155 O O   . HOH E 4 .   ? 14.980  2.023   -7.224  1.00 48.15 ? 1330 HOH A O   1 
HETATM 1156 O O   . HOH E 4 .   ? 2.389   -12.356 -8.115  1.00 47.35 ? 1331 HOH A O   1 
HETATM 1157 O O   . HOH E 4 .   ? 3.180   -8.493  3.202   1.00 44.20 ? 1332 HOH A O   1 
HETATM 1158 O O   . HOH E 4 .   ? 18.167  4.527   -8.467  1.00 50.10 ? 1333 HOH A O   1 
HETATM 1159 O O   . HOH E 4 .   ? -10.081 -7.822  -7.018  1.00 35.58 ? 1334 HOH A O   1 
HETATM 1160 O O   . HOH E 4 .   ? -3.851  -12.063 -9.783  1.00 40.85 ? 1335 HOH A O   1 
HETATM 1161 O O   . HOH E 4 .   ? 17.898  4.293   -1.329  1.00 50.05 ? 1336 HOH A O   1 
HETATM 1162 O O   . HOH E 4 .   ? 5.866   18.906  2.078   1.00 47.26 ? 1337 HOH A O   1 
HETATM 1163 O O   . HOH E 4 .   ? -6.167  -6.372  2.721   1.00 35.80 ? 1338 HOH A O   1 
HETATM 1164 O O   . HOH E 4 .   ? -4.580  -8.518  12.336  1.00 46.42 ? 1339 HOH A O   1 
HETATM 1165 O O   . HOH E 4 .   ? -13.683 -16.107 6.834   1.00 55.90 ? 1340 HOH A O   1 
HETATM 1166 O O   . HOH E 4 .   ? 11.032  -3.473  -11.402 1.00 49.30 ? 1341 HOH A O   1 
HETATM 1167 O O   . HOH E 4 .   ? 2.573   -6.447  6.960   1.00 41.46 ? 1342 HOH A O   1 
HETATM 1168 O O   . HOH E 4 .   ? -10.326 2.294   -8.634  1.00 50.15 ? 1343 HOH A O   1 
HETATM 1169 O O   . HOH E 4 .   ? 10.854  14.499  -10.648 1.00 31.80 ? 1344 HOH A O   1 
HETATM 1170 O O   . HOH E 4 .   ? -13.363 -12.266 -9.392  1.00 56.17 ? 1345 HOH A O   1 
HETATM 1171 O O   . HOH E 4 .   ? -9.213  8.171   -0.454  1.00 45.09 ? 1346 HOH A O   1 
HETATM 1172 O O   . HOH E 4 .   ? -6.655  12.721  3.493   1.00 40.67 ? 1347 HOH A O   1 
HETATM 1173 O O   . HOH E 4 .   ? 14.629  1.594   -14.380 1.00 46.81 ? 1348 HOH A O   1 
HETATM 1174 O O   . HOH E 4 .   ? 10.879  26.223  -3.151  1.00 71.91 ? 1349 HOH A O   1 
HETATM 1175 O O   . HOH E 4 .   ? -7.301  -3.404  -15.275 1.00 45.79 ? 1350 HOH A O   1 
HETATM 1176 O O   . HOH E 4 .   ? -0.119  -12.826 6.498   1.00 47.55 ? 1351 HOH A O   1 
HETATM 1177 O O   . HOH E 4 .   ? 3.322   3.005   7.505   1.00 48.71 ? 1352 HOH A O   1 
HETATM 1178 O O   . HOH E 4 .   ? -1.379  -2.129  -11.559 1.00 38.65 ? 1353 HOH A O   1 
HETATM 1179 O O   . HOH E 4 .   ? -1.940  -11.561 -11.483 1.00 44.26 ? 1354 HOH A O   1 
HETATM 1180 O O   . HOH E 4 .   ? 14.350  18.702  9.108   1.00 59.69 ? 1355 HOH A O   1 
HETATM 1181 O O   . HOH E 4 .   ? -7.619  -25.556 3.527   1.00 47.60 ? 1356 HOH A O   1 
HETATM 1182 O O   . HOH E 4 .   ? 16.169  10.364  -11.235 1.00 47.15 ? 1357 HOH A O   1 
HETATM 1183 O O   . HOH E 4 .   ? 6.507   21.664  -4.909  0.50 49.71 ? 1358 HOH A O   1 
HETATM 1184 O O   . HOH E 4 .   ? 21.832  6.674   -1.852  1.00 52.34 ? 1359 HOH A O   1 
HETATM 1185 O O   . HOH E 4 .   ? 0.524   -13.554 -7.446  1.00 44.44 ? 1360 HOH A O   1 
HETATM 1186 O O   . HOH E 4 .   ? -18.346 -6.522  10.695  1.00 72.10 ? 1361 HOH A O   1 
HETATM 1187 O O   . HOH E 4 .   ? 4.655   -10.546 -2.588  1.00 54.72 ? 1362 HOH A O   1 
HETATM 1188 O O   . HOH E 4 .   ? -1.660  -20.142 -2.480  1.00 55.03 ? 1363 HOH A O   1 
HETATM 1189 O O   . HOH E 4 .   ? -8.277  -24.062 -5.033  1.00 38.66 ? 1364 HOH A O   1 
HETATM 1190 O O   . HOH E 4 .   ? -3.610  17.382  1.330   1.00 47.54 ? 1365 HOH A O   1 
HETATM 1191 O O   . HOH E 4 .   ? -9.923  -4.202  1.178   1.00 46.45 ? 1366 HOH A O   1 
HETATM 1192 O O   . HOH E 4 .   ? 2.442   11.513  2.851   1.00 32.33 ? 1367 HOH A O   1 
HETATM 1193 O O   . HOH E 4 .   ? 22.200  8.647   8.069   1.00 59.75 ? 1368 HOH A O   1 
HETATM 1194 O O   . HOH E 4 .   ? -2.995  4.078   9.698   1.00 47.01 ? 1369 HOH A O   1 
HETATM 1195 O O   . HOH E 4 .   ? 0.658   1.232   -14.460 1.00 51.67 ? 1370 HOH A O   1 
HETATM 1196 O O   . HOH E 4 .   ? 15.641  25.315  1.612   1.00 65.71 ? 1371 HOH A O   1 
HETATM 1197 O O   . HOH E 4 .   ? -8.959  3.202   -4.288  1.00 48.61 ? 1372 HOH A O   1 
HETATM 1198 O O   . HOH E 4 .   ? 4.457   13.954  3.332   1.00 36.96 ? 1373 HOH A O   1 
HETATM 1199 O O   . HOH E 4 .   ? -13.943 -3.891  0.000   1.00 53.56 ? 1374 HOH A O   1 
HETATM 1200 O O   . HOH E 4 .   ? 4.120   21.005  1.188   1.00 61.13 ? 1375 HOH A O   1 
HETATM 1201 O O   . HOH E 4 .   ? -6.990  -0.333  13.606  1.00 52.89 ? 1376 HOH A O   1 
HETATM 1202 O O   . HOH E 4 .   ? -13.866 -10.847 -7.583  1.00 57.37 ? 1377 HOH A O   1 
HETATM 1203 O O   . HOH E 4 .   ? -12.140 -27.983 -5.117  1.00 51.25 ? 1378 HOH A O   1 
HETATM 1204 O O   . HOH E 4 .   ? -1.673  -5.459  12.069  1.00 48.82 ? 1379 HOH A O   1 
HETATM 1205 O O   . HOH E 4 .   ? -13.604 -19.400 2.828   1.00 63.79 ? 1380 HOH A O   1 
HETATM 1206 O O   . HOH E 4 .   ? -10.137 -3.027  5.017   1.00 55.71 ? 1381 HOH A O   1 
HETATM 1207 O O   . HOH E 4 .   ? 5.282   16.138  4.898   1.00 43.22 ? 1382 HOH A O   1 
HETATM 1208 O O   . HOH E 4 .   ? 6.068   -4.675  6.794   1.00 50.86 ? 1383 HOH A O   1 
HETATM 1209 O O   . HOH E 4 .   ? -1.631  10.616  -9.328  1.00 34.96 ? 1384 HOH A O   1 
HETATM 1210 O O   . HOH E 4 .   ? -13.656 -12.975 -5.497  1.00 64.39 ? 1385 HOH A O   1 
HETATM 1211 O O   . HOH E 4 .   ? 5.561   10.457  -10.167 1.00 34.90 ? 1386 HOH A O   1 
HETATM 1212 O O   . HOH E 4 .   ? -11.894 -9.008  -12.489 1.00 54.22 ? 1387 HOH A O   1 
HETATM 1213 O O   . HOH E 4 .   ? 4.354   -8.384  5.731   1.00 53.86 ? 1388 HOH A O   1 
HETATM 1214 O O   . HOH E 4 .   ? 0.147   -7.159  10.427  1.00 53.39 ? 1389 HOH A O   1 
HETATM 1215 O O   . HOH E 4 .   ? 2.898   -10.961 2.642   1.00 54.74 ? 1390 HOH A O   1 
HETATM 1216 O O   . HOH E 4 .   ? 1.335   12.426  -11.086 1.00 43.52 ? 1391 HOH A O   1 
HETATM 1217 O O   . HOH E 4 .   ? -11.331 -1.623  -11.172 1.00 51.59 ? 1392 HOH A O   1 
HETATM 1218 O O   . HOH E 4 .   ? -10.570 3.336   -6.217  1.00 58.75 ? 1393 HOH A O   1 
HETATM 1219 O O   . HOH E 4 .   ? 2.052   -12.318 5.358   1.00 49.58 ? 1394 HOH A O   1 
HETATM 1220 O O   . HOH E 4 .   ? -9.585  4.775   -8.780  1.00 62.47 ? 1395 HOH A O   1 
HETATM 1221 O O   . HOH E 4 .   ? 11.296  -5.733  -10.142 1.00 54.78 ? 1396 HOH A O   1 
HETATM 1222 O O   . HOH E 4 .   ? 4.016   -10.859 6.951   1.00 60.86 ? 1397 HOH A O   1 
# 
